data_1FIT
# 
_entry.id   1FIT 
# 
_audit_conform.dict_name       mmcif_pdbx.dic 
_audit_conform.dict_version    5.397 
_audit_conform.dict_location   http://mmcif.pdb.org/dictionaries/ascii/mmcif_pdbx.dic 
# 
loop_
_database_2.database_id 
_database_2.database_code 
_database_2.pdbx_database_accession 
_database_2.pdbx_DOI 
PDB   1FIT         pdb_00001fit 10.2210/pdb1fit/pdb 
WWPDB D_1000173303 ?            ?                   
# 
loop_
_pdbx_audit_revision_history.ordinal 
_pdbx_audit_revision_history.data_content_type 
_pdbx_audit_revision_history.major_revision 
_pdbx_audit_revision_history.minor_revision 
_pdbx_audit_revision_history.revision_date 
1 'Structure model' 1 0 1997-11-19 
2 'Structure model' 1 1 2008-03-24 
3 'Structure model' 1 2 2011-07-13 
4 'Structure model' 1 3 2020-07-29 
5 'Structure model' 1 4 2024-10-30 
# 
loop_
_pdbx_audit_revision_details.ordinal 
_pdbx_audit_revision_details.revision_ordinal 
_pdbx_audit_revision_details.data_content_type 
_pdbx_audit_revision_details.provider 
_pdbx_audit_revision_details.type 
_pdbx_audit_revision_details.description 
_pdbx_audit_revision_details.details 
1 1 'Structure model' repository 'Initial release' ?                          ? 
2 4 'Structure model' repository Remediation       'Carbohydrate remediation' ? 
# 
loop_
_pdbx_audit_revision_group.ordinal 
_pdbx_audit_revision_group.revision_ordinal 
_pdbx_audit_revision_group.data_content_type 
_pdbx_audit_revision_group.group 
1  2 'Structure model' 'Version format compliance' 
2  3 'Structure model' 'Version format compliance' 
3  4 'Structure model' 'Data collection'           
4  4 'Structure model' 'Database references'       
5  4 'Structure model' 'Derived calculations'      
6  4 'Structure model' Other                       
7  4 'Structure model' 'Structure summary'         
8  5 'Structure model' 'Data collection'           
9  5 'Structure model' 'Database references'       
10 5 'Structure model' 'Structure summary'         
# 
loop_
_pdbx_audit_revision_category.ordinal 
_pdbx_audit_revision_category.revision_ordinal 
_pdbx_audit_revision_category.data_content_type 
_pdbx_audit_revision_category.category 
1  4 'Structure model' chem_comp                 
2  4 'Structure model' entity                    
3  4 'Structure model' pdbx_chem_comp_identifier 
4  4 'Structure model' pdbx_database_status      
5  4 'Structure model' pdbx_entity_nonpoly       
6  4 'Structure model' struct_conn               
7  4 'Structure model' struct_ref_seq_dif        
8  4 'Structure model' struct_site               
9  4 'Structure model' struct_site_gen           
10 5 'Structure model' chem_comp                 
11 5 'Structure model' chem_comp_atom            
12 5 'Structure model' chem_comp_bond            
13 5 'Structure model' database_2                
14 5 'Structure model' pdbx_entry_details        
15 5 'Structure model' pdbx_modification_feature 
# 
loop_
_pdbx_audit_revision_item.ordinal 
_pdbx_audit_revision_item.revision_ordinal 
_pdbx_audit_revision_item.data_content_type 
_pdbx_audit_revision_item.item 
1  4 'Structure model' '_chem_comp.name'                     
2  4 'Structure model' '_chem_comp.type'                     
3  4 'Structure model' '_entity.pdbx_description'            
4  4 'Structure model' '_pdbx_database_status.process_site'  
5  4 'Structure model' '_pdbx_entity_nonpoly.name'           
6  4 'Structure model' '_struct_conn.pdbx_leaving_atom_flag' 
7  4 'Structure model' '_struct_conn.ptnr1_auth_comp_id'     
8  4 'Structure model' '_struct_conn.ptnr1_auth_seq_id'      
9  4 'Structure model' '_struct_conn.ptnr1_label_atom_id'    
10 4 'Structure model' '_struct_conn.ptnr1_label_comp_id'    
11 4 'Structure model' '_struct_conn.ptnr1_label_seq_id'     
12 4 'Structure model' '_struct_conn.ptnr2_auth_comp_id'     
13 4 'Structure model' '_struct_conn.ptnr2_auth_seq_id'      
14 4 'Structure model' '_struct_conn.ptnr2_label_atom_id'    
15 4 'Structure model' '_struct_conn.ptnr2_label_comp_id'    
16 4 'Structure model' '_struct_conn.ptnr2_label_seq_id'     
17 4 'Structure model' '_struct_ref_seq_dif.details'         
18 5 'Structure model' '_chem_comp.pdbx_synonyms'            
19 5 'Structure model' '_database_2.pdbx_DOI'                
20 5 'Structure model' '_database_2.pdbx_database_accession' 
# 
_pdbx_database_status.status_code                     REL 
_pdbx_database_status.entry_id                        1FIT 
_pdbx_database_status.recvd_initial_deposition_date   1997-05-17 
_pdbx_database_status.deposit_site                    ? 
_pdbx_database_status.process_site                    BNL 
_pdbx_database_status.SG_entry                        . 
_pdbx_database_status.pdb_format_compatible           Y 
_pdbx_database_status.status_code_mr                  ? 
_pdbx_database_status.status_code_sf                  ? 
_pdbx_database_status.status_code_cs                  ? 
_pdbx_database_status.status_code_nmr_data            ? 
_pdbx_database_status.methods_development_category    ? 
# 
loop_
_audit_author.name 
_audit_author.pdbx_ordinal 
'Lima, C.D.'        1 
;D'Amico, K.L.
;
2 
'Naday, I.'         3 
'Rosenbaum, G.'     4 
'Westbrook, E.M.'   5 
'Hendrickson, W.A.' 6 
# 
_citation.id                        primary 
_citation.title                     'MAD analysis of FHIT, a putative human tumor suppressor from the HIT protein family.' 
_citation.journal_abbrev            Structure 
_citation.journal_volume            5 
_citation.page_first                763 
_citation.page_last                 774 
_citation.year                      1997 
_citation.journal_id_ASTM           STRUE6 
_citation.country                   UK 
_citation.journal_id_ISSN           0969-2126 
_citation.journal_id_CSD            2005 
_citation.book_publisher            ? 
_citation.pdbx_database_id_PubMed   9261067 
_citation.pdbx_database_id_DOI      '10.1016/S0969-2126(97)00231-1' 
# 
loop_
_citation_author.citation_id 
_citation_author.name 
_citation_author.ordinal 
_citation_author.identifier_ORCID 
primary 'Lima, C.D.'        1 ? 
primary 
;D'Amico, K.L.
;
2 ? 
primary 'Naday, I.'         3 ? 
primary 'Rosenbaum, G.'     4 ? 
primary 'Westbrook, E.M.'   5 ? 
primary 'Hendrickson, W.A.' 6 ? 
# 
loop_
_entity.id 
_entity.type 
_entity.src_method 
_entity.pdbx_description 
_entity.formula_weight 
_entity.pdbx_number_of_molecules 
_entity.pdbx_ec 
_entity.pdbx_mutation 
_entity.pdbx_fragment 
_entity.details 
1 polymer     man 'FRAGILE HISTIDINE PROTEIN' 16979.992 1   ? ? ? 'SELENOMETHIONYL FHIT WITH BOUND SULFATE IN ACTIVE SITE' 
2 non-polymer man beta-D-fructofuranose       180.156   1   ? ? ? ?                                                        
3 non-polymer syn 'SULFATE ION'               96.063    2   ? ? ? ?                                                        
4 water       nat water                       18.015    180 ? ? ? ?                                                        
# 
_entity_name_com.entity_id   1 
_entity_name_com.name        'FHIT, FRAGILE HISTIDINE TRIAD PROTEIN' 
# 
_entity_poly.entity_id                      1 
_entity_poly.type                           'polypeptide(L)' 
_entity_poly.nstd_linkage                   no 
_entity_poly.nstd_monomer                   yes 
_entity_poly.pdbx_seq_one_letter_code       
;MSFRFGQHLIKPSVVFLKTELSFALVNRKPVVPGHVLVCPLRPVERFHDLRPDEVADLFQTTQRVGTVVEKHFHGTSLTF
S(MSE)QDGPEAGQTVKHVHVHVLPRKAGDFHRNDSIYEELQKHDKEDFPASWRSEEE(MSE)AAEAAALRVYFQ
;
_entity_poly.pdbx_seq_one_letter_code_can   
;MSFRFGQHLIKPSVVFLKTELSFALVNRKPVVPGHVLVCPLRPVERFHDLRPDEVADLFQTTQRVGTVVEKHFHGTSLTF
SMQDGPEAGQTVKHVHVHVLPRKAGDFHRNDSIYEELQKHDKEDFPASWRSEEEMAAEAAALRVYFQ
;
_entity_poly.pdbx_strand_id                 A 
_entity_poly.pdbx_target_identifier         ? 
# 
loop_
_pdbx_entity_nonpoly.entity_id 
_pdbx_entity_nonpoly.name 
_pdbx_entity_nonpoly.comp_id 
2 beta-D-fructofuranose FRU 
3 'SULFATE ION'         SO4 
4 water                 HOH 
# 
loop_
_entity_poly_seq.entity_id 
_entity_poly_seq.num 
_entity_poly_seq.mon_id 
_entity_poly_seq.hetero 
1 1   MET n 
1 2   SER n 
1 3   PHE n 
1 4   ARG n 
1 5   PHE n 
1 6   GLY n 
1 7   GLN n 
1 8   HIS n 
1 9   LEU n 
1 10  ILE n 
1 11  LYS n 
1 12  PRO n 
1 13  SER n 
1 14  VAL n 
1 15  VAL n 
1 16  PHE n 
1 17  LEU n 
1 18  LYS n 
1 19  THR n 
1 20  GLU n 
1 21  LEU n 
1 22  SER n 
1 23  PHE n 
1 24  ALA n 
1 25  LEU n 
1 26  VAL n 
1 27  ASN n 
1 28  ARG n 
1 29  LYS n 
1 30  PRO n 
1 31  VAL n 
1 32  VAL n 
1 33  PRO n 
1 34  GLY n 
1 35  HIS n 
1 36  VAL n 
1 37  LEU n 
1 38  VAL n 
1 39  CYS n 
1 40  PRO n 
1 41  LEU n 
1 42  ARG n 
1 43  PRO n 
1 44  VAL n 
1 45  GLU n 
1 46  ARG n 
1 47  PHE n 
1 48  HIS n 
1 49  ASP n 
1 50  LEU n 
1 51  ARG n 
1 52  PRO n 
1 53  ASP n 
1 54  GLU n 
1 55  VAL n 
1 56  ALA n 
1 57  ASP n 
1 58  LEU n 
1 59  PHE n 
1 60  GLN n 
1 61  THR n 
1 62  THR n 
1 63  GLN n 
1 64  ARG n 
1 65  VAL n 
1 66  GLY n 
1 67  THR n 
1 68  VAL n 
1 69  VAL n 
1 70  GLU n 
1 71  LYS n 
1 72  HIS n 
1 73  PHE n 
1 74  HIS n 
1 75  GLY n 
1 76  THR n 
1 77  SER n 
1 78  LEU n 
1 79  THR n 
1 80  PHE n 
1 81  SER n 
1 82  MSE n 
1 83  GLN n 
1 84  ASP n 
1 85  GLY n 
1 86  PRO n 
1 87  GLU n 
1 88  ALA n 
1 89  GLY n 
1 90  GLN n 
1 91  THR n 
1 92  VAL n 
1 93  LYS n 
1 94  HIS n 
1 95  VAL n 
1 96  HIS n 
1 97  VAL n 
1 98  HIS n 
1 99  VAL n 
1 100 LEU n 
1 101 PRO n 
1 102 ARG n 
1 103 LYS n 
1 104 ALA n 
1 105 GLY n 
1 106 ASP n 
1 107 PHE n 
1 108 HIS n 
1 109 ARG n 
1 110 ASN n 
1 111 ASP n 
1 112 SER n 
1 113 ILE n 
1 114 TYR n 
1 115 GLU n 
1 116 GLU n 
1 117 LEU n 
1 118 GLN n 
1 119 LYS n 
1 120 HIS n 
1 121 ASP n 
1 122 LYS n 
1 123 GLU n 
1 124 ASP n 
1 125 PHE n 
1 126 PRO n 
1 127 ALA n 
1 128 SER n 
1 129 TRP n 
1 130 ARG n 
1 131 SER n 
1 132 GLU n 
1 133 GLU n 
1 134 GLU n 
1 135 MSE n 
1 136 ALA n 
1 137 ALA n 
1 138 GLU n 
1 139 ALA n 
1 140 ALA n 
1 141 ALA n 
1 142 LEU n 
1 143 ARG n 
1 144 VAL n 
1 145 TYR n 
1 146 PHE n 
1 147 GLN n 
# 
_entity_src_gen.entity_id                          1 
_entity_src_gen.pdbx_src_id                        1 
_entity_src_gen.pdbx_alt_source_flag               sample 
_entity_src_gen.pdbx_seq_type                      ? 
_entity_src_gen.pdbx_beg_seq_num                   ? 
_entity_src_gen.pdbx_end_seq_num                   ? 
_entity_src_gen.gene_src_common_name               human 
_entity_src_gen.gene_src_genus                     Homo 
_entity_src_gen.pdbx_gene_src_gene                 FHIT 
_entity_src_gen.gene_src_species                   ? 
_entity_src_gen.gene_src_strain                    ? 
_entity_src_gen.gene_src_tissue                    ? 
_entity_src_gen.gene_src_tissue_fraction           ? 
_entity_src_gen.gene_src_details                   ? 
_entity_src_gen.pdbx_gene_src_fragment             ? 
_entity_src_gen.pdbx_gene_src_scientific_name      'Homo sapiens' 
_entity_src_gen.pdbx_gene_src_ncbi_taxonomy_id     9606 
_entity_src_gen.pdbx_gene_src_variant              ? 
_entity_src_gen.pdbx_gene_src_cell_line            ? 
_entity_src_gen.pdbx_gene_src_atcc                 ? 
_entity_src_gen.pdbx_gene_src_organ                ? 
_entity_src_gen.pdbx_gene_src_organelle            ? 
_entity_src_gen.pdbx_gene_src_cell                 ? 
_entity_src_gen.pdbx_gene_src_cellular_location    ? 
_entity_src_gen.host_org_common_name               ? 
_entity_src_gen.pdbx_host_org_scientific_name      'Escherichia coli' 
_entity_src_gen.pdbx_host_org_ncbi_taxonomy_id     562 
_entity_src_gen.host_org_genus                     Escherichia 
_entity_src_gen.pdbx_host_org_gene                 FHIT 
_entity_src_gen.pdbx_host_org_organ                ? 
_entity_src_gen.host_org_species                   ? 
_entity_src_gen.pdbx_host_org_tissue               ? 
_entity_src_gen.pdbx_host_org_tissue_fraction      ? 
_entity_src_gen.pdbx_host_org_strain               DL41 
_entity_src_gen.pdbx_host_org_variant              ? 
_entity_src_gen.pdbx_host_org_cell_line            ? 
_entity_src_gen.pdbx_host_org_atcc                 ? 
_entity_src_gen.pdbx_host_org_culture_collection   ? 
_entity_src_gen.pdbx_host_org_cell                 ? 
_entity_src_gen.pdbx_host_org_organelle            ? 
_entity_src_gen.pdbx_host_org_cellular_location    ? 
_entity_src_gen.pdbx_host_org_vector_type          ? 
_entity_src_gen.pdbx_host_org_vector               ? 
_entity_src_gen.host_org_details                   ? 
_entity_src_gen.expression_system_id               ? 
_entity_src_gen.plasmid_name                       PGEX-2T 
_entity_src_gen.plasmid_details                    ? 
_entity_src_gen.pdbx_description                   'EXPRESSED AS FUSION PROTEIN WITH GLUTATHIONE-S-TRANSFERASE' 
# 
loop_
_chem_comp.id 
_chem_comp.type 
_chem_comp.mon_nstd_flag 
_chem_comp.name 
_chem_comp.pdbx_synonyms 
_chem_comp.formula 
_chem_comp.formula_weight 
ALA 'L-peptide linking'          y ALANINE               ?                                       'C3 H7 N O2'     89.093  
ARG 'L-peptide linking'          y ARGININE              ?                                       'C6 H15 N4 O2 1' 175.209 
ASN 'L-peptide linking'          y ASPARAGINE            ?                                       'C4 H8 N2 O3'    132.118 
ASP 'L-peptide linking'          y 'ASPARTIC ACID'       ?                                       'C4 H7 N O4'     133.103 
CYS 'L-peptide linking'          y CYSTEINE              ?                                       'C3 H7 N O2 S'   121.158 
FRU 'D-saccharide, beta linking' . beta-D-fructofuranose 'beta-D-fructose; D-fructose; fructose' 'C6 H12 O6'      180.156 
GLN 'L-peptide linking'          y GLUTAMINE             ?                                       'C5 H10 N2 O3'   146.144 
GLU 'L-peptide linking'          y 'GLUTAMIC ACID'       ?                                       'C5 H9 N O4'     147.129 
GLY 'peptide linking'            y GLYCINE               ?                                       'C2 H5 N O2'     75.067  
HIS 'L-peptide linking'          y HISTIDINE             ?                                       'C6 H10 N3 O2 1' 156.162 
HOH non-polymer                  . WATER                 ?                                       'H2 O'           18.015  
ILE 'L-peptide linking'          y ISOLEUCINE            ?                                       'C6 H13 N O2'    131.173 
LEU 'L-peptide linking'          y LEUCINE               ?                                       'C6 H13 N O2'    131.173 
LYS 'L-peptide linking'          y LYSINE                ?                                       'C6 H15 N2 O2 1' 147.195 
MET 'L-peptide linking'          y METHIONINE            ?                                       'C5 H11 N O2 S'  149.211 
MSE 'L-peptide linking'          n SELENOMETHIONINE      ?                                       'C5 H11 N O2 Se' 196.106 
PHE 'L-peptide linking'          y PHENYLALANINE         ?                                       'C9 H11 N O2'    165.189 
PRO 'L-peptide linking'          y PROLINE               ?                                       'C5 H9 N O2'     115.130 
SER 'L-peptide linking'          y SERINE                ?                                       'C3 H7 N O3'     105.093 
SO4 non-polymer                  . 'SULFATE ION'         ?                                       'O4 S -2'        96.063  
THR 'L-peptide linking'          y THREONINE             ?                                       'C4 H9 N O3'     119.119 
TRP 'L-peptide linking'          y TRYPTOPHAN            ?                                       'C11 H12 N2 O2'  204.225 
TYR 'L-peptide linking'          y TYROSINE              ?                                       'C9 H11 N O3'    181.189 
VAL 'L-peptide linking'          y VALINE                ?                                       'C5 H11 N O2'    117.146 
# 
loop_
_pdbx_chem_comp_identifier.comp_id 
_pdbx_chem_comp_identifier.type 
_pdbx_chem_comp_identifier.program 
_pdbx_chem_comp_identifier.program_version 
_pdbx_chem_comp_identifier.identifier 
FRU 'CONDENSED IUPAC CARBOHYDRATE SYMBOL' GMML     1.0 DFrufb             
FRU 'COMMON NAME'                         GMML     1.0 b-D-fructofuranose 
FRU 'IUPAC CARBOHYDRATE SYMBOL'           PDB-CARE 1.0 b-D-Fruf           
FRU 'SNFG CARBOHYDRATE SYMBOL'            GMML     1.0 Fru                
# 
loop_
_pdbx_poly_seq_scheme.asym_id 
_pdbx_poly_seq_scheme.entity_id 
_pdbx_poly_seq_scheme.seq_id 
_pdbx_poly_seq_scheme.mon_id 
_pdbx_poly_seq_scheme.ndb_seq_num 
_pdbx_poly_seq_scheme.pdb_seq_num 
_pdbx_poly_seq_scheme.auth_seq_num 
_pdbx_poly_seq_scheme.pdb_mon_id 
_pdbx_poly_seq_scheme.auth_mon_id 
_pdbx_poly_seq_scheme.pdb_strand_id 
_pdbx_poly_seq_scheme.pdb_ins_code 
_pdbx_poly_seq_scheme.hetero 
A 1 1   MET 1   1   ?   ?   ?   A . n 
A 1 2   SER 2   2   2   SER SER A . n 
A 1 3   PHE 3   3   3   PHE PHE A . n 
A 1 4   ARG 4   4   4   ARG ARG A . n 
A 1 5   PHE 5   5   5   PHE PHE A . n 
A 1 6   GLY 6   6   6   GLY GLY A . n 
A 1 7   GLN 7   7   7   GLN GLN A . n 
A 1 8   HIS 8   8   8   HIS HIS A . n 
A 1 9   LEU 9   9   9   LEU LEU A . n 
A 1 10  ILE 10  10  10  ILE ILE A . n 
A 1 11  LYS 11  11  11  LYS LYS A . n 
A 1 12  PRO 12  12  12  PRO PRO A . n 
A 1 13  SER 13  13  13  SER SER A . n 
A 1 14  VAL 14  14  14  VAL VAL A . n 
A 1 15  VAL 15  15  15  VAL VAL A . n 
A 1 16  PHE 16  16  16  PHE PHE A . n 
A 1 17  LEU 17  17  17  LEU LEU A . n 
A 1 18  LYS 18  18  18  LYS LYS A . n 
A 1 19  THR 19  19  19  THR THR A . n 
A 1 20  GLU 20  20  20  GLU GLU A . n 
A 1 21  LEU 21  21  21  LEU LEU A . n 
A 1 22  SER 22  22  22  SER SER A . n 
A 1 23  PHE 23  23  23  PHE PHE A . n 
A 1 24  ALA 24  24  24  ALA ALA A . n 
A 1 25  LEU 25  25  25  LEU LEU A . n 
A 1 26  VAL 26  26  26  VAL VAL A . n 
A 1 27  ASN 27  27  27  ASN ASN A . n 
A 1 28  ARG 28  28  28  ARG ARG A . n 
A 1 29  LYS 29  29  29  LYS LYS A . n 
A 1 30  PRO 30  30  30  PRO PRO A . n 
A 1 31  VAL 31  31  31  VAL VAL A . n 
A 1 32  VAL 32  32  32  VAL VAL A . n 
A 1 33  PRO 33  33  33  PRO PRO A . n 
A 1 34  GLY 34  34  34  GLY GLY A . n 
A 1 35  HIS 35  35  35  HIS HIS A . n 
A 1 36  VAL 36  36  36  VAL VAL A . n 
A 1 37  LEU 37  37  37  LEU LEU A . n 
A 1 38  VAL 38  38  38  VAL VAL A . n 
A 1 39  CYS 39  39  39  CYS CYS A . n 
A 1 40  PRO 40  40  40  PRO PRO A . n 
A 1 41  LEU 41  41  41  LEU LEU A . n 
A 1 42  ARG 42  42  42  ARG ARG A . n 
A 1 43  PRO 43  43  43  PRO PRO A . n 
A 1 44  VAL 44  44  44  VAL VAL A . n 
A 1 45  GLU 45  45  45  GLU GLU A . n 
A 1 46  ARG 46  46  46  ARG ARG A . n 
A 1 47  PHE 47  47  47  PHE PHE A . n 
A 1 48  HIS 48  48  48  HIS HIS A . n 
A 1 49  ASP 49  49  49  ASP ASP A . n 
A 1 50  LEU 50  50  50  LEU LEU A . n 
A 1 51  ARG 51  51  51  ARG ARG A . n 
A 1 52  PRO 52  52  52  PRO PRO A . n 
A 1 53  ASP 53  53  53  ASP ASP A . n 
A 1 54  GLU 54  54  54  GLU GLU A . n 
A 1 55  VAL 55  55  55  VAL VAL A . n 
A 1 56  ALA 56  56  56  ALA ALA A . n 
A 1 57  ASP 57  57  57  ASP ASP A . n 
A 1 58  LEU 58  58  58  LEU LEU A . n 
A 1 59  PHE 59  59  59  PHE PHE A . n 
A 1 60  GLN 60  60  60  GLN GLN A . n 
A 1 61  THR 61  61  61  THR THR A . n 
A 1 62  THR 62  62  62  THR THR A . n 
A 1 63  GLN 63  63  63  GLN GLN A . n 
A 1 64  ARG 64  64  64  ARG ARG A . n 
A 1 65  VAL 65  65  65  VAL VAL A . n 
A 1 66  GLY 66  66  66  GLY GLY A . n 
A 1 67  THR 67  67  67  THR THR A . n 
A 1 68  VAL 68  68  68  VAL VAL A . n 
A 1 69  VAL 69  69  69  VAL VAL A . n 
A 1 70  GLU 70  70  70  GLU GLU A . n 
A 1 71  LYS 71  71  71  LYS LYS A . n 
A 1 72  HIS 72  72  72  HIS HIS A . n 
A 1 73  PHE 73  73  73  PHE PHE A . n 
A 1 74  HIS 74  74  74  HIS HIS A . n 
A 1 75  GLY 75  75  75  GLY GLY A . n 
A 1 76  THR 76  76  76  THR THR A . n 
A 1 77  SER 77  77  77  SER SER A . n 
A 1 78  LEU 78  78  78  LEU LEU A . n 
A 1 79  THR 79  79  79  THR THR A . n 
A 1 80  PHE 80  80  80  PHE PHE A . n 
A 1 81  SER 81  81  81  SER SER A . n 
A 1 82  MSE 82  82  82  MSE MSE A . n 
A 1 83  GLN 83  83  83  GLN GLN A . n 
A 1 84  ASP 84  84  84  ASP ASP A . n 
A 1 85  GLY 85  85  85  GLY GLY A . n 
A 1 86  PRO 86  86  86  PRO PRO A . n 
A 1 87  GLU 87  87  87  GLU GLU A . n 
A 1 88  ALA 88  88  88  ALA ALA A . n 
A 1 89  GLY 89  89  89  GLY GLY A . n 
A 1 90  GLN 90  90  90  GLN GLN A . n 
A 1 91  THR 91  91  91  THR THR A . n 
A 1 92  VAL 92  92  92  VAL VAL A . n 
A 1 93  LYS 93  93  93  LYS LYS A . n 
A 1 94  HIS 94  94  94  HIS HIS A . n 
A 1 95  VAL 95  95  95  VAL VAL A . n 
A 1 96  HIS 96  96  96  HIS HIS A . n 
A 1 97  VAL 97  97  97  VAL VAL A . n 
A 1 98  HIS 98  98  98  HIS HIS A . n 
A 1 99  VAL 99  99  99  VAL VAL A . n 
A 1 100 LEU 100 100 100 LEU LEU A . n 
A 1 101 PRO 101 101 101 PRO PRO A . n 
A 1 102 ARG 102 102 102 ARG ARG A . n 
A 1 103 LYS 103 103 103 LYS LYS A . n 
A 1 104 ALA 104 104 104 ALA ALA A . n 
A 1 105 GLY 105 105 105 GLY GLY A . n 
A 1 106 ASP 106 106 106 ASP ASP A . n 
A 1 107 PHE 107 107 ?   ?   ?   A . n 
A 1 108 HIS 108 108 ?   ?   ?   A . n 
A 1 109 ARG 109 109 ?   ?   ?   A . n 
A 1 110 ASN 110 110 ?   ?   ?   A . n 
A 1 111 ASP 111 111 ?   ?   ?   A . n 
A 1 112 SER 112 112 ?   ?   ?   A . n 
A 1 113 ILE 113 113 ?   ?   ?   A . n 
A 1 114 TYR 114 114 ?   ?   ?   A . n 
A 1 115 GLU 115 115 ?   ?   ?   A . n 
A 1 116 GLU 116 116 ?   ?   ?   A . n 
A 1 117 LEU 117 117 ?   ?   ?   A . n 
A 1 118 GLN 118 118 ?   ?   ?   A . n 
A 1 119 LYS 119 119 ?   ?   ?   A . n 
A 1 120 HIS 120 120 ?   ?   ?   A . n 
A 1 121 ASP 121 121 ?   ?   ?   A . n 
A 1 122 LYS 122 122 ?   ?   ?   A . n 
A 1 123 GLU 123 123 ?   ?   ?   A . n 
A 1 124 ASP 124 124 ?   ?   ?   A . n 
A 1 125 PHE 125 125 ?   ?   ?   A . n 
A 1 126 PRO 126 126 ?   ?   ?   A . n 
A 1 127 ALA 127 127 127 ALA ALA A . n 
A 1 128 SER 128 128 128 SER SER A . n 
A 1 129 TRP 129 129 129 TRP TRP A . n 
A 1 130 ARG 130 130 130 ARG ARG A . n 
A 1 131 SER 131 131 131 SER SER A . n 
A 1 132 GLU 132 132 132 GLU GLU A . n 
A 1 133 GLU 133 133 133 GLU GLU A . n 
A 1 134 GLU 134 134 134 GLU GLU A . n 
A 1 135 MSE 135 135 135 MSE MSE A . n 
A 1 136 ALA 136 136 136 ALA ALA A . n 
A 1 137 ALA 137 137 137 ALA ALA A . n 
A 1 138 GLU 138 138 138 GLU GLU A . n 
A 1 139 ALA 139 139 139 ALA ALA A . n 
A 1 140 ALA 140 140 140 ALA ALA A . n 
A 1 141 ALA 141 141 141 ALA ALA A . n 
A 1 142 LEU 142 142 142 LEU LEU A . n 
A 1 143 ARG 143 143 143 ARG ARG A . n 
A 1 144 VAL 144 144 144 VAL VAL A . n 
A 1 145 TYR 145 145 145 TYR TYR A . n 
A 1 146 PHE 146 146 146 PHE PHE A . n 
A 1 147 GLN 147 147 147 GLN GLN A . n 
# 
loop_
_pdbx_nonpoly_scheme.asym_id 
_pdbx_nonpoly_scheme.entity_id 
_pdbx_nonpoly_scheme.mon_id 
_pdbx_nonpoly_scheme.ndb_seq_num 
_pdbx_nonpoly_scheme.pdb_seq_num 
_pdbx_nonpoly_scheme.auth_seq_num 
_pdbx_nonpoly_scheme.pdb_mon_id 
_pdbx_nonpoly_scheme.auth_mon_id 
_pdbx_nonpoly_scheme.pdb_strand_id 
_pdbx_nonpoly_scheme.pdb_ins_code 
B 2 FRU 1   500 500 FRU FRU A . 
C 3 SO4 1   300 300 SO4 SO4 A . 
D 3 SO4 1   301 301 SO4 SO4 A . 
E 4 HOH 1   501 1   HOH HOH A . 
E 4 HOH 2   502 2   HOH HOH A . 
E 4 HOH 3   503 3   HOH HOH A . 
E 4 HOH 4   504 4   HOH HOH A . 
E 4 HOH 5   505 5   HOH HOH A . 
E 4 HOH 6   506 6   HOH HOH A . 
E 4 HOH 7   507 7   HOH HOH A . 
E 4 HOH 8   508 8   HOH HOH A . 
E 4 HOH 9   509 9   HOH HOH A . 
E 4 HOH 10  510 10  HOH HOH A . 
E 4 HOH 11  511 11  HOH HOH A . 
E 4 HOH 12  512 12  HOH HOH A . 
E 4 HOH 13  513 13  HOH HOH A . 
E 4 HOH 14  514 14  HOH HOH A . 
E 4 HOH 15  515 15  HOH HOH A . 
E 4 HOH 16  516 16  HOH HOH A . 
E 4 HOH 17  517 17  HOH HOH A . 
E 4 HOH 18  518 18  HOH HOH A . 
E 4 HOH 19  519 19  HOH HOH A . 
E 4 HOH 20  520 20  HOH HOH A . 
E 4 HOH 21  521 21  HOH HOH A . 
E 4 HOH 22  522 22  HOH HOH A . 
E 4 HOH 23  523 23  HOH HOH A . 
E 4 HOH 24  524 24  HOH HOH A . 
E 4 HOH 25  525 25  HOH HOH A . 
E 4 HOH 26  526 26  HOH HOH A . 
E 4 HOH 27  527 27  HOH HOH A . 
E 4 HOH 28  528 28  HOH HOH A . 
E 4 HOH 29  529 29  HOH HOH A . 
E 4 HOH 30  530 30  HOH HOH A . 
E 4 HOH 31  531 31  HOH HOH A . 
E 4 HOH 32  532 32  HOH HOH A . 
E 4 HOH 33  533 33  HOH HOH A . 
E 4 HOH 34  534 34  HOH HOH A . 
E 4 HOH 35  535 35  HOH HOH A . 
E 4 HOH 36  536 36  HOH HOH A . 
E 4 HOH 37  537 37  HOH HOH A . 
E 4 HOH 38  538 38  HOH HOH A . 
E 4 HOH 39  539 39  HOH HOH A . 
E 4 HOH 40  540 40  HOH HOH A . 
E 4 HOH 41  541 41  HOH HOH A . 
E 4 HOH 42  542 42  HOH HOH A . 
E 4 HOH 43  543 43  HOH HOH A . 
E 4 HOH 44  544 44  HOH HOH A . 
E 4 HOH 45  545 45  HOH HOH A . 
E 4 HOH 46  546 46  HOH HOH A . 
E 4 HOH 47  547 47  HOH HOH A . 
E 4 HOH 48  548 48  HOH HOH A . 
E 4 HOH 49  549 49  HOH HOH A . 
E 4 HOH 50  550 50  HOH HOH A . 
E 4 HOH 51  551 51  HOH HOH A . 
E 4 HOH 52  552 52  HOH HOH A . 
E 4 HOH 53  553 53  HOH HOH A . 
E 4 HOH 54  554 54  HOH HOH A . 
E 4 HOH 55  555 55  HOH HOH A . 
E 4 HOH 56  556 56  HOH HOH A . 
E 4 HOH 57  557 57  HOH HOH A . 
E 4 HOH 58  558 58  HOH HOH A . 
E 4 HOH 59  559 59  HOH HOH A . 
E 4 HOH 60  560 60  HOH HOH A . 
E 4 HOH 61  561 61  HOH HOH A . 
E 4 HOH 62  562 62  HOH HOH A . 
E 4 HOH 63  563 63  HOH HOH A . 
E 4 HOH 64  564 64  HOH HOH A . 
E 4 HOH 65  565 65  HOH HOH A . 
E 4 HOH 66  566 66  HOH HOH A . 
E 4 HOH 67  567 67  HOH HOH A . 
E 4 HOH 68  568 68  HOH HOH A . 
E 4 HOH 69  569 69  HOH HOH A . 
E 4 HOH 70  570 70  HOH HOH A . 
E 4 HOH 71  571 71  HOH HOH A . 
E 4 HOH 72  572 72  HOH HOH A . 
E 4 HOH 73  573 74  HOH HOH A . 
E 4 HOH 74  574 75  HOH HOH A . 
E 4 HOH 75  575 76  HOH HOH A . 
E 4 HOH 76  576 77  HOH HOH A . 
E 4 HOH 77  577 78  HOH HOH A . 
E 4 HOH 78  578 79  HOH HOH A . 
E 4 HOH 79  579 80  HOH HOH A . 
E 4 HOH 80  580 81  HOH HOH A . 
E 4 HOH 81  581 82  HOH HOH A . 
E 4 HOH 82  582 83  HOH HOH A . 
E 4 HOH 83  583 84  HOH HOH A . 
E 4 HOH 84  584 85  HOH HOH A . 
E 4 HOH 85  585 86  HOH HOH A . 
E 4 HOH 86  586 87  HOH HOH A . 
E 4 HOH 87  587 88  HOH HOH A . 
E 4 HOH 88  588 89  HOH HOH A . 
E 4 HOH 89  589 90  HOH HOH A . 
E 4 HOH 90  590 91  HOH HOH A . 
E 4 HOH 91  591 92  HOH HOH A . 
E 4 HOH 92  592 93  HOH HOH A . 
E 4 HOH 93  593 94  HOH HOH A . 
E 4 HOH 94  594 95  HOH HOH A . 
E 4 HOH 95  595 96  HOH HOH A . 
E 4 HOH 96  596 97  HOH HOH A . 
E 4 HOH 97  597 98  HOH HOH A . 
E 4 HOH 98  598 99  HOH HOH A . 
E 4 HOH 99  599 100 HOH HOH A . 
E 4 HOH 100 600 101 HOH HOH A . 
E 4 HOH 101 601 102 HOH HOH A . 
E 4 HOH 102 602 103 HOH HOH A . 
E 4 HOH 103 603 104 HOH HOH A . 
E 4 HOH 104 604 105 HOH HOH A . 
E 4 HOH 105 605 106 HOH HOH A . 
E 4 HOH 106 606 107 HOH HOH A . 
E 4 HOH 107 607 108 HOH HOH A . 
E 4 HOH 108 608 109 HOH HOH A . 
E 4 HOH 109 609 110 HOH HOH A . 
E 4 HOH 110 610 111 HOH HOH A . 
E 4 HOH 111 611 112 HOH HOH A . 
E 4 HOH 112 612 113 HOH HOH A . 
E 4 HOH 113 613 114 HOH HOH A . 
E 4 HOH 114 614 115 HOH HOH A . 
E 4 HOH 115 615 116 HOH HOH A . 
E 4 HOH 116 616 117 HOH HOH A . 
E 4 HOH 117 617 118 HOH HOH A . 
E 4 HOH 118 618 119 HOH HOH A . 
E 4 HOH 119 619 120 HOH HOH A . 
E 4 HOH 120 620 121 HOH HOH A . 
E 4 HOH 121 621 122 HOH HOH A . 
E 4 HOH 122 622 123 HOH HOH A . 
E 4 HOH 123 623 124 HOH HOH A . 
E 4 HOH 124 624 125 HOH HOH A . 
E 4 HOH 125 625 126 HOH HOH A . 
E 4 HOH 126 626 127 HOH HOH A . 
E 4 HOH 127 627 128 HOH HOH A . 
E 4 HOH 128 628 129 HOH HOH A . 
E 4 HOH 129 629 130 HOH HOH A . 
E 4 HOH 130 630 131 HOH HOH A . 
E 4 HOH 131 631 132 HOH HOH A . 
E 4 HOH 132 632 133 HOH HOH A . 
E 4 HOH 133 633 134 HOH HOH A . 
E 4 HOH 134 634 135 HOH HOH A . 
E 4 HOH 135 635 136 HOH HOH A . 
E 4 HOH 136 636 137 HOH HOH A . 
E 4 HOH 137 637 138 HOH HOH A . 
E 4 HOH 138 638 139 HOH HOH A . 
E 4 HOH 139 639 140 HOH HOH A . 
E 4 HOH 140 640 141 HOH HOH A . 
E 4 HOH 141 641 142 HOH HOH A . 
E 4 HOH 142 642 143 HOH HOH A . 
E 4 HOH 143 643 144 HOH HOH A . 
E 4 HOH 144 644 145 HOH HOH A . 
E 4 HOH 145 645 147 HOH HOH A . 
E 4 HOH 146 646 148 HOH HOH A . 
E 4 HOH 147 647 149 HOH HOH A . 
E 4 HOH 148 648 150 HOH HOH A . 
E 4 HOH 149 649 151 HOH HOH A . 
E 4 HOH 150 650 152 HOH HOH A . 
E 4 HOH 151 651 153 HOH HOH A . 
E 4 HOH 152 652 154 HOH HOH A . 
E 4 HOH 153 653 155 HOH HOH A . 
E 4 HOH 154 654 156 HOH HOH A . 
E 4 HOH 155 655 157 HOH HOH A . 
E 4 HOH 156 656 158 HOH HOH A . 
E 4 HOH 157 657 159 HOH HOH A . 
E 4 HOH 158 658 160 HOH HOH A . 
E 4 HOH 159 659 161 HOH HOH A . 
E 4 HOH 160 660 162 HOH HOH A . 
E 4 HOH 161 661 163 HOH HOH A . 
E 4 HOH 162 662 164 HOH HOH A . 
E 4 HOH 163 663 165 HOH HOH A . 
E 4 HOH 164 664 166 HOH HOH A . 
E 4 HOH 165 665 167 HOH HOH A . 
E 4 HOH 166 666 168 HOH HOH A . 
E 4 HOH 167 667 169 HOH HOH A . 
E 4 HOH 168 668 170 HOH HOH A . 
E 4 HOH 169 669 171 HOH HOH A . 
E 4 HOH 170 670 172 HOH HOH A . 
E 4 HOH 171 671 173 HOH HOH A . 
E 4 HOH 172 672 174 HOH HOH A . 
E 4 HOH 173 673 175 HOH HOH A . 
E 4 HOH 174 674 176 HOH HOH A . 
E 4 HOH 175 675 177 HOH HOH A . 
E 4 HOH 176 676 178 HOH HOH A . 
E 4 HOH 177 677 180 HOH HOH A . 
E 4 HOH 178 678 181 HOH HOH A . 
E 4 HOH 179 679 182 HOH HOH A . 
E 4 HOH 180 680 183 HOH HOH A . 
# 
loop_
_software.name 
_software.classification 
_software.version 
_software.citation_id 
_software.pdbx_ordinal 
X-PLOR    'model building' 3.1 ? 1 
X-PLOR    refinement       3.1 ? 2 
DENZO     'data reduction' .   ? 3 
SCALEPACK 'data scaling'   .   ? 4 
X-PLOR    phasing          3.1 ? 5 
# 
_cell.entry_id           1FIT 
_cell.length_a           50.600 
_cell.length_b           50.600 
_cell.length_c           268.000 
_cell.angle_alpha        90.00 
_cell.angle_beta         90.00 
_cell.angle_gamma        120.00 
_cell.Z_PDB              12 
_cell.pdbx_unique_axis   ? 
# 
_symmetry.entry_id                         1FIT 
_symmetry.space_group_name_H-M             'P 61 2 2' 
_symmetry.pdbx_full_space_group_name_H-M   ? 
_symmetry.cell_setting                     ? 
_symmetry.Int_Tables_number                178 
# 
_exptl.entry_id          1FIT 
_exptl.method            'X-RAY DIFFRACTION' 
_exptl.crystals_number   1 
# 
_exptl_crystal.id                    1 
_exptl_crystal.density_meas          ? 
_exptl_crystal.density_Matthews      2.91 
_exptl_crystal.density_percent_sol   57.80 
_exptl_crystal.description           'DATA WERE COLLECTED USING 2 DEGREE OSCILLATIONS WITH 0.5 DEGREE OVERLAP.' 
# 
_exptl_crystal_grow.crystal_id      1 
_exptl_crystal_grow.method          ? 
_exptl_crystal_grow.temp            ? 
_exptl_crystal_grow.temp_details    ? 
_exptl_crystal_grow.pH              6.5 
_exptl_crystal_grow.pdbx_pH_range   ? 
_exptl_crystal_grow.pdbx_details    '1.25-1.35M AMSO4, 100MM SODIUM CACODYLATE PH6.5' 
# 
_diffrn.id                     1 
_diffrn.ambient_temp           110 
_diffrn.ambient_temp_details   ? 
_diffrn.crystal_id             1 
# 
_diffrn_detector.diffrn_id              1 
_diffrn_detector.detector               'IMAGE PLATE' 
_diffrn_detector.type                   FUJI 
_diffrn_detector.pdbx_collection_date   1996-07-05 
_diffrn_detector.details                ? 
# 
_diffrn_radiation.diffrn_id                        1 
_diffrn_radiation.wavelength_id                    1 
_diffrn_radiation.pdbx_monochromatic_or_laue_m_l   M 
_diffrn_radiation.monochromator                    ? 
_diffrn_radiation.pdbx_diffrn_protocol             ? 
_diffrn_radiation.pdbx_scattering_type             x-ray 
# 
_diffrn_radiation_wavelength.id           1 
_diffrn_radiation_wavelength.wavelength   1.0038 
_diffrn_radiation_wavelength.wt           1.0 
# 
_diffrn_source.diffrn_id                   1 
_diffrn_source.source                      SYNCHROTRON 
_diffrn_source.type                        'NSLS BEAMLINE X4A' 
_diffrn_source.pdbx_synchrotron_site       NSLS 
_diffrn_source.pdbx_synchrotron_beamline   X4A 
_diffrn_source.pdbx_wavelength             1.0038 
_diffrn_source.pdbx_wavelength_list        ? 
# 
_reflns.entry_id                     1FIT 
_reflns.observed_criterion_sigma_I   2. 
_reflns.observed_criterion_sigma_F   ? 
_reflns.d_resolution_low             12.0 
_reflns.d_resolution_high            1.8 
_reflns.number_obs                   35339 
_reflns.number_all                   ? 
_reflns.percent_possible_obs         94.7 
_reflns.pdbx_Rmerge_I_obs            0.0560000 
_reflns.pdbx_Rsym_value              ? 
_reflns.pdbx_netI_over_sigmaI        ? 
_reflns.B_iso_Wilson_estimate        ? 
_reflns.pdbx_redundancy              6.0 
_reflns.pdbx_diffrn_id               1 
_reflns.pdbx_ordinal                 1 
# 
_refine.entry_id                                 1FIT 
_refine.ls_number_reflns_obs                     29538 
_refine.ls_number_reflns_all                     ? 
_refine.pdbx_ls_sigma_I                          ? 
_refine.pdbx_ls_sigma_F                          2. 
_refine.pdbx_data_cutoff_high_absF               ? 
_refine.pdbx_data_cutoff_low_absF                ? 
_refine.pdbx_data_cutoff_high_rms_absF           ? 
_refine.ls_d_res_low                             8. 
_refine.ls_d_res_high                            1.85 
_refine.ls_percent_reflns_obs                    92.5 
_refine.ls_R_factor_obs                          0.2020000 
_refine.ls_R_factor_all                          ? 
_refine.ls_R_factor_R_work                       0.2020000 
_refine.ls_R_factor_R_free                       0.2250000 
_refine.ls_R_factor_R_free_error                 ? 
_refine.ls_R_factor_R_free_error_details         ? 
_refine.ls_percent_reflns_R_free                 5.00 
_refine.ls_number_reflns_R_free                  ? 
_refine.ls_number_parameters                     ? 
_refine.ls_number_restraints                     ? 
_refine.occupancy_min                            ? 
_refine.occupancy_max                            ? 
_refine.B_iso_mean                               24.6 
_refine.aniso_B[1][1]                            ? 
_refine.aniso_B[2][2]                            ? 
_refine.aniso_B[3][3]                            ? 
_refine.aniso_B[1][2]                            ? 
_refine.aniso_B[1][3]                            ? 
_refine.aniso_B[2][3]                            ? 
_refine.solvent_model_details                    ? 
_refine.solvent_model_param_ksol                 ? 
_refine.solvent_model_param_bsol                 ? 
_refine.pdbx_ls_cross_valid_method               ? 
_refine.details                                  'RESIDUES 1 AND 107 - 126 ARE DISORDERED.' 
_refine.pdbx_starting_model                      ? 
_refine.pdbx_method_to_determine_struct          ? 
_refine.pdbx_isotropic_thermal_model             RESTRAINED 
_refine.pdbx_stereochemistry_target_values       ? 
_refine.pdbx_stereochem_target_val_spec_case     ? 
_refine.pdbx_R_Free_selection_details            ? 
_refine.pdbx_overall_ESU_R                       ? 
_refine.pdbx_overall_ESU_R_Free                  ? 
_refine.overall_SU_ML                            ? 
_refine.overall_SU_B                             ? 
_refine.pdbx_refine_id                           'X-RAY DIFFRACTION' 
_refine.pdbx_diffrn_id                           1 
_refine.pdbx_TLS_residual_ADP_flag               ? 
_refine.correlation_coeff_Fo_to_Fc               ? 
_refine.correlation_coeff_Fo_to_Fc_free          ? 
_refine.pdbx_solvent_vdw_probe_radii             ? 
_refine.pdbx_solvent_ion_probe_radii             ? 
_refine.pdbx_solvent_shrinkage_radii             ? 
_refine.pdbx_overall_phase_error                 ? 
_refine.overall_SU_R_Cruickshank_DPI             ? 
_refine.pdbx_overall_SU_R_free_Cruickshank_DPI   ? 
_refine.pdbx_overall_SU_R_Blow_DPI               ? 
_refine.pdbx_overall_SU_R_free_Blow_DPI          ? 
# 
_refine_hist.pdbx_refine_id                   'X-RAY DIFFRACTION' 
_refine_hist.cycle_id                         LAST 
_refine_hist.pdbx_number_atoms_protein        1201 
_refine_hist.pdbx_number_atoms_nucleic_acid   0 
_refine_hist.pdbx_number_atoms_ligand         38 
_refine_hist.number_atoms_solvent             180 
_refine_hist.number_atoms_total               1419 
_refine_hist.d_res_high                       1.85 
_refine_hist.d_res_low                        8. 
# 
loop_
_refine_ls_restr.type 
_refine_ls_restr.dev_ideal 
_refine_ls_restr.dev_ideal_target 
_refine_ls_restr.weight 
_refine_ls_restr.number 
_refine_ls_restr.pdbx_refine_id 
_refine_ls_restr.pdbx_restraint_function 
x_bond_d                0.016 ? ? ? 'X-RAY DIFFRACTION' ? 
x_bond_d_na             ?     ? ? ? 'X-RAY DIFFRACTION' ? 
x_bond_d_prot           ?     ? ? ? 'X-RAY DIFFRACTION' ? 
x_angle_d               ?     ? ? ? 'X-RAY DIFFRACTION' ? 
x_angle_d_na            ?     ? ? ? 'X-RAY DIFFRACTION' ? 
x_angle_d_prot          ?     ? ? ? 'X-RAY DIFFRACTION' ? 
x_angle_deg             1.823 ? ? ? 'X-RAY DIFFRACTION' ? 
x_angle_deg_na          ?     ? ? ? 'X-RAY DIFFRACTION' ? 
x_angle_deg_prot        ?     ? ? ? 'X-RAY DIFFRACTION' ? 
x_dihedral_angle_d      25.03 ? ? ? 'X-RAY DIFFRACTION' ? 
x_dihedral_angle_d_na   ?     ? ? ? 'X-RAY DIFFRACTION' ? 
x_dihedral_angle_d_prot ?     ? ? ? 'X-RAY DIFFRACTION' ? 
x_improper_angle_d      1.802 ? ? ? 'X-RAY DIFFRACTION' ? 
x_improper_angle_d_na   ?     ? ? ? 'X-RAY DIFFRACTION' ? 
x_improper_angle_d_prot ?     ? ? ? 'X-RAY DIFFRACTION' ? 
x_mcbond_it             ?     ? ? ? 'X-RAY DIFFRACTION' ? 
x_mcangle_it            ?     ? ? ? 'X-RAY DIFFRACTION' ? 
x_scbond_it             ?     ? ? ? 'X-RAY DIFFRACTION' ? 
x_scangle_it            ?     ? ? ? 'X-RAY DIFFRACTION' ? 
# 
_struct.entry_id                  1FIT 
_struct.title                     'FHIT (FRAGILE HISTIDINE TRIAD PROTEIN)' 
_struct.pdbx_model_details        ? 
_struct.pdbx_CASP_flag            ? 
_struct.pdbx_model_type_details   ? 
# 
_struct_keywords.entry_id        1FIT 
_struct_keywords.pdbx_keywords   'CHROMOSOMAL TRANSLOCATION' 
_struct_keywords.text            
;FHIT, FRAGILE HISTIDINE TRIAD PROTEIN, PUTATIVE HUMAN TUMOR SUPPRESSOR, ADVANCED PHOTON SOURCE, APS, HIT PROTEIN FAMILY, PKCI, CHROMOSOMAL TRANSLOCATION
;
# 
loop_
_struct_asym.id 
_struct_asym.pdbx_blank_PDB_chainid_flag 
_struct_asym.pdbx_modified 
_struct_asym.entity_id 
_struct_asym.details 
A N N 1 ? 
B N N 2 ? 
C N N 3 ? 
D N N 3 ? 
E N N 4 ? 
# 
_struct_ref.id                         1 
_struct_ref.db_name                    UNP 
_struct_ref.db_code                    FHIT_HUMAN 
_struct_ref.entity_id                  1 
_struct_ref.pdbx_db_accession          P49789 
_struct_ref.pdbx_align_begin           1 
_struct_ref.pdbx_seq_one_letter_code   
;MSFRFGQHLIKPSVVFLKTELSFALVNRKPVVPGHVLVCPLRPVERFHDLRPDEVADLFQTTQRVGTVVEKHFHGTSLTF
SMQDGPEAGQTVKHVHVHVLPRKAGDFHRNDSIYEELQKHDKEDFPASWRSEEEMAAEAAALRVYFQ
;
_struct_ref.pdbx_db_isoform            ? 
# 
_struct_ref_seq.align_id                      1 
_struct_ref_seq.ref_id                        1 
_struct_ref_seq.pdbx_PDB_id_code              1FIT 
_struct_ref_seq.pdbx_strand_id                A 
_struct_ref_seq.seq_align_beg                 1 
_struct_ref_seq.pdbx_seq_align_beg_ins_code   ? 
_struct_ref_seq.seq_align_end                 147 
_struct_ref_seq.pdbx_seq_align_end_ins_code   ? 
_struct_ref_seq.pdbx_db_accession             P49789 
_struct_ref_seq.db_align_beg                  1 
_struct_ref_seq.pdbx_db_align_beg_ins_code    ? 
_struct_ref_seq.db_align_end                  147 
_struct_ref_seq.pdbx_db_align_end_ins_code    ? 
_struct_ref_seq.pdbx_auth_seq_align_beg       1 
_struct_ref_seq.pdbx_auth_seq_align_end       147 
# 
loop_
_struct_ref_seq_dif.align_id 
_struct_ref_seq_dif.pdbx_pdb_id_code 
_struct_ref_seq_dif.mon_id 
_struct_ref_seq_dif.pdbx_pdb_strand_id 
_struct_ref_seq_dif.seq_num 
_struct_ref_seq_dif.pdbx_pdb_ins_code 
_struct_ref_seq_dif.pdbx_seq_db_name 
_struct_ref_seq_dif.pdbx_seq_db_accession_code 
_struct_ref_seq_dif.db_mon_id 
_struct_ref_seq_dif.pdbx_seq_db_seq_num 
_struct_ref_seq_dif.details 
_struct_ref_seq_dif.pdbx_auth_seq_num 
_struct_ref_seq_dif.pdbx_ordinal 
1 1FIT MSE A 82  ? UNP P49789 MET 82  'modified residue' 82  1 
1 1FIT MSE A 135 ? UNP P49789 MET 135 'modified residue' 135 2 
# 
_pdbx_struct_assembly.id                   1 
_pdbx_struct_assembly.details              author_defined_assembly 
_pdbx_struct_assembly.method_details       ? 
_pdbx_struct_assembly.oligomeric_details   dimeric 
_pdbx_struct_assembly.oligomeric_count     2 
# 
_pdbx_struct_assembly_gen.assembly_id       1 
_pdbx_struct_assembly_gen.oper_expression   1,2 
_pdbx_struct_assembly_gen.asym_id_list      A,B,C,D,E 
# 
loop_
_pdbx_struct_oper_list.id 
_pdbx_struct_oper_list.type 
_pdbx_struct_oper_list.name 
_pdbx_struct_oper_list.symmetry_operation 
_pdbx_struct_oper_list.matrix[1][1] 
_pdbx_struct_oper_list.matrix[1][2] 
_pdbx_struct_oper_list.matrix[1][3] 
_pdbx_struct_oper_list.vector[1] 
_pdbx_struct_oper_list.matrix[2][1] 
_pdbx_struct_oper_list.matrix[2][2] 
_pdbx_struct_oper_list.matrix[2][3] 
_pdbx_struct_oper_list.vector[2] 
_pdbx_struct_oper_list.matrix[3][1] 
_pdbx_struct_oper_list.matrix[3][2] 
_pdbx_struct_oper_list.matrix[3][3] 
_pdbx_struct_oper_list.vector[3] 
1 'identity operation'         1_555  x,y,z        1.0000000000  0.0000000000 0.0000000000  0.0000000000   0.0000000000 1.0000000000  0.0000000000  0.0000000000   0.0000000000  0.0000000000  1.0000000000 0.0000000000  
2 'crystal symmetry operation' 12_555 x,x-y,-z+1/6 -0.9999999910 0.0000170681 -0.0001332389 -10.2662209957 0.0000170681 -0.9677099071 -0.2520665296 -20.8442425591 -0.0001332389 -0.2520665296 0.9677098981 -2.6708732568 
# 
_struct_biol.id   1 
# 
loop_
_struct_conf.conf_type_id 
_struct_conf.id 
_struct_conf.pdbx_PDB_helix_id 
_struct_conf.beg_label_comp_id 
_struct_conf.beg_label_asym_id 
_struct_conf.beg_label_seq_id 
_struct_conf.pdbx_beg_PDB_ins_code 
_struct_conf.end_label_comp_id 
_struct_conf.end_label_asym_id 
_struct_conf.end_label_seq_id 
_struct_conf.pdbx_end_PDB_ins_code 
_struct_conf.beg_auth_comp_id 
_struct_conf.beg_auth_asym_id 
_struct_conf.beg_auth_seq_id 
_struct_conf.end_auth_comp_id 
_struct_conf.end_auth_asym_id 
_struct_conf.end_auth_seq_id 
_struct_conf.pdbx_PDB_helix_class 
_struct_conf.details 
_struct_conf.pdbx_PDB_helix_length 
HELX_P HELX_P1 1 PRO A 12  ? VAL A 14  ? PRO A 12  VAL A 14  5 ? 3  
HELX_P HELX_P2 2 PHE A 47  ? ASP A 49  ? PHE A 47  ASP A 49  5 ? 3  
HELX_P HELX_P3 3 PRO A 52  ? HIS A 72  ? PRO A 52  HIS A 72  1 ? 21 
HELX_P HELX_P4 4 PRO A 86  ? ALA A 88  ? PRO A 86  ALA A 88  5 ? 3  
HELX_P HELX_P5 5 GLU A 132 ? TYR A 145 ? GLU A 132 TYR A 145 1 ? 14 
# 
_struct_conf_type.id          HELX_P 
_struct_conf_type.criteria    ? 
_struct_conf_type.reference   ? 
# 
loop_
_struct_conn.id 
_struct_conn.conn_type_id 
_struct_conn.pdbx_leaving_atom_flag 
_struct_conn.pdbx_PDB_id 
_struct_conn.ptnr1_label_asym_id 
_struct_conn.ptnr1_label_comp_id 
_struct_conn.ptnr1_label_seq_id 
_struct_conn.ptnr1_label_atom_id 
_struct_conn.pdbx_ptnr1_label_alt_id 
_struct_conn.pdbx_ptnr1_PDB_ins_code 
_struct_conn.pdbx_ptnr1_standard_comp_id 
_struct_conn.ptnr1_symmetry 
_struct_conn.ptnr2_label_asym_id 
_struct_conn.ptnr2_label_comp_id 
_struct_conn.ptnr2_label_seq_id 
_struct_conn.ptnr2_label_atom_id 
_struct_conn.pdbx_ptnr2_label_alt_id 
_struct_conn.pdbx_ptnr2_PDB_ins_code 
_struct_conn.ptnr1_auth_asym_id 
_struct_conn.ptnr1_auth_comp_id 
_struct_conn.ptnr1_auth_seq_id 
_struct_conn.ptnr2_auth_asym_id 
_struct_conn.ptnr2_auth_comp_id 
_struct_conn.ptnr2_auth_seq_id 
_struct_conn.ptnr2_symmetry 
_struct_conn.pdbx_ptnr3_label_atom_id 
_struct_conn.pdbx_ptnr3_label_seq_id 
_struct_conn.pdbx_ptnr3_label_comp_id 
_struct_conn.pdbx_ptnr3_label_asym_id 
_struct_conn.pdbx_ptnr3_label_alt_id 
_struct_conn.pdbx_ptnr3_PDB_ins_code 
_struct_conn.details 
_struct_conn.pdbx_dist_value 
_struct_conn.pdbx_value_order 
_struct_conn.pdbx_role 
covale1 covale both ? A SER 81  C ? ? ? 1_555 A MSE 82  N ? ? A SER 81  A MSE 82  1_555 ? ? ? ? ? ? ? 1.321 ? ? 
covale2 covale both ? A MSE 82  C ? ? ? 1_555 A GLN 83  N ? ? A MSE 82  A GLN 83  1_555 ? ? ? ? ? ? ? 1.339 ? ? 
covale3 covale both ? A GLU 134 C ? ? ? 1_555 A MSE 135 N ? ? A GLU 134 A MSE 135 1_555 ? ? ? ? ? ? ? 1.339 ? ? 
covale4 covale both ? A MSE 135 C ? ? ? 1_555 A ALA 136 N ? ? A MSE 135 A ALA 136 1_555 ? ? ? ? ? ? ? 1.328 ? ? 
# 
_struct_conn_type.id          covale 
_struct_conn_type.criteria    ? 
_struct_conn_type.reference   ? 
# 
loop_
_pdbx_modification_feature.ordinal 
_pdbx_modification_feature.label_comp_id 
_pdbx_modification_feature.label_asym_id 
_pdbx_modification_feature.label_seq_id 
_pdbx_modification_feature.label_alt_id 
_pdbx_modification_feature.modified_residue_label_comp_id 
_pdbx_modification_feature.modified_residue_label_asym_id 
_pdbx_modification_feature.modified_residue_label_seq_id 
_pdbx_modification_feature.modified_residue_label_alt_id 
_pdbx_modification_feature.auth_comp_id 
_pdbx_modification_feature.auth_asym_id 
_pdbx_modification_feature.auth_seq_id 
_pdbx_modification_feature.PDB_ins_code 
_pdbx_modification_feature.symmetry 
_pdbx_modification_feature.modified_residue_auth_comp_id 
_pdbx_modification_feature.modified_residue_auth_asym_id 
_pdbx_modification_feature.modified_residue_auth_seq_id 
_pdbx_modification_feature.modified_residue_PDB_ins_code 
_pdbx_modification_feature.modified_residue_symmetry 
_pdbx_modification_feature.comp_id_linking_atom 
_pdbx_modification_feature.modified_residue_id_linking_atom 
_pdbx_modification_feature.modified_residue_id 
_pdbx_modification_feature.ref_pcm_id 
_pdbx_modification_feature.ref_comp_id 
_pdbx_modification_feature.type 
_pdbx_modification_feature.category 
1 MSE A 82  ? . . . . MSE A 82  ? 1_555 . . . . . . . MET 1 MSE Selenomethionine 'Named protein modification' 
2 MSE A 135 ? . . . . MSE A 135 ? 1_555 . . . . . . . MET 1 MSE Selenomethionine 'Named protein modification' 
# 
loop_
_struct_sheet.id 
_struct_sheet.type 
_struct_sheet.number_strands 
_struct_sheet.details 
A ? 2 ? 
B ? 5 ? 
# 
loop_
_struct_sheet_order.sheet_id 
_struct_sheet_order.range_id_1 
_struct_sheet_order.range_id_2 
_struct_sheet_order.offset 
_struct_sheet_order.sense 
A 1 2 ? anti-parallel 
B 1 2 ? anti-parallel 
B 2 3 ? anti-parallel 
B 3 4 ? anti-parallel 
B 4 5 ? anti-parallel 
# 
loop_
_struct_sheet_range.sheet_id 
_struct_sheet_range.id 
_struct_sheet_range.beg_label_comp_id 
_struct_sheet_range.beg_label_asym_id 
_struct_sheet_range.beg_label_seq_id 
_struct_sheet_range.pdbx_beg_PDB_ins_code 
_struct_sheet_range.end_label_comp_id 
_struct_sheet_range.end_label_asym_id 
_struct_sheet_range.end_label_seq_id 
_struct_sheet_range.pdbx_end_PDB_ins_code 
_struct_sheet_range.beg_auth_comp_id 
_struct_sheet_range.beg_auth_asym_id 
_struct_sheet_range.beg_auth_seq_id 
_struct_sheet_range.end_auth_comp_id 
_struct_sheet_range.end_auth_asym_id 
_struct_sheet_range.end_auth_seq_id 
A 1 PHE A 3  ? PHE A 5   ? PHE A 3  PHE A 5   
A 2 HIS A 8  ? ILE A 10  ? HIS A 8  ILE A 10  
B 1 SER A 77 ? MSE A 82  ? SER A 77 MSE A 82  
B 2 HIS A 96 ? ARG A 102 ? HIS A 96 ARG A 102 
B 3 VAL A 36 ? PRO A 40  ? VAL A 36 PRO A 40  
B 4 SER A 22 ? VAL A 26  ? SER A 22 VAL A 26  
B 5 VAL A 15 ? LYS A 18  ? VAL A 15 LYS A 18  
# 
loop_
_pdbx_struct_sheet_hbond.sheet_id 
_pdbx_struct_sheet_hbond.range_id_1 
_pdbx_struct_sheet_hbond.range_id_2 
_pdbx_struct_sheet_hbond.range_1_label_atom_id 
_pdbx_struct_sheet_hbond.range_1_label_comp_id 
_pdbx_struct_sheet_hbond.range_1_label_asym_id 
_pdbx_struct_sheet_hbond.range_1_label_seq_id 
_pdbx_struct_sheet_hbond.range_1_PDB_ins_code 
_pdbx_struct_sheet_hbond.range_1_auth_atom_id 
_pdbx_struct_sheet_hbond.range_1_auth_comp_id 
_pdbx_struct_sheet_hbond.range_1_auth_asym_id 
_pdbx_struct_sheet_hbond.range_1_auth_seq_id 
_pdbx_struct_sheet_hbond.range_2_label_atom_id 
_pdbx_struct_sheet_hbond.range_2_label_comp_id 
_pdbx_struct_sheet_hbond.range_2_label_asym_id 
_pdbx_struct_sheet_hbond.range_2_label_seq_id 
_pdbx_struct_sheet_hbond.range_2_PDB_ins_code 
_pdbx_struct_sheet_hbond.range_2_auth_atom_id 
_pdbx_struct_sheet_hbond.range_2_auth_comp_id 
_pdbx_struct_sheet_hbond.range_2_auth_asym_id 
_pdbx_struct_sheet_hbond.range_2_auth_seq_id 
A 1 2 O PHE A 3  ? O PHE A 3  N ILE A 10  ? N ILE A 10  
B 1 2 O SER A 77 ? O SER A 77 N ARG A 102 ? N ARG A 102 
B 2 3 O VAL A 97 ? O VAL A 97 N VAL A 38  ? N VAL A 38  
B 3 4 O LEU A 37 ? O LEU A 37 N LEU A 25  ? N LEU A 25  
B 4 5 O ALA A 24 ? O ALA A 24 N LEU A 17  ? N LEU A 17  
# 
_struct_site.id                   AVE 
_struct_site.pdbx_evidence_code   Unknown 
_struct_site.pdbx_auth_asym_id    ? 
_struct_site.pdbx_auth_comp_id    ? 
_struct_site.pdbx_auth_seq_id     ? 
_struct_site.pdbx_auth_ins_code   ? 
_struct_site.pdbx_num_residues    1 
_struct_site.details              'CATALYTIC HISTIDINE.' 
# 
_struct_site_gen.id                   1 
_struct_site_gen.site_id              AVE 
_struct_site_gen.pdbx_num_res         1 
_struct_site_gen.label_comp_id        HIS 
_struct_site_gen.label_asym_id        A 
_struct_site_gen.label_seq_id         96 
_struct_site_gen.pdbx_auth_ins_code   ? 
_struct_site_gen.auth_comp_id         HIS 
_struct_site_gen.auth_asym_id         A 
_struct_site_gen.auth_seq_id          96 
_struct_site_gen.label_atom_id        . 
_struct_site_gen.label_alt_id         ? 
_struct_site_gen.symmetry             1_555 
_struct_site_gen.details              ? 
# 
_pdbx_entry_details.entry_id                   1FIT 
_pdbx_entry_details.compound_details           ? 
_pdbx_entry_details.source_details             ? 
_pdbx_entry_details.nonpolymer_details         ? 
_pdbx_entry_details.sequence_details           ? 
_pdbx_entry_details.has_ligand_of_interest     ? 
_pdbx_entry_details.has_protein_modification   Y 
# 
_pdbx_validate_torsion.id              1 
_pdbx_validate_torsion.PDB_model_num   1 
_pdbx_validate_torsion.auth_comp_id    THR 
_pdbx_validate_torsion.auth_asym_id    A 
_pdbx_validate_torsion.auth_seq_id     19 
_pdbx_validate_torsion.PDB_ins_code    ? 
_pdbx_validate_torsion.label_alt_id    ? 
_pdbx_validate_torsion.phi             -116.54 
_pdbx_validate_torsion.psi             -168.90 
# 
loop_
_pdbx_struct_mod_residue.id 
_pdbx_struct_mod_residue.label_asym_id 
_pdbx_struct_mod_residue.label_comp_id 
_pdbx_struct_mod_residue.label_seq_id 
_pdbx_struct_mod_residue.auth_asym_id 
_pdbx_struct_mod_residue.auth_comp_id 
_pdbx_struct_mod_residue.auth_seq_id 
_pdbx_struct_mod_residue.PDB_ins_code 
_pdbx_struct_mod_residue.parent_comp_id 
_pdbx_struct_mod_residue.details 
1 A MSE 82  A MSE 82  ? MET SELENOMETHIONINE 
2 A MSE 135 A MSE 135 ? MET SELENOMETHIONINE 
# 
loop_
_pdbx_unobs_or_zero_occ_residues.id 
_pdbx_unobs_or_zero_occ_residues.PDB_model_num 
_pdbx_unobs_or_zero_occ_residues.polymer_flag 
_pdbx_unobs_or_zero_occ_residues.occupancy_flag 
_pdbx_unobs_or_zero_occ_residues.auth_asym_id 
_pdbx_unobs_or_zero_occ_residues.auth_comp_id 
_pdbx_unobs_or_zero_occ_residues.auth_seq_id 
_pdbx_unobs_or_zero_occ_residues.PDB_ins_code 
_pdbx_unobs_or_zero_occ_residues.label_asym_id 
_pdbx_unobs_or_zero_occ_residues.label_comp_id 
_pdbx_unobs_or_zero_occ_residues.label_seq_id 
1  1 Y 1 A MET 1   ? A MET 1   
2  1 Y 1 A PHE 107 ? A PHE 107 
3  1 Y 1 A HIS 108 ? A HIS 108 
4  1 Y 1 A ARG 109 ? A ARG 109 
5  1 Y 1 A ASN 110 ? A ASN 110 
6  1 Y 1 A ASP 111 ? A ASP 111 
7  1 Y 1 A SER 112 ? A SER 112 
8  1 Y 1 A ILE 113 ? A ILE 113 
9  1 Y 1 A TYR 114 ? A TYR 114 
10 1 Y 1 A GLU 115 ? A GLU 115 
11 1 Y 1 A GLU 116 ? A GLU 116 
12 1 Y 1 A LEU 117 ? A LEU 117 
13 1 Y 1 A GLN 118 ? A GLN 118 
14 1 Y 1 A LYS 119 ? A LYS 119 
15 1 Y 1 A HIS 120 ? A HIS 120 
16 1 Y 1 A ASP 121 ? A ASP 121 
17 1 Y 1 A LYS 122 ? A LYS 122 
18 1 Y 1 A GLU 123 ? A GLU 123 
19 1 Y 1 A ASP 124 ? A ASP 124 
20 1 Y 1 A PHE 125 ? A PHE 125 
21 1 Y 1 A PRO 126 ? A PRO 126 
# 
loop_
_chem_comp_atom.comp_id 
_chem_comp_atom.atom_id 
_chem_comp_atom.type_symbol 
_chem_comp_atom.pdbx_aromatic_flag 
_chem_comp_atom.pdbx_stereo_config 
_chem_comp_atom.pdbx_ordinal 
ALA N    N  N N 1   
ALA CA   C  N S 2   
ALA C    C  N N 3   
ALA O    O  N N 4   
ALA CB   C  N N 5   
ALA OXT  O  N N 6   
ALA H    H  N N 7   
ALA H2   H  N N 8   
ALA HA   H  N N 9   
ALA HB1  H  N N 10  
ALA HB2  H  N N 11  
ALA HB3  H  N N 12  
ALA HXT  H  N N 13  
ARG N    N  N N 14  
ARG CA   C  N S 15  
ARG C    C  N N 16  
ARG O    O  N N 17  
ARG CB   C  N N 18  
ARG CG   C  N N 19  
ARG CD   C  N N 20  
ARG NE   N  N N 21  
ARG CZ   C  N N 22  
ARG NH1  N  N N 23  
ARG NH2  N  N N 24  
ARG OXT  O  N N 25  
ARG H    H  N N 26  
ARG H2   H  N N 27  
ARG HA   H  N N 28  
ARG HB2  H  N N 29  
ARG HB3  H  N N 30  
ARG HG2  H  N N 31  
ARG HG3  H  N N 32  
ARG HD2  H  N N 33  
ARG HD3  H  N N 34  
ARG HE   H  N N 35  
ARG HH11 H  N N 36  
ARG HH12 H  N N 37  
ARG HH21 H  N N 38  
ARG HH22 H  N N 39  
ARG HXT  H  N N 40  
ASN N    N  N N 41  
ASN CA   C  N S 42  
ASN C    C  N N 43  
ASN O    O  N N 44  
ASN CB   C  N N 45  
ASN CG   C  N N 46  
ASN OD1  O  N N 47  
ASN ND2  N  N N 48  
ASN OXT  O  N N 49  
ASN H    H  N N 50  
ASN H2   H  N N 51  
ASN HA   H  N N 52  
ASN HB2  H  N N 53  
ASN HB3  H  N N 54  
ASN HD21 H  N N 55  
ASN HD22 H  N N 56  
ASN HXT  H  N N 57  
ASP N    N  N N 58  
ASP CA   C  N S 59  
ASP C    C  N N 60  
ASP O    O  N N 61  
ASP CB   C  N N 62  
ASP CG   C  N N 63  
ASP OD1  O  N N 64  
ASP OD2  O  N N 65  
ASP OXT  O  N N 66  
ASP H    H  N N 67  
ASP H2   H  N N 68  
ASP HA   H  N N 69  
ASP HB2  H  N N 70  
ASP HB3  H  N N 71  
ASP HD2  H  N N 72  
ASP HXT  H  N N 73  
CYS N    N  N N 74  
CYS CA   C  N R 75  
CYS C    C  N N 76  
CYS O    O  N N 77  
CYS CB   C  N N 78  
CYS SG   S  N N 79  
CYS OXT  O  N N 80  
CYS H    H  N N 81  
CYS H2   H  N N 82  
CYS HA   H  N N 83  
CYS HB2  H  N N 84  
CYS HB3  H  N N 85  
CYS HG   H  N N 86  
CYS HXT  H  N N 87  
FRU C1   C  N N 88  
FRU C2   C  N R 89  
FRU C3   C  N S 90  
FRU C4   C  N S 91  
FRU C5   C  N R 92  
FRU C6   C  N N 93  
FRU O1   O  N N 94  
FRU O2   O  N N 95  
FRU O3   O  N N 96  
FRU O4   O  N N 97  
FRU O5   O  N N 98  
FRU O6   O  N N 99  
FRU H11  H  N N 100 
FRU H12  H  N N 101 
FRU H3   H  N N 102 
FRU H4   H  N N 103 
FRU H5   H  N N 104 
FRU H61  H  N N 105 
FRU H62  H  N N 106 
FRU HO1  H  N N 107 
FRU HO2  H  N N 108 
FRU HO3  H  N N 109 
FRU HO4  H  N N 110 
FRU HO6  H  N N 111 
GLN N    N  N N 112 
GLN CA   C  N S 113 
GLN C    C  N N 114 
GLN O    O  N N 115 
GLN CB   C  N N 116 
GLN CG   C  N N 117 
GLN CD   C  N N 118 
GLN OE1  O  N N 119 
GLN NE2  N  N N 120 
GLN OXT  O  N N 121 
GLN H    H  N N 122 
GLN H2   H  N N 123 
GLN HA   H  N N 124 
GLN HB2  H  N N 125 
GLN HB3  H  N N 126 
GLN HG2  H  N N 127 
GLN HG3  H  N N 128 
GLN HE21 H  N N 129 
GLN HE22 H  N N 130 
GLN HXT  H  N N 131 
GLU N    N  N N 132 
GLU CA   C  N S 133 
GLU C    C  N N 134 
GLU O    O  N N 135 
GLU CB   C  N N 136 
GLU CG   C  N N 137 
GLU CD   C  N N 138 
GLU OE1  O  N N 139 
GLU OE2  O  N N 140 
GLU OXT  O  N N 141 
GLU H    H  N N 142 
GLU H2   H  N N 143 
GLU HA   H  N N 144 
GLU HB2  H  N N 145 
GLU HB3  H  N N 146 
GLU HG2  H  N N 147 
GLU HG3  H  N N 148 
GLU HE2  H  N N 149 
GLU HXT  H  N N 150 
GLY N    N  N N 151 
GLY CA   C  N N 152 
GLY C    C  N N 153 
GLY O    O  N N 154 
GLY OXT  O  N N 155 
GLY H    H  N N 156 
GLY H2   H  N N 157 
GLY HA2  H  N N 158 
GLY HA3  H  N N 159 
GLY HXT  H  N N 160 
HIS N    N  N N 161 
HIS CA   C  N S 162 
HIS C    C  N N 163 
HIS O    O  N N 164 
HIS CB   C  N N 165 
HIS CG   C  Y N 166 
HIS ND1  N  Y N 167 
HIS CD2  C  Y N 168 
HIS CE1  C  Y N 169 
HIS NE2  N  Y N 170 
HIS OXT  O  N N 171 
HIS H    H  N N 172 
HIS H2   H  N N 173 
HIS HA   H  N N 174 
HIS HB2  H  N N 175 
HIS HB3  H  N N 176 
HIS HD1  H  N N 177 
HIS HD2  H  N N 178 
HIS HE1  H  N N 179 
HIS HE2  H  N N 180 
HIS HXT  H  N N 181 
HOH O    O  N N 182 
HOH H1   H  N N 183 
HOH H2   H  N N 184 
ILE N    N  N N 185 
ILE CA   C  N S 186 
ILE C    C  N N 187 
ILE O    O  N N 188 
ILE CB   C  N S 189 
ILE CG1  C  N N 190 
ILE CG2  C  N N 191 
ILE CD1  C  N N 192 
ILE OXT  O  N N 193 
ILE H    H  N N 194 
ILE H2   H  N N 195 
ILE HA   H  N N 196 
ILE HB   H  N N 197 
ILE HG12 H  N N 198 
ILE HG13 H  N N 199 
ILE HG21 H  N N 200 
ILE HG22 H  N N 201 
ILE HG23 H  N N 202 
ILE HD11 H  N N 203 
ILE HD12 H  N N 204 
ILE HD13 H  N N 205 
ILE HXT  H  N N 206 
LEU N    N  N N 207 
LEU CA   C  N S 208 
LEU C    C  N N 209 
LEU O    O  N N 210 
LEU CB   C  N N 211 
LEU CG   C  N N 212 
LEU CD1  C  N N 213 
LEU CD2  C  N N 214 
LEU OXT  O  N N 215 
LEU H    H  N N 216 
LEU H2   H  N N 217 
LEU HA   H  N N 218 
LEU HB2  H  N N 219 
LEU HB3  H  N N 220 
LEU HG   H  N N 221 
LEU HD11 H  N N 222 
LEU HD12 H  N N 223 
LEU HD13 H  N N 224 
LEU HD21 H  N N 225 
LEU HD22 H  N N 226 
LEU HD23 H  N N 227 
LEU HXT  H  N N 228 
LYS N    N  N N 229 
LYS CA   C  N S 230 
LYS C    C  N N 231 
LYS O    O  N N 232 
LYS CB   C  N N 233 
LYS CG   C  N N 234 
LYS CD   C  N N 235 
LYS CE   C  N N 236 
LYS NZ   N  N N 237 
LYS OXT  O  N N 238 
LYS H    H  N N 239 
LYS H2   H  N N 240 
LYS HA   H  N N 241 
LYS HB2  H  N N 242 
LYS HB3  H  N N 243 
LYS HG2  H  N N 244 
LYS HG3  H  N N 245 
LYS HD2  H  N N 246 
LYS HD3  H  N N 247 
LYS HE2  H  N N 248 
LYS HE3  H  N N 249 
LYS HZ1  H  N N 250 
LYS HZ2  H  N N 251 
LYS HZ3  H  N N 252 
LYS HXT  H  N N 253 
MET N    N  N N 254 
MET CA   C  N S 255 
MET C    C  N N 256 
MET O    O  N N 257 
MET CB   C  N N 258 
MET CG   C  N N 259 
MET SD   S  N N 260 
MET CE   C  N N 261 
MET OXT  O  N N 262 
MET H    H  N N 263 
MET H2   H  N N 264 
MET HA   H  N N 265 
MET HB2  H  N N 266 
MET HB3  H  N N 267 
MET HG2  H  N N 268 
MET HG3  H  N N 269 
MET HE1  H  N N 270 
MET HE2  H  N N 271 
MET HE3  H  N N 272 
MET HXT  H  N N 273 
MSE N    N  N N 274 
MSE CA   C  N S 275 
MSE C    C  N N 276 
MSE O    O  N N 277 
MSE OXT  O  N N 278 
MSE CB   C  N N 279 
MSE CG   C  N N 280 
MSE SE   SE N N 281 
MSE CE   C  N N 282 
MSE H    H  N N 283 
MSE H2   H  N N 284 
MSE HA   H  N N 285 
MSE HXT  H  N N 286 
MSE HB2  H  N N 287 
MSE HB3  H  N N 288 
MSE HG2  H  N N 289 
MSE HG3  H  N N 290 
MSE HE1  H  N N 291 
MSE HE2  H  N N 292 
MSE HE3  H  N N 293 
PHE N    N  N N 294 
PHE CA   C  N S 295 
PHE C    C  N N 296 
PHE O    O  N N 297 
PHE CB   C  N N 298 
PHE CG   C  Y N 299 
PHE CD1  C  Y N 300 
PHE CD2  C  Y N 301 
PHE CE1  C  Y N 302 
PHE CE2  C  Y N 303 
PHE CZ   C  Y N 304 
PHE OXT  O  N N 305 
PHE H    H  N N 306 
PHE H2   H  N N 307 
PHE HA   H  N N 308 
PHE HB2  H  N N 309 
PHE HB3  H  N N 310 
PHE HD1  H  N N 311 
PHE HD2  H  N N 312 
PHE HE1  H  N N 313 
PHE HE2  H  N N 314 
PHE HZ   H  N N 315 
PHE HXT  H  N N 316 
PRO N    N  N N 317 
PRO CA   C  N S 318 
PRO C    C  N N 319 
PRO O    O  N N 320 
PRO CB   C  N N 321 
PRO CG   C  N N 322 
PRO CD   C  N N 323 
PRO OXT  O  N N 324 
PRO H    H  N N 325 
PRO HA   H  N N 326 
PRO HB2  H  N N 327 
PRO HB3  H  N N 328 
PRO HG2  H  N N 329 
PRO HG3  H  N N 330 
PRO HD2  H  N N 331 
PRO HD3  H  N N 332 
PRO HXT  H  N N 333 
SER N    N  N N 334 
SER CA   C  N S 335 
SER C    C  N N 336 
SER O    O  N N 337 
SER CB   C  N N 338 
SER OG   O  N N 339 
SER OXT  O  N N 340 
SER H    H  N N 341 
SER H2   H  N N 342 
SER HA   H  N N 343 
SER HB2  H  N N 344 
SER HB3  H  N N 345 
SER HG   H  N N 346 
SER HXT  H  N N 347 
SO4 S    S  N N 348 
SO4 O1   O  N N 349 
SO4 O2   O  N N 350 
SO4 O3   O  N N 351 
SO4 O4   O  N N 352 
THR N    N  N N 353 
THR CA   C  N S 354 
THR C    C  N N 355 
THR O    O  N N 356 
THR CB   C  N R 357 
THR OG1  O  N N 358 
THR CG2  C  N N 359 
THR OXT  O  N N 360 
THR H    H  N N 361 
THR H2   H  N N 362 
THR HA   H  N N 363 
THR HB   H  N N 364 
THR HG1  H  N N 365 
THR HG21 H  N N 366 
THR HG22 H  N N 367 
THR HG23 H  N N 368 
THR HXT  H  N N 369 
TRP N    N  N N 370 
TRP CA   C  N S 371 
TRP C    C  N N 372 
TRP O    O  N N 373 
TRP CB   C  N N 374 
TRP CG   C  Y N 375 
TRP CD1  C  Y N 376 
TRP CD2  C  Y N 377 
TRP NE1  N  Y N 378 
TRP CE2  C  Y N 379 
TRP CE3  C  Y N 380 
TRP CZ2  C  Y N 381 
TRP CZ3  C  Y N 382 
TRP CH2  C  Y N 383 
TRP OXT  O  N N 384 
TRP H    H  N N 385 
TRP H2   H  N N 386 
TRP HA   H  N N 387 
TRP HB2  H  N N 388 
TRP HB3  H  N N 389 
TRP HD1  H  N N 390 
TRP HE1  H  N N 391 
TRP HE3  H  N N 392 
TRP HZ2  H  N N 393 
TRP HZ3  H  N N 394 
TRP HH2  H  N N 395 
TRP HXT  H  N N 396 
TYR N    N  N N 397 
TYR CA   C  N S 398 
TYR C    C  N N 399 
TYR O    O  N N 400 
TYR CB   C  N N 401 
TYR CG   C  Y N 402 
TYR CD1  C  Y N 403 
TYR CD2  C  Y N 404 
TYR CE1  C  Y N 405 
TYR CE2  C  Y N 406 
TYR CZ   C  Y N 407 
TYR OH   O  N N 408 
TYR OXT  O  N N 409 
TYR H    H  N N 410 
TYR H2   H  N N 411 
TYR HA   H  N N 412 
TYR HB2  H  N N 413 
TYR HB3  H  N N 414 
TYR HD1  H  N N 415 
TYR HD2  H  N N 416 
TYR HE1  H  N N 417 
TYR HE2  H  N N 418 
TYR HH   H  N N 419 
TYR HXT  H  N N 420 
VAL N    N  N N 421 
VAL CA   C  N S 422 
VAL C    C  N N 423 
VAL O    O  N N 424 
VAL CB   C  N N 425 
VAL CG1  C  N N 426 
VAL CG2  C  N N 427 
VAL OXT  O  N N 428 
VAL H    H  N N 429 
VAL H2   H  N N 430 
VAL HA   H  N N 431 
VAL HB   H  N N 432 
VAL HG11 H  N N 433 
VAL HG12 H  N N 434 
VAL HG13 H  N N 435 
VAL HG21 H  N N 436 
VAL HG22 H  N N 437 
VAL HG23 H  N N 438 
VAL HXT  H  N N 439 
# 
loop_
_chem_comp_bond.comp_id 
_chem_comp_bond.atom_id_1 
_chem_comp_bond.atom_id_2 
_chem_comp_bond.value_order 
_chem_comp_bond.pdbx_aromatic_flag 
_chem_comp_bond.pdbx_stereo_config 
_chem_comp_bond.pdbx_ordinal 
ALA N   CA   sing N N 1   
ALA N   H    sing N N 2   
ALA N   H2   sing N N 3   
ALA CA  C    sing N N 4   
ALA CA  CB   sing N N 5   
ALA CA  HA   sing N N 6   
ALA C   O    doub N N 7   
ALA C   OXT  sing N N 8   
ALA CB  HB1  sing N N 9   
ALA CB  HB2  sing N N 10  
ALA CB  HB3  sing N N 11  
ALA OXT HXT  sing N N 12  
ARG N   CA   sing N N 13  
ARG N   H    sing N N 14  
ARG N   H2   sing N N 15  
ARG CA  C    sing N N 16  
ARG CA  CB   sing N N 17  
ARG CA  HA   sing N N 18  
ARG C   O    doub N N 19  
ARG C   OXT  sing N N 20  
ARG CB  CG   sing N N 21  
ARG CB  HB2  sing N N 22  
ARG CB  HB3  sing N N 23  
ARG CG  CD   sing N N 24  
ARG CG  HG2  sing N N 25  
ARG CG  HG3  sing N N 26  
ARG CD  NE   sing N N 27  
ARG CD  HD2  sing N N 28  
ARG CD  HD3  sing N N 29  
ARG NE  CZ   sing N N 30  
ARG NE  HE   sing N N 31  
ARG CZ  NH1  sing N N 32  
ARG CZ  NH2  doub N N 33  
ARG NH1 HH11 sing N N 34  
ARG NH1 HH12 sing N N 35  
ARG NH2 HH21 sing N N 36  
ARG NH2 HH22 sing N N 37  
ARG OXT HXT  sing N N 38  
ASN N   CA   sing N N 39  
ASN N   H    sing N N 40  
ASN N   H2   sing N N 41  
ASN CA  C    sing N N 42  
ASN CA  CB   sing N N 43  
ASN CA  HA   sing N N 44  
ASN C   O    doub N N 45  
ASN C   OXT  sing N N 46  
ASN CB  CG   sing N N 47  
ASN CB  HB2  sing N N 48  
ASN CB  HB3  sing N N 49  
ASN CG  OD1  doub N N 50  
ASN CG  ND2  sing N N 51  
ASN ND2 HD21 sing N N 52  
ASN ND2 HD22 sing N N 53  
ASN OXT HXT  sing N N 54  
ASP N   CA   sing N N 55  
ASP N   H    sing N N 56  
ASP N   H2   sing N N 57  
ASP CA  C    sing N N 58  
ASP CA  CB   sing N N 59  
ASP CA  HA   sing N N 60  
ASP C   O    doub N N 61  
ASP C   OXT  sing N N 62  
ASP CB  CG   sing N N 63  
ASP CB  HB2  sing N N 64  
ASP CB  HB3  sing N N 65  
ASP CG  OD1  doub N N 66  
ASP CG  OD2  sing N N 67  
ASP OD2 HD2  sing N N 68  
ASP OXT HXT  sing N N 69  
CYS N   CA   sing N N 70  
CYS N   H    sing N N 71  
CYS N   H2   sing N N 72  
CYS CA  C    sing N N 73  
CYS CA  CB   sing N N 74  
CYS CA  HA   sing N N 75  
CYS C   O    doub N N 76  
CYS C   OXT  sing N N 77  
CYS CB  SG   sing N N 78  
CYS CB  HB2  sing N N 79  
CYS CB  HB3  sing N N 80  
CYS SG  HG   sing N N 81  
CYS OXT HXT  sing N N 82  
FRU C1  C2   sing N N 83  
FRU C1  O1   sing N N 84  
FRU C1  H11  sing N N 85  
FRU C1  H12  sing N N 86  
FRU C2  C3   sing N N 87  
FRU C2  O2   sing N N 88  
FRU C2  O5   sing N N 89  
FRU C3  C4   sing N N 90  
FRU C3  O3   sing N N 91  
FRU C3  H3   sing N N 92  
FRU C4  C5   sing N N 93  
FRU C4  O4   sing N N 94  
FRU C4  H4   sing N N 95  
FRU C5  C6   sing N N 96  
FRU C5  O5   sing N N 97  
FRU C5  H5   sing N N 98  
FRU C6  O6   sing N N 99  
FRU C6  H61  sing N N 100 
FRU C6  H62  sing N N 101 
FRU O1  HO1  sing N N 102 
FRU O2  HO2  sing N N 103 
FRU O3  HO3  sing N N 104 
FRU O4  HO4  sing N N 105 
FRU O6  HO6  sing N N 106 
GLN N   CA   sing N N 107 
GLN N   H    sing N N 108 
GLN N   H2   sing N N 109 
GLN CA  C    sing N N 110 
GLN CA  CB   sing N N 111 
GLN CA  HA   sing N N 112 
GLN C   O    doub N N 113 
GLN C   OXT  sing N N 114 
GLN CB  CG   sing N N 115 
GLN CB  HB2  sing N N 116 
GLN CB  HB3  sing N N 117 
GLN CG  CD   sing N N 118 
GLN CG  HG2  sing N N 119 
GLN CG  HG3  sing N N 120 
GLN CD  OE1  doub N N 121 
GLN CD  NE2  sing N N 122 
GLN NE2 HE21 sing N N 123 
GLN NE2 HE22 sing N N 124 
GLN OXT HXT  sing N N 125 
GLU N   CA   sing N N 126 
GLU N   H    sing N N 127 
GLU N   H2   sing N N 128 
GLU CA  C    sing N N 129 
GLU CA  CB   sing N N 130 
GLU CA  HA   sing N N 131 
GLU C   O    doub N N 132 
GLU C   OXT  sing N N 133 
GLU CB  CG   sing N N 134 
GLU CB  HB2  sing N N 135 
GLU CB  HB3  sing N N 136 
GLU CG  CD   sing N N 137 
GLU CG  HG2  sing N N 138 
GLU CG  HG3  sing N N 139 
GLU CD  OE1  doub N N 140 
GLU CD  OE2  sing N N 141 
GLU OE2 HE2  sing N N 142 
GLU OXT HXT  sing N N 143 
GLY N   CA   sing N N 144 
GLY N   H    sing N N 145 
GLY N   H2   sing N N 146 
GLY CA  C    sing N N 147 
GLY CA  HA2  sing N N 148 
GLY CA  HA3  sing N N 149 
GLY C   O    doub N N 150 
GLY C   OXT  sing N N 151 
GLY OXT HXT  sing N N 152 
HIS N   CA   sing N N 153 
HIS N   H    sing N N 154 
HIS N   H2   sing N N 155 
HIS CA  C    sing N N 156 
HIS CA  CB   sing N N 157 
HIS CA  HA   sing N N 158 
HIS C   O    doub N N 159 
HIS C   OXT  sing N N 160 
HIS CB  CG   sing N N 161 
HIS CB  HB2  sing N N 162 
HIS CB  HB3  sing N N 163 
HIS CG  ND1  sing Y N 164 
HIS CG  CD2  doub Y N 165 
HIS ND1 CE1  doub Y N 166 
HIS ND1 HD1  sing N N 167 
HIS CD2 NE2  sing Y N 168 
HIS CD2 HD2  sing N N 169 
HIS CE1 NE2  sing Y N 170 
HIS CE1 HE1  sing N N 171 
HIS NE2 HE2  sing N N 172 
HIS OXT HXT  sing N N 173 
HOH O   H1   sing N N 174 
HOH O   H2   sing N N 175 
ILE N   CA   sing N N 176 
ILE N   H    sing N N 177 
ILE N   H2   sing N N 178 
ILE CA  C    sing N N 179 
ILE CA  CB   sing N N 180 
ILE CA  HA   sing N N 181 
ILE C   O    doub N N 182 
ILE C   OXT  sing N N 183 
ILE CB  CG1  sing N N 184 
ILE CB  CG2  sing N N 185 
ILE CB  HB   sing N N 186 
ILE CG1 CD1  sing N N 187 
ILE CG1 HG12 sing N N 188 
ILE CG1 HG13 sing N N 189 
ILE CG2 HG21 sing N N 190 
ILE CG2 HG22 sing N N 191 
ILE CG2 HG23 sing N N 192 
ILE CD1 HD11 sing N N 193 
ILE CD1 HD12 sing N N 194 
ILE CD1 HD13 sing N N 195 
ILE OXT HXT  sing N N 196 
LEU N   CA   sing N N 197 
LEU N   H    sing N N 198 
LEU N   H2   sing N N 199 
LEU CA  C    sing N N 200 
LEU CA  CB   sing N N 201 
LEU CA  HA   sing N N 202 
LEU C   O    doub N N 203 
LEU C   OXT  sing N N 204 
LEU CB  CG   sing N N 205 
LEU CB  HB2  sing N N 206 
LEU CB  HB3  sing N N 207 
LEU CG  CD1  sing N N 208 
LEU CG  CD2  sing N N 209 
LEU CG  HG   sing N N 210 
LEU CD1 HD11 sing N N 211 
LEU CD1 HD12 sing N N 212 
LEU CD1 HD13 sing N N 213 
LEU CD2 HD21 sing N N 214 
LEU CD2 HD22 sing N N 215 
LEU CD2 HD23 sing N N 216 
LEU OXT HXT  sing N N 217 
LYS N   CA   sing N N 218 
LYS N   H    sing N N 219 
LYS N   H2   sing N N 220 
LYS CA  C    sing N N 221 
LYS CA  CB   sing N N 222 
LYS CA  HA   sing N N 223 
LYS C   O    doub N N 224 
LYS C   OXT  sing N N 225 
LYS CB  CG   sing N N 226 
LYS CB  HB2  sing N N 227 
LYS CB  HB3  sing N N 228 
LYS CG  CD   sing N N 229 
LYS CG  HG2  sing N N 230 
LYS CG  HG3  sing N N 231 
LYS CD  CE   sing N N 232 
LYS CD  HD2  sing N N 233 
LYS CD  HD3  sing N N 234 
LYS CE  NZ   sing N N 235 
LYS CE  HE2  sing N N 236 
LYS CE  HE3  sing N N 237 
LYS NZ  HZ1  sing N N 238 
LYS NZ  HZ2  sing N N 239 
LYS NZ  HZ3  sing N N 240 
LYS OXT HXT  sing N N 241 
MET N   CA   sing N N 242 
MET N   H    sing N N 243 
MET N   H2   sing N N 244 
MET CA  C    sing N N 245 
MET CA  CB   sing N N 246 
MET CA  HA   sing N N 247 
MET C   O    doub N N 248 
MET C   OXT  sing N N 249 
MET CB  CG   sing N N 250 
MET CB  HB2  sing N N 251 
MET CB  HB3  sing N N 252 
MET CG  SD   sing N N 253 
MET CG  HG2  sing N N 254 
MET CG  HG3  sing N N 255 
MET SD  CE   sing N N 256 
MET CE  HE1  sing N N 257 
MET CE  HE2  sing N N 258 
MET CE  HE3  sing N N 259 
MET OXT HXT  sing N N 260 
MSE N   CA   sing N N 261 
MSE N   H    sing N N 262 
MSE N   H2   sing N N 263 
MSE CA  C    sing N N 264 
MSE CA  CB   sing N N 265 
MSE CA  HA   sing N N 266 
MSE C   O    doub N N 267 
MSE C   OXT  sing N N 268 
MSE OXT HXT  sing N N 269 
MSE CB  CG   sing N N 270 
MSE CB  HB2  sing N N 271 
MSE CB  HB3  sing N N 272 
MSE CG  SE   sing N N 273 
MSE CG  HG2  sing N N 274 
MSE CG  HG3  sing N N 275 
MSE SE  CE   sing N N 276 
MSE CE  HE1  sing N N 277 
MSE CE  HE2  sing N N 278 
MSE CE  HE3  sing N N 279 
PHE N   CA   sing N N 280 
PHE N   H    sing N N 281 
PHE N   H2   sing N N 282 
PHE CA  C    sing N N 283 
PHE CA  CB   sing N N 284 
PHE CA  HA   sing N N 285 
PHE C   O    doub N N 286 
PHE C   OXT  sing N N 287 
PHE CB  CG   sing N N 288 
PHE CB  HB2  sing N N 289 
PHE CB  HB3  sing N N 290 
PHE CG  CD1  doub Y N 291 
PHE CG  CD2  sing Y N 292 
PHE CD1 CE1  sing Y N 293 
PHE CD1 HD1  sing N N 294 
PHE CD2 CE2  doub Y N 295 
PHE CD2 HD2  sing N N 296 
PHE CE1 CZ   doub Y N 297 
PHE CE1 HE1  sing N N 298 
PHE CE2 CZ   sing Y N 299 
PHE CE2 HE2  sing N N 300 
PHE CZ  HZ   sing N N 301 
PHE OXT HXT  sing N N 302 
PRO N   CA   sing N N 303 
PRO N   CD   sing N N 304 
PRO N   H    sing N N 305 
PRO CA  C    sing N N 306 
PRO CA  CB   sing N N 307 
PRO CA  HA   sing N N 308 
PRO C   O    doub N N 309 
PRO C   OXT  sing N N 310 
PRO CB  CG   sing N N 311 
PRO CB  HB2  sing N N 312 
PRO CB  HB3  sing N N 313 
PRO CG  CD   sing N N 314 
PRO CG  HG2  sing N N 315 
PRO CG  HG3  sing N N 316 
PRO CD  HD2  sing N N 317 
PRO CD  HD3  sing N N 318 
PRO OXT HXT  sing N N 319 
SER N   CA   sing N N 320 
SER N   H    sing N N 321 
SER N   H2   sing N N 322 
SER CA  C    sing N N 323 
SER CA  CB   sing N N 324 
SER CA  HA   sing N N 325 
SER C   O    doub N N 326 
SER C   OXT  sing N N 327 
SER CB  OG   sing N N 328 
SER CB  HB2  sing N N 329 
SER CB  HB3  sing N N 330 
SER OG  HG   sing N N 331 
SER OXT HXT  sing N N 332 
SO4 S   O1   doub N N 333 
SO4 S   O2   doub N N 334 
SO4 S   O3   sing N N 335 
SO4 S   O4   sing N N 336 
THR N   CA   sing N N 337 
THR N   H    sing N N 338 
THR N   H2   sing N N 339 
THR CA  C    sing N N 340 
THR CA  CB   sing N N 341 
THR CA  HA   sing N N 342 
THR C   O    doub N N 343 
THR C   OXT  sing N N 344 
THR CB  OG1  sing N N 345 
THR CB  CG2  sing N N 346 
THR CB  HB   sing N N 347 
THR OG1 HG1  sing N N 348 
THR CG2 HG21 sing N N 349 
THR CG2 HG22 sing N N 350 
THR CG2 HG23 sing N N 351 
THR OXT HXT  sing N N 352 
TRP N   CA   sing N N 353 
TRP N   H    sing N N 354 
TRP N   H2   sing N N 355 
TRP CA  C    sing N N 356 
TRP CA  CB   sing N N 357 
TRP CA  HA   sing N N 358 
TRP C   O    doub N N 359 
TRP C   OXT  sing N N 360 
TRP CB  CG   sing N N 361 
TRP CB  HB2  sing N N 362 
TRP CB  HB3  sing N N 363 
TRP CG  CD1  doub Y N 364 
TRP CG  CD2  sing Y N 365 
TRP CD1 NE1  sing Y N 366 
TRP CD1 HD1  sing N N 367 
TRP CD2 CE2  doub Y N 368 
TRP CD2 CE3  sing Y N 369 
TRP NE1 CE2  sing Y N 370 
TRP NE1 HE1  sing N N 371 
TRP CE2 CZ2  sing Y N 372 
TRP CE3 CZ3  doub Y N 373 
TRP CE3 HE3  sing N N 374 
TRP CZ2 CH2  doub Y N 375 
TRP CZ2 HZ2  sing N N 376 
TRP CZ3 CH2  sing Y N 377 
TRP CZ3 HZ3  sing N N 378 
TRP CH2 HH2  sing N N 379 
TRP OXT HXT  sing N N 380 
TYR N   CA   sing N N 381 
TYR N   H    sing N N 382 
TYR N   H2   sing N N 383 
TYR CA  C    sing N N 384 
TYR CA  CB   sing N N 385 
TYR CA  HA   sing N N 386 
TYR C   O    doub N N 387 
TYR C   OXT  sing N N 388 
TYR CB  CG   sing N N 389 
TYR CB  HB2  sing N N 390 
TYR CB  HB3  sing N N 391 
TYR CG  CD1  doub Y N 392 
TYR CG  CD2  sing Y N 393 
TYR CD1 CE1  sing Y N 394 
TYR CD1 HD1  sing N N 395 
TYR CD2 CE2  doub Y N 396 
TYR CD2 HD2  sing N N 397 
TYR CE1 CZ   doub Y N 398 
TYR CE1 HE1  sing N N 399 
TYR CE2 CZ   sing Y N 400 
TYR CE2 HE2  sing N N 401 
TYR CZ  OH   sing N N 402 
TYR OH  HH   sing N N 403 
TYR OXT HXT  sing N N 404 
VAL N   CA   sing N N 405 
VAL N   H    sing N N 406 
VAL N   H2   sing N N 407 
VAL CA  C    sing N N 408 
VAL CA  CB   sing N N 409 
VAL CA  HA   sing N N 410 
VAL C   O    doub N N 411 
VAL C   OXT  sing N N 412 
VAL CB  CG1  sing N N 413 
VAL CB  CG2  sing N N 414 
VAL CB  HB   sing N N 415 
VAL CG1 HG11 sing N N 416 
VAL CG1 HG12 sing N N 417 
VAL CG1 HG13 sing N N 418 
VAL CG2 HG21 sing N N 419 
VAL CG2 HG22 sing N N 420 
VAL CG2 HG23 sing N N 421 
VAL OXT HXT  sing N N 422 
# 
_atom_sites.entry_id                    1FIT 
_atom_sites.fract_transf_matrix[1][1]   -0.00000166 
_atom_sites.fract_transf_matrix[1][2]   -0.00289969 
_atom_sites.fract_transf_matrix[1][3]   0.02263528 
_atom_sites.fract_transf_matrix[2][1]   0.01720518 
_atom_sites.fract_transf_matrix[2][2]   0.00819339 
_atom_sites.fract_transf_matrix[2][3]   0.01255399 
_atom_sites.fract_transf_matrix[3][1]   -0.00183544 
_atom_sites.fract_transf_matrix[3][2]   0.00322200 
_atom_sites.fract_transf_matrix[3][3]   0.00041262 
_atom_sites.fract_transf_vector[1]      0.549780 
_atom_sites.fract_transf_vector[2]      0.465361 
_atom_sites.fract_transf_vector[3]      0.108035 
# 
loop_
_atom_type.symbol 
C  
N  
O  
S  
SE 
# 
loop_
_atom_site.group_PDB 
_atom_site.id 
_atom_site.type_symbol 
_atom_site.label_atom_id 
_atom_site.label_alt_id 
_atom_site.label_comp_id 
_atom_site.label_asym_id 
_atom_site.label_entity_id 
_atom_site.label_seq_id 
_atom_site.pdbx_PDB_ins_code 
_atom_site.Cartn_x 
_atom_site.Cartn_y 
_atom_site.Cartn_z 
_atom_site.occupancy 
_atom_site.B_iso_or_equiv 
_atom_site.pdbx_formal_charge 
_atom_site.auth_seq_id 
_atom_site.auth_comp_id 
_atom_site.auth_asym_id 
_atom_site.auth_atom_id 
_atom_site.pdbx_PDB_model_num 
ATOM   1    N  N   . SER A 1 2   ? 12.342  5.922   6.478   1.00 47.33 ? 2   SER A N   1 
ATOM   2    C  CA  . SER A 1 2   ? 12.754  5.051   7.617   1.00 46.75 ? 2   SER A CA  1 
ATOM   3    C  C   . SER A 1 2   ? 11.946  3.747   7.646   1.00 44.90 ? 2   SER A C   1 
ATOM   4    O  O   . SER A 1 2   ? 11.789  3.103   8.712   1.00 45.78 ? 2   SER A O   1 
ATOM   5    C  CB  . SER A 1 2   ? 12.614  5.813   8.952   1.00 49.49 ? 2   SER A CB  1 
ATOM   6    O  OG  . SER A 1 2   ? 11.718  6.909   8.839   1.00 51.00 ? 2   SER A OG  1 
ATOM   7    N  N   . PHE A 1 3   ? 11.434  3.382   6.467   1.00 41.90 ? 3   PHE A N   1 
ATOM   8    C  CA  . PHE A 1 3   ? 10.642  2.173   6.283   1.00 38.13 ? 3   PHE A CA  1 
ATOM   9    C  C   . PHE A 1 3   ? 11.331  1.465   5.126   1.00 36.78 ? 3   PHE A C   1 
ATOM   10   O  O   . PHE A 1 3   ? 11.695  2.112   4.153   1.00 36.57 ? 3   PHE A O   1 
ATOM   11   C  CB  . PHE A 1 3   ? 9.213   2.552   5.872   1.00 33.42 ? 3   PHE A CB  1 
ATOM   12   C  CG  . PHE A 1 3   ? 8.443   3.310   6.916   1.00 27.69 ? 3   PHE A CG  1 
ATOM   13   C  CD1 . PHE A 1 3   ? 8.541   4.692   7.008   1.00 26.56 ? 3   PHE A CD1 1 
ATOM   14   C  CD2 . PHE A 1 3   ? 7.611   2.645   7.780   1.00 24.78 ? 3   PHE A CD2 1 
ATOM   15   C  CE1 . PHE A 1 3   ? 7.837   5.391   7.937   1.00 25.79 ? 3   PHE A CE1 1 
ATOM   16   C  CE2 . PHE A 1 3   ? 6.897   3.316   8.717   1.00 26.72 ? 3   PHE A CE2 1 
ATOM   17   C  CZ  . PHE A 1 3   ? 7.007   4.711   8.807   1.00 28.04 ? 3   PHE A CZ  1 
ATOM   18   N  N   . ARG A 1 4   ? 11.586  0.170   5.241   1.00 35.76 ? 4   ARG A N   1 
ATOM   19   C  CA  . ARG A 1 4   ? 12.232  -0.532  4.133   1.00 34.58 ? 4   ARG A CA  1 
ATOM   20   C  C   . ARG A 1 4   ? 11.172  -1.040  3.196   1.00 33.16 ? 4   ARG A C   1 
ATOM   21   O  O   . ARG A 1 4   ? 10.123  -1.488  3.640   1.00 33.65 ? 4   ARG A O   1 
ATOM   22   C  CB  . ARG A 1 4   ? 12.957  -1.801  4.576   1.00 35.48 ? 4   ARG A CB  1 
ATOM   23   C  CG  . ARG A 1 4   ? 13.921  -1.685  5.682   1.00 39.44 ? 4   ARG A CG  1 
ATOM   24   C  CD  . ARG A 1 4   ? 14.557  -3.076  5.881   1.00 45.83 ? 4   ARG A CD  1 
ATOM   25   N  NE  . ARG A 1 4   ? 15.104  -3.660  4.640   1.00 48.10 ? 4   ARG A NE  1 
ATOM   26   C  CZ  . ARG A 1 4   ? 15.950  -4.698  4.579   1.00 49.51 ? 4   ARG A CZ  1 
ATOM   27   N  NH1 . ARG A 1 4   ? 16.385  -5.317  5.677   1.00 48.65 ? 4   ARG A NH1 1 
ATOM   28   N  NH2 . ARG A 1 4   ? 16.360  -5.130  3.389   1.00 50.33 ? 4   ARG A NH2 1 
ATOM   29   N  N   . PHE A 1 5   ? 11.507  -1.114  1.924   1.00 31.63 ? 5   PHE A N   1 
ATOM   30   C  CA  . PHE A 1 5   ? 10.615  -1.655  0.937   1.00 30.73 ? 5   PHE A CA  1 
ATOM   31   C  C   . PHE A 1 5   ? 11.572  -2.250  -0.062  1.00 30.07 ? 5   PHE A C   1 
ATOM   32   O  O   . PHE A 1 5   ? 11.937  -1.632  -1.052  1.00 29.29 ? 5   PHE A O   1 
ATOM   33   C  CB  . PHE A 1 5   ? 9.692   -0.593  0.333   1.00 30.59 ? 5   PHE A CB  1 
ATOM   34   C  CG  . PHE A 1 5   ? 8.723   -1.147  -0.675  1.00 32.66 ? 5   PHE A CG  1 
ATOM   35   C  CD1 . PHE A 1 5   ? 7.787   -2.121  -0.305  1.00 37.01 ? 5   PHE A CD1 1 
ATOM   36   C  CD2 . PHE A 1 5   ? 8.773   -0.756  -2.008  1.00 32.62 ? 5   PHE A CD2 1 
ATOM   37   C  CE1 . PHE A 1 5   ? 6.916   -2.698  -1.266  1.00 35.60 ? 5   PHE A CE1 1 
ATOM   38   C  CE2 . PHE A 1 5   ? 7.905   -1.328  -2.969  1.00 33.19 ? 5   PHE A CE2 1 
ATOM   39   C  CZ  . PHE A 1 5   ? 6.982   -2.295  -2.592  1.00 32.84 ? 5   PHE A CZ  1 
ATOM   40   N  N   . GLY A 1 6   ? 11.971  -3.485  0.213   1.00 30.64 ? 6   GLY A N   1 
ATOM   41   C  CA  . GLY A 1 6   ? 12.948  -4.144  -0.627  1.00 31.29 ? 6   GLY A CA  1 
ATOM   42   C  C   . GLY A 1 6   ? 14.282  -3.475  -0.290  1.00 31.78 ? 6   GLY A C   1 
ATOM   43   O  O   . GLY A 1 6   ? 14.643  -3.335  0.896   1.00 31.10 ? 6   GLY A O   1 
ATOM   44   N  N   . GLN A 1 7   ? 14.989  -2.998  -1.309  1.00 32.26 ? 7   GLN A N   1 
ATOM   45   C  CA  . GLN A 1 7   ? 16.257  -2.322  -1.021  1.00 33.94 ? 7   GLN A CA  1 
ATOM   46   C  C   . GLN A 1 7   ? 16.170  -0.785  -1.013  1.00 34.23 ? 7   GLN A C   1 
ATOM   47   O  O   . GLN A 1 7   ? 17.184  -0.105  -1.226  1.00 34.84 ? 7   GLN A O   1 
ATOM   48   C  CB  . GLN A 1 7   ? 17.404  -2.817  -1.927  1.00 33.93 ? 7   GLN A CB  1 
ATOM   49   C  CG  . GLN A 1 7   ? 17.821  -4.311  -1.712  1.00 37.41 ? 7   GLN A CG  1 
ATOM   50   C  CD  . GLN A 1 7   ? 18.091  -4.698  -0.241  1.00 38.40 ? 7   GLN A CD  1 
ATOM   51   O  OE1 . GLN A 1 7   ? 19.069  -4.253  0.375   1.00 40.62 ? 7   GLN A OE1 1 
ATOM   52   N  NE2 . GLN A 1 7   ? 17.228  -5.546  0.313   1.00 39.15 ? 7   GLN A NE2 1 
ATOM   53   N  N   . HIS A 1 8   ? 14.964  -0.229  -0.895  1.00 33.85 ? 8   HIS A N   1 
ATOM   54   C  CA  . HIS A 1 8   ? 14.872  1.219   -0.805  1.00 34.07 ? 8   HIS A CA  1 
ATOM   55   C  C   . HIS A 1 8   ? 14.250  1.677   0.464   1.00 32.38 ? 8   HIS A C   1 
ATOM   56   O  O   . HIS A 1 8   ? 13.562  0.922   1.128   1.00 31.94 ? 8   HIS A O   1 
ATOM   57   C  CB  . HIS A 1 8   ? 14.212  1.954   -1.990  1.00 38.74 ? 8   HIS A CB  1 
ATOM   58   C  CG  . HIS A 1 8   ? 13.344  1.111   -2.860  1.00 44.53 ? 8   HIS A CG  1 
ATOM   59   N  ND1 . HIS A 1 8   ? 13.835  0.405   -3.933  1.00 48.42 ? 8   HIS A ND1 1 
ATOM   60   C  CD2 . HIS A 1 8   ? 12.008  0.899   -2.843  1.00 49.31 ? 8   HIS A CD2 1 
ATOM   61   C  CE1 . HIS A 1 8   ? 12.838  -0.218  -4.545  1.00 50.46 ? 8   HIS A CE1 1 
ATOM   62   N  NE2 . HIS A 1 8   ? 11.721  0.067   -3.904  1.00 51.99 ? 8   HIS A NE2 1 
ATOM   63   N  N   . LEU A 1 9   ? 14.648  2.871   0.868   1.00 30.80 ? 9   LEU A N   1 
ATOM   64   C  CA  . LEU A 1 9   ? 14.117  3.490   2.043   1.00 29.79 ? 9   LEU A CA  1 
ATOM   65   C  C   . LEU A 1 9   ? 12.975  4.360   1.554   1.00 27.87 ? 9   LEU A C   1 
ATOM   66   O  O   . LEU A 1 9   ? 13.040  4.936   0.478   1.00 26.66 ? 9   LEU A O   1 
ATOM   67   C  CB  . LEU A 1 9   ? 15.167  4.331   2.720   1.00 31.57 ? 9   LEU A CB  1 
ATOM   68   C  CG  . LEU A 1 9   ? 16.137  3.504   3.550   1.00 34.57 ? 9   LEU A CG  1 
ATOM   69   C  CD1 . LEU A 1 9   ? 17.228  4.470   3.975   1.00 36.63 ? 9   LEU A CD1 1 
ATOM   70   C  CD2 . LEU A 1 9   ? 15.449  2.843   4.771   1.00 34.44 ? 9   LEU A CD2 1 
ATOM   71   N  N   . ILE A 1 10  ? 11.883  4.321   2.297   1.00 27.32 ? 10  ILE A N   1 
ATOM   72   C  CA  . ILE A 1 10  ? 10.682  5.080   1.980   1.00 25.94 ? 10  ILE A CA  1 
ATOM   73   C  C   . ILE A 1 10  ? 10.608  6.213   3.003   1.00 25.33 ? 10  ILE A C   1 
ATOM   74   O  O   . ILE A 1 10  ? 10.734  5.992   4.219   1.00 24.87 ? 10  ILE A O   1 
ATOM   75   C  CB  . ILE A 1 10  ? 9.381   4.179   2.079   1.00 24.94 ? 10  ILE A CB  1 
ATOM   76   C  CG1 . ILE A 1 10  ? 9.447   2.960   1.123   1.00 21.64 ? 10  ILE A CG1 1 
ATOM   77   C  CG2 . ILE A 1 10  ? 8.137   5.015   1.826   1.00 23.99 ? 10  ILE A CG2 1 
ATOM   78   C  CD1 . ILE A 1 10  ? 9.565   3.277   -0.370  1.00 19.03 ? 10  ILE A CD1 1 
ATOM   79   N  N   . LYS A 1 11  ? 10.461  7.439   2.518   1.00 25.11 ? 11  LYS A N   1 
ATOM   80   C  CA  . LYS A 1 11  ? 10.376  8.554   3.439   1.00 24.85 ? 11  LYS A CA  1 
ATOM   81   C  C   . LYS A 1 11  ? 9.014   8.520   4.089   1.00 23.83 ? 11  LYS A C   1 
ATOM   82   O  O   . LYS A 1 11  ? 8.013   8.221   3.436   1.00 23.46 ? 11  LYS A O   1 
ATOM   83   C  CB  . LYS A 1 11  ? 10.558  9.835   2.692   1.00 26.11 ? 11  LYS A CB  1 
ATOM   84   C  CG  . LYS A 1 11  ? 11.979  10.078  2.340   1.00 28.89 ? 11  LYS A CG  1 
ATOM   85   C  CD  . LYS A 1 11  ? 11.953  10.990  1.157   1.00 33.08 ? 11  LYS A CD  1 
ATOM   86   C  CE  . LYS A 1 11  ? 13.312  11.169  0.526   1.00 37.35 ? 11  LYS A CE  1 
ATOM   87   N  NZ  . LYS A 1 11  ? 13.148  11.598  -0.899  1.00 39.55 ? 11  LYS A NZ  1 
ATOM   88   N  N   . PRO A 1 12  ? 8.965   8.823   5.386   1.00 23.34 ? 12  PRO A N   1 
ATOM   89   C  CA  . PRO A 1 12  ? 7.780   8.862   6.249   1.00 23.34 ? 12  PRO A CA  1 
ATOM   90   C  C   . PRO A 1 12  ? 6.700   9.721   5.643   1.00 23.24 ? 12  PRO A C   1 
ATOM   91   O  O   . PRO A 1 12  ? 5.521   9.452   5.815   1.00 22.97 ? 12  PRO A O   1 
ATOM   92   C  CB  . PRO A 1 12  ? 8.301   9.496   7.533   1.00 22.17 ? 12  PRO A CB  1 
ATOM   93   C  CG  . PRO A 1 12  ? 9.711   9.116   7.541   1.00 23.17 ? 12  PRO A CG  1 
ATOM   94   C  CD  . PRO A 1 12  ? 10.157  9.266   6.120   1.00 22.49 ? 12  PRO A CD  1 
ATOM   95   N  N   . SER A 1 13  ? 7.128   10.716  4.867   1.00 23.53 ? 13  SER A N   1 
ATOM   96   C  CA  . SER A 1 13  ? 6.212   11.669  4.232   1.00 23.55 ? 13  SER A CA  1 
ATOM   97   C  C   . SER A 1 13  ? 5.225   10.995  3.270   1.00 22.67 ? 13  SER A C   1 
ATOM   98   O  O   . SER A 1 13  ? 4.154   11.538  2.971   1.00 22.54 ? 13  SER A O   1 
ATOM   99   C  CB  . SER A 1 13  ? 7.016   12.753  3.488   1.00 22.18 ? 13  SER A CB  1 
ATOM   100  O  OG  . SER A 1 13  ? 7.813   12.162  2.489   1.00 26.51 ? 13  SER A OG  1 
ATOM   101  N  N   . VAL A 1 14  ? 5.622   9.844   2.742   1.00 21.81 ? 14  VAL A N   1 
ATOM   102  C  CA  . VAL A 1 14  ? 4.756   9.155   1.827   1.00 21.69 ? 14  VAL A CA  1 
ATOM   103  C  C   . VAL A 1 14  ? 4.049   7.931   2.475   1.00 21.19 ? 14  VAL A C   1 
ATOM   104  O  O   . VAL A 1 14  ? 3.252   7.245   1.821   1.00 20.46 ? 14  VAL A O   1 
ATOM   105  C  CB  . VAL A 1 14  ? 5.498   8.881   0.495   1.00 22.59 ? 14  VAL A CB  1 
ATOM   106  C  CG1 . VAL A 1 14  ? 6.011   10.209  -0.093  1.00 22.58 ? 14  VAL A CG1 1 
ATOM   107  C  CG2 . VAL A 1 14  ? 6.666   7.928   0.707   1.00 24.27 ? 14  VAL A CG2 1 
ATOM   108  N  N   . VAL A 1 15  ? 4.294   7.720   3.772   1.00 20.90 ? 15  VAL A N   1 
ATOM   109  C  CA  . VAL A 1 15  ? 3.666   6.652   4.540   1.00 20.73 ? 15  VAL A CA  1 
ATOM   110  C  C   . VAL A 1 15  ? 2.508   7.302   5.295   1.00 21.37 ? 15  VAL A C   1 
ATOM   111  O  O   . VAL A 1 15  ? 2.720   8.271   6.046   1.00 22.00 ? 15  VAL A O   1 
ATOM   112  C  CB  . VAL A 1 15  ? 4.660   6.019   5.542   1.00 19.92 ? 15  VAL A CB  1 
ATOM   113  C  CG1 . VAL A 1 15  ? 3.948   5.060   6.512   1.00 16.44 ? 15  VAL A CG1 1 
ATOM   114  C  CG2 . VAL A 1 15  ? 5.797   5.316   4.750   1.00 21.03 ? 15  VAL A CG2 1 
ATOM   115  N  N   . PHE A 1 16  ? 1.290   6.780   5.111   1.00 20.49 ? 16  PHE A N   1 
ATOM   116  C  CA  . PHE A 1 16  ? 0.096   7.335   5.772   1.00 18.91 ? 16  PHE A CA  1 
ATOM   117  C  C   . PHE A 1 16  ? -0.496  6.505   6.914   1.00 18.45 ? 16  PHE A C   1 
ATOM   118  O  O   . PHE A 1 16  ? -1.462  6.943   7.529   1.00 17.43 ? 16  PHE A O   1 
ATOM   119  C  CB  . PHE A 1 16  ? -0.986  7.664   4.735   1.00 16.96 ? 16  PHE A CB  1 
ATOM   120  C  CG  . PHE A 1 16  ? -1.439  6.476   3.932   1.00 16.13 ? 16  PHE A CG  1 
ATOM   121  C  CD1 . PHE A 1 16  ? -0.809  6.144   2.746   1.00 15.57 ? 16  PHE A CD1 1 
ATOM   122  C  CD2 . PHE A 1 16  ? -2.535  5.721   4.342   1.00 15.16 ? 16  PHE A CD2 1 
ATOM   123  C  CE1 . PHE A 1 16  ? -1.254  5.102   1.984   1.00 16.94 ? 16  PHE A CE1 1 
ATOM   124  C  CE2 . PHE A 1 16  ? -2.999  4.663   3.581   1.00 14.37 ? 16  PHE A CE2 1 
ATOM   125  C  CZ  . PHE A 1 16  ? -2.372  4.344   2.407   1.00 15.35 ? 16  PHE A CZ  1 
ATOM   126  N  N   . LEU A 1 17  ? 0.040   5.289   7.147   1.00 18.30 ? 17  LEU A N   1 
ATOM   127  C  CA  . LEU A 1 17  ? -0.411  4.378   8.221   1.00 17.72 ? 17  LEU A CA  1 
ATOM   128  C  C   . LEU A 1 17  ? 0.720   3.467   8.609   1.00 18.46 ? 17  LEU A C   1 
ATOM   129  O  O   . LEU A 1 17  ? 1.415   2.923   7.752   1.00 17.85 ? 17  LEU A O   1 
ATOM   130  C  CB  . LEU A 1 17  ? -1.631  3.498   7.809   1.00 16.51 ? 17  LEU A CB  1 
ATOM   131  C  CG  . LEU A 1 17  ? -2.291  2.644   8.913   1.00 16.07 ? 17  LEU A CG  1 
ATOM   132  C  CD1 . LEU A 1 17  ? -2.699  3.508   10.144  1.00 14.50 ? 17  LEU A CD1 1 
ATOM   133  C  CD2 . LEU A 1 17  ? -3.467  1.886   8.376   1.00 13.38 ? 17  LEU A CD2 1 
ATOM   134  N  N   . LYS A 1 18  ? 0.892   3.305   9.908   1.00 19.81 ? 18  LYS A N   1 
ATOM   135  C  CA  . LYS A 1 18  ? 1.901   2.420   10.459  1.00 22.51 ? 18  LYS A CA  1 
ATOM   136  C  C   . LYS A 1 18  ? 1.275   1.702   11.648  1.00 22.36 ? 18  LYS A C   1 
ATOM   137  O  O   . LYS A 1 18  ? 0.684   2.346   12.502  1.00 23.08 ? 18  LYS A O   1 
ATOM   138  C  CB  . LYS A 1 18  ? 3.128   3.200   10.939  1.00 24.78 ? 18  LYS A CB  1 
ATOM   139  C  CG  . LYS A 1 18  ? 4.173   2.306   11.636  1.00 31.72 ? 18  LYS A CG  1 
ATOM   140  C  CD  . LYS A 1 18  ? 5.344   3.123   12.113  1.00 36.76 ? 18  LYS A CD  1 
ATOM   141  C  CE  . LYS A 1 18  ? 6.576   2.259   12.366  1.00 41.97 ? 18  LYS A CE  1 
ATOM   142  N  NZ  . LYS A 1 18  ? 7.891   3.041   12.231  1.00 45.88 ? 18  LYS A NZ  1 
ATOM   143  N  N   . THR A 1 19  ? 1.379   0.380   11.707  1.00 22.08 ? 19  THR A N   1 
ATOM   144  C  CA  . THR A 1 19  ? 0.812   -0.358  12.817  1.00 22.57 ? 19  THR A CA  1 
ATOM   145  C  C   . THR A 1 19  ? 1.990   -1.013  13.527  1.00 24.54 ? 19  THR A C   1 
ATOM   146  O  O   . THR A 1 19  ? 3.142   -0.723  13.209  1.00 23.94 ? 19  THR A O   1 
ATOM   147  C  CB  . THR A 1 19  ? -0.137  -1.432  12.331  1.00 21.29 ? 19  THR A CB  1 
ATOM   148  O  OG1 . THR A 1 19  ? 0.602   -2.386  11.560  1.00 22.69 ? 19  THR A OG1 1 
ATOM   149  C  CG2 . THR A 1 19  ? -1.205  -0.833  11.442  1.00 20.67 ? 19  THR A CG2 1 
ATOM   150  N  N   . GLU A 1 20  ? 1.716   -1.934  14.451  1.00 26.58 ? 20  GLU A N   1 
ATOM   151  C  CA  . GLU A 1 20  ? 2.806   -2.600  15.153  1.00 28.08 ? 20  GLU A CA  1 
ATOM   152  C  C   . GLU A 1 20  ? 3.586   -3.511  14.237  1.00 26.52 ? 20  GLU A C   1 
ATOM   153  O  O   . GLU A 1 20  ? 4.776   -3.728  14.466  1.00 26.34 ? 20  GLU A O   1 
ATOM   154  C  CB  . GLU A 1 20  ? 2.330   -3.374  16.410  1.00 34.88 ? 20  GLU A CB  1 
ATOM   155  C  CG  . GLU A 1 20  ? 1.413   -4.594  16.148  1.00 47.57 ? 20  GLU A CG  1 
ATOM   156  C  CD  . GLU A 1 20  ? 1.459   -5.689  17.276  1.00 56.34 ? 20  GLU A CD  1 
ATOM   157  O  OE1 . GLU A 1 20  ? 1.390   -5.320  18.493  1.00 60.84 ? 20  GLU A OE1 1 
ATOM   158  O  OE2 . GLU A 1 20  ? 1.546   -6.916  16.933  1.00 57.63 ? 20  GLU A OE2 1 
ATOM   159  N  N   . LEU A 1 21  ? 2.956   -3.947  13.136  1.00 25.84 ? 21  LEU A N   1 
ATOM   160  C  CA  . LEU A 1 21  ? 3.611   -4.876  12.208  1.00 24.35 ? 21  LEU A CA  1 
ATOM   161  C  C   . LEU A 1 21  ? 3.573   -4.528  10.750  1.00 23.61 ? 21  LEU A C   1 
ATOM   162  O  O   . LEU A 1 21  ? 4.310   -5.146  9.965   1.00 23.59 ? 21  LEU A O   1 
ATOM   163  C  CB  . LEU A 1 21  ? 3.054   -6.306  12.400  1.00 24.19 ? 21  LEU A CB  1 
ATOM   164  C  CG  . LEU A 1 21  ? 3.312   -6.979  13.760  1.00 24.74 ? 21  LEU A CG  1 
ATOM   165  C  CD1 . LEU A 1 21  ? 2.400   -8.174  13.966  1.00 25.44 ? 21  LEU A CD1 1 
ATOM   166  C  CD2 . LEU A 1 21  ? 4.757   -7.410  13.861  1.00 22.85 ? 21  LEU A CD2 1 
ATOM   167  N  N   . SER A 1 22  ? 2.775   -3.520  10.373  1.00 22.51 ? 22  SER A N   1 
ATOM   168  C  CA  . SER A 1 22  ? 2.647   -3.143  8.958   1.00 21.48 ? 22  SER A CA  1 
ATOM   169  C  C   . SER A 1 22  ? 2.655   -1.631  8.750   1.00 20.26 ? 22  SER A C   1 
ATOM   170  O  O   . SER A 1 22  ? 2.627   -0.875  9.712   1.00 20.25 ? 22  SER A O   1 
ATOM   171  C  CB  . SER A 1 22  ? 1.327   -3.695  8.359   1.00 21.14 ? 22  SER A CB  1 
ATOM   172  O  OG  . SER A 1 22  ? 1.022   -5.035  8.758   1.00 20.68 ? 22  SER A OG  1 
ATOM   173  N  N   . PHE A 1 23  ? 2.703   -1.224  7.482   1.00 19.95 ? 23  PHE A N   1 
ATOM   174  C  CA  . PHE A 1 23  ? 2.643   0.183   7.085   1.00 19.23 ? 23  PHE A CA  1 
ATOM   175  C  C   . PHE A 1 23  ? 2.072   0.244   5.683   1.00 18.69 ? 23  PHE A C   1 
ATOM   176  O  O   . PHE A 1 23  ? 2.139   -0.734  4.931   1.00 17.18 ? 23  PHE A O   1 
ATOM   177  C  CB  . PHE A 1 23  ? 4.016   0.906   7.171   1.00 19.40 ? 23  PHE A CB  1 
ATOM   178  C  CG  . PHE A 1 23  ? 5.040   0.517   6.083   1.00 19.62 ? 23  PHE A CG  1 
ATOM   179  C  CD1 . PHE A 1 23  ? 5.637   -0.761  6.060   1.00 19.38 ? 23  PHE A CD1 1 
ATOM   180  C  CD2 . PHE A 1 23  ? 5.451   1.451   5.118   1.00 19.63 ? 23  PHE A CD2 1 
ATOM   181  C  CE1 . PHE A 1 23  ? 6.606   -1.094  5.109   1.00 18.56 ? 23  PHE A CE1 1 
ATOM   182  C  CE2 . PHE A 1 23  ? 6.428   1.116   4.156   1.00 18.76 ? 23  PHE A CE2 1 
ATOM   183  C  CZ  . PHE A 1 23  ? 7.000   -0.162  4.159   1.00 18.51 ? 23  PHE A CZ  1 
ATOM   184  N  N   . ALA A 1 24  ? 1.482   1.398   5.363   1.00 18.81 ? 24  ALA A N   1 
ATOM   185  C  CA  . ALA A 1 24  ? 0.870   1.670   4.057   1.00 17.71 ? 24  ALA A CA  1 
ATOM   186  C  C   . ALA A 1 24  ? 1.493   2.942   3.465   1.00 17.72 ? 24  ALA A C   1 
ATOM   187  O  O   . ALA A 1 24  ? 1.764   3.918   4.187   1.00 17.38 ? 24  ALA A O   1 
ATOM   188  C  CB  . ALA A 1 24  ? -0.638  1.842   4.215   1.00 16.33 ? 24  ALA A CB  1 
ATOM   189  N  N   . LEU A 1 25  ? 1.679   2.947   2.153   1.00 17.39 ? 25  LEU A N   1 
ATOM   190  C  CA  . LEU A 1 25  ? 2.298   4.077   1.445   1.00 17.79 ? 25  LEU A CA  1 
ATOM   191  C  C   . LEU A 1 25  ? 1.648   4.361   0.150   1.00 16.99 ? 25  LEU A C   1 
ATOM   192  O  O   . LEU A 1 25  ? 1.036   3.493   -0.458  1.00 17.68 ? 25  LEU A O   1 
ATOM   193  C  CB  . LEU A 1 25  ? 3.795   3.804   1.133   1.00 18.98 ? 25  LEU A CB  1 
ATOM   194  C  CG  . LEU A 1 25  ? 4.205   2.637   0.198   1.00 20.68 ? 25  LEU A CG  1 
ATOM   195  C  CD1 . LEU A 1 25  ? 5.591   2.822   -0.350  1.00 23.62 ? 25  LEU A CD1 1 
ATOM   196  C  CD2 . LEU A 1 25  ? 4.167   1.324   0.986   1.00 22.65 ? 25  LEU A CD2 1 
ATOM   197  N  N   . VAL A 1 26  ? 1.884   5.559   -0.342  1.00 17.38 ? 26  VAL A N   1 
ATOM   198  C  CA  . VAL A 1 26  ? 1.350   5.958   -1.636  1.00 17.73 ? 26  VAL A CA  1 
ATOM   199  C  C   . VAL A 1 26  ? 2.402   5.624   -2.731  1.00 17.53 ? 26  VAL A C   1 
ATOM   200  O  O   . VAL A 1 26  ? 3.570   5.496   -2.441  1.00 18.52 ? 26  VAL A O   1 
ATOM   201  C  CB  . VAL A 1 26  ? 0.981   7.506   -1.632  1.00 19.42 ? 26  VAL A CB  1 
ATOM   202  C  CG1 . VAL A 1 26  ? -0.015  7.813   -0.534  1.00 15.86 ? 26  VAL A CG1 1 
ATOM   203  C  CG2 . VAL A 1 26  ? 2.238   8.380   -1.427  1.00 17.38 ? 26  VAL A CG2 1 
ATOM   204  N  N   . ASN A 1 27  ? 1.980   5.526   -3.977  1.00 18.56 ? 27  ASN A N   1 
ATOM   205  C  CA  . ASN A 1 27  ? 2.853   5.203   -5.125  1.00 20.98 ? 27  ASN A CA  1 
ATOM   206  C  C   . ASN A 1 27  ? 3.307   6.413   -5.967  1.00 22.31 ? 27  ASN A C   1 
ATOM   207  O  O   . ASN A 1 27  ? 2.578   7.387   -6.110  1.00 21.04 ? 27  ASN A O   1 
ATOM   208  C  CB  . ASN A 1 27  ? 2.119   4.251   -6.091  1.00 21.72 ? 27  ASN A CB  1 
ATOM   209  C  CG  . ASN A 1 27  ? 2.071   2.827   -5.575  1.00 25.59 ? 27  ASN A CG  1 
ATOM   210  O  OD1 . ASN A 1 27  ? 3.233   2.250   -5.399  1.00 27.97 ? 27  ASN A OD1 1 
ATOM   211  N  ND2 . ASN A 1 27  ? 0.997   2.261   -5.302  1.00 26.18 ? 27  ASN A ND2 1 
ATOM   212  N  N   . ARG A 1 28  ? 4.476   6.284   -6.603  1.00 23.85 ? 28  ARG A N   1 
ATOM   213  C  CA  . ARG A 1 28  ? 5.022   7.319   -7.487  1.00 25.82 ? 28  ARG A CA  1 
ATOM   214  C  C   . ARG A 1 28  ? 4.158   7.388   -8.739  1.00 27.56 ? 28  ARG A C   1 
ATOM   215  O  O   . ARG A 1 28  ? 3.886   8.482   -9.290  1.00 28.84 ? 28  ARG A O   1 
ATOM   216  C  CB  . ARG A 1 28  ? 6.458   6.975   -7.892  1.00 25.41 ? 28  ARG A CB  1 
ATOM   217  C  CG  . ARG A 1 28  ? 6.987   7.782   -9.089  1.00 26.47 ? 28  ARG A CG  1 
ATOM   218  C  CD  . ARG A 1 28  ? 7.170   9.251   -8.757  1.00 28.21 ? 28  ARG A CD  1 
ATOM   219  N  NE  . ARG A 1 28  ? 8.321   9.434   -7.873  1.00 29.67 ? 28  ARG A NE  1 
ATOM   220  C  CZ  . ARG A 1 28  ? 8.889   10.606  -7.610  1.00 29.80 ? 28  ARG A CZ  1 
ATOM   221  N  NH1 . ARG A 1 28  ? 8.415   11.698  -8.170  1.00 31.30 ? 28  ARG A NH1 1 
ATOM   222  N  NH2 . ARG A 1 28  ? 9.934   10.686  -6.798  1.00 28.61 ? 28  ARG A NH2 1 
ATOM   223  N  N   . LYS A 1 29  ? 3.789   6.208   -9.233  1.00 28.20 ? 29  LYS A N   1 
ATOM   224  C  CA  . LYS A 1 29  ? 2.941   6.124   -10.407 1.00 29.47 ? 29  LYS A CA  1 
ATOM   225  C  C   . LYS A 1 29  ? 1.747   5.219   -10.086 1.00 29.39 ? 29  LYS A C   1 
ATOM   226  O  O   . LYS A 1 29  ? 1.709   4.019   -10.446 1.00 29.63 ? 29  LYS A O   1 
ATOM   227  C  CB  . LYS A 1 29  ? 3.714   5.537   -11.592 1.00 33.46 ? 29  LYS A CB  1 
ATOM   228  C  CG  . LYS A 1 29  ? 5.010   6.222   -11.970 1.00 38.79 ? 29  LYS A CG  1 
ATOM   229  C  CD  . LYS A 1 29  ? 5.956   5.165   -12.516 1.00 44.42 ? 29  LYS A CD  1 
ATOM   230  C  CE  . LYS A 1 29  ? 7.332   5.729   -12.842 1.00 49.83 ? 29  LYS A CE  1 
ATOM   231  N  NZ  . LYS A 1 29  ? 8.344   4.657   -13.203 1.00 53.31 ? 29  LYS A NZ  1 
ATOM   232  N  N   . PRO A 1 30  ? 0.753   5.758   -9.378  1.00 28.50 ? 30  PRO A N   1 
ATOM   233  C  CA  . PRO A 1 30  ? -0.383  4.878   -9.082  1.00 27.41 ? 30  PRO A CA  1 
ATOM   234  C  C   . PRO A 1 30  ? -1.065  4.425   -10.367 1.00 26.75 ? 30  PRO A C   1 
ATOM   235  O  O   . PRO A 1 30  ? -1.244  5.207   -11.280 1.00 27.40 ? 30  PRO A O   1 
ATOM   236  C  CB  . PRO A 1 30  ? -1.286  5.777   -8.245  1.00 27.97 ? 30  PRO A CB  1 
ATOM   237  C  CG  . PRO A 1 30  ? -0.902  7.210   -8.699  1.00 26.74 ? 30  PRO A CG  1 
ATOM   238  C  CD  . PRO A 1 30  ? 0.565   7.128   -8.867  1.00 26.03 ? 30  PRO A CD  1 
ATOM   239  N  N   . VAL A 1 31  ? -1.385  3.152   -10.467 1.00 25.95 ? 31  VAL A N   1 
ATOM   240  C  CA  . VAL A 1 31  ? -2.061  2.611   -11.636 1.00 25.81 ? 31  VAL A CA  1 
ATOM   241  C  C   . VAL A 1 31  ? -3.463  3.234   -11.824 1.00 26.41 ? 31  VAL A C   1 
ATOM   242  O  O   . VAL A 1 31  ? -3.949  3.400   -12.956 1.00 26.83 ? 31  VAL A O   1 
ATOM   243  C  CB  . VAL A 1 31  ? -2.122  1.077   -11.528 1.00 25.68 ? 31  VAL A CB  1 
ATOM   244  C  CG1 . VAL A 1 31  ? -3.192  0.514   -12.451 1.00 27.40 ? 31  VAL A CG1 1 
ATOM   245  C  CG2 . VAL A 1 31  ? -0.750  0.491   -11.848 1.00 22.92 ? 31  VAL A CG2 1 
ATOM   246  N  N   . VAL A 1 32  ? -4.130  3.520   -10.713 1.00 25.61 ? 32  VAL A N   1 
ATOM   247  C  CA  . VAL A 1 32  ? -5.422  4.194   -10.705 1.00 25.05 ? 32  VAL A CA  1 
ATOM   248  C  C   . VAL A 1 32  ? -5.263  5.175   -9.548  1.00 25.03 ? 32  VAL A C   1 
ATOM   249  O  O   . VAL A 1 32  ? -4.359  5.040   -8.704  1.00 24.96 ? 32  VAL A O   1 
ATOM   250  C  CB  . VAL A 1 32  ? -6.645  3.276   -10.407 1.00 24.11 ? 32  VAL A CB  1 
ATOM   251  C  CG1 . VAL A 1 32  ? -6.923  2.406   -11.564 1.00 22.28 ? 32  VAL A CG1 1 
ATOM   252  C  CG2 . VAL A 1 32  ? -6.438  2.463   -9.127  1.00 22.40 ? 32  VAL A CG2 1 
ATOM   253  N  N   . PRO A 1 33  ? -6.110  6.206   -9.506  1.00 25.01 ? 33  PRO A N   1 
ATOM   254  C  CA  . PRO A 1 33  ? -5.990  7.164   -8.405  1.00 23.24 ? 33  PRO A CA  1 
ATOM   255  C  C   . PRO A 1 33  ? -6.314  6.426   -7.165  1.00 21.07 ? 33  PRO A C   1 
ATOM   256  O  O   . PRO A 1 33  ? -7.285  5.697   -7.107  1.00 20.97 ? 33  PRO A O   1 
ATOM   257  C  CB  . PRO A 1 33  ? -7.092  8.184   -8.704  1.00 23.89 ? 33  PRO A CB  1 
ATOM   258  C  CG  . PRO A 1 33  ? -7.179  8.159   -10.211 1.00 25.88 ? 33  PRO A CG  1 
ATOM   259  C  CD  . PRO A 1 33  ? -7.084  6.660   -10.514 1.00 25.92 ? 33  PRO A CD  1 
ATOM   260  N  N   . GLY A 1 34  ? -5.449  6.542   -6.197  1.00 20.31 ? 34  GLY A N   1 
ATOM   261  C  CA  . GLY A 1 34  ? -5.746  5.862   -4.967  1.00 20.79 ? 34  GLY A CA  1 
ATOM   262  C  C   . GLY A 1 34  ? -5.055  4.534   -4.869  1.00 20.52 ? 34  GLY A C   1 
ATOM   263  O  O   . GLY A 1 34  ? -5.192  3.869   -3.842  1.00 20.73 ? 34  GLY A O   1 
ATOM   264  N  N   . HIS A 1 35  ? -4.362  4.131   -5.932  1.00 19.57 ? 35  HIS A N   1 
ATOM   265  C  CA  . HIS A 1 35  ? -3.583  2.900   -5.890  1.00 18.16 ? 35  HIS A CA  1 
ATOM   266  C  C   . HIS A 1 35  ? -2.470  3.052   -4.792  1.00 17.43 ? 35  HIS A C   1 
ATOM   267  O  O   . HIS A 1 35  ? -1.539  3.847   -4.952  1.00 16.38 ? 35  HIS A O   1 
ATOM   268  C  CB  . HIS A 1 35  ? -2.958  2.635   -7.268  1.00 17.21 ? 35  HIS A CB  1 
ATOM   269  C  CG  . HIS A 1 35  ? -2.036  1.457   -7.283  1.00 16.32 ? 35  HIS A CG  1 
ATOM   270  N  ND1 . HIS A 1 35  ? -1.040  1.291   -8.217  1.00 17.73 ? 35  HIS A ND1 1 
ATOM   271  C  CD2 . HIS A 1 35  ? -1.953  0.389   -6.458  1.00 16.62 ? 35  HIS A CD2 1 
ATOM   272  C  CE1 . HIS A 1 35  ? -0.385  0.174   -7.973  1.00 17.93 ? 35  HIS A CE1 1 
ATOM   273  N  NE2 . HIS A 1 35  ? -0.921  -0.393  -6.910  1.00 18.43 ? 35  HIS A NE2 1 
ATOM   274  N  N   . VAL A 1 36  ? -2.602  2.311   -3.684  1.00 15.97 ? 36  VAL A N   1 
ATOM   275  C  CA  . VAL A 1 36  ? -1.657  2.344   -2.581  1.00 16.03 ? 36  VAL A CA  1 
ATOM   276  C  C   . VAL A 1 36  ? -1.121  0.933   -2.280  1.00 16.63 ? 36  VAL A C   1 
ATOM   277  O  O   . VAL A 1 36  ? -1.628  -0.059  -2.834  1.00 17.69 ? 36  VAL A O   1 
ATOM   278  C  CB  . VAL A 1 36  ? -2.267  2.974   -1.282  1.00 16.25 ? 36  VAL A CB  1 
ATOM   279  C  CG1 . VAL A 1 36  ? -2.750  4.394   -1.573  1.00 15.76 ? 36  VAL A CG1 1 
ATOM   280  C  CG2 . VAL A 1 36  ? -3.417  2.130   -0.710  1.00 16.42 ? 36  VAL A CG2 1 
ATOM   281  N  N   . LEU A 1 37  ? -0.094  0.849   -1.423  1.00 17.10 ? 37  LEU A N   1 
ATOM   282  C  CA  . LEU A 1 37  ? 0.520   -0.422  -1.040  1.00 16.85 ? 37  LEU A CA  1 
ATOM   283  C  C   . LEU A 1 37  ? 0.483   -0.645  0.464   1.00 16.94 ? 37  LEU A C   1 
ATOM   284  O  O   . LEU A 1 37  ? 0.658   0.304   1.240   1.00 16.30 ? 37  LEU A O   1 
ATOM   285  C  CB  . LEU A 1 37  ? 1.982   -0.473  -1.493  1.00 17.05 ? 37  LEU A CB  1 
ATOM   286  C  CG  . LEU A 1 37  ? 2.300   -0.252  -2.950  1.00 17.58 ? 37  LEU A CG  1 
ATOM   287  C  CD1 . LEU A 1 37  ? 3.764   -0.383  -3.137  1.00 20.51 ? 37  LEU A CD1 1 
ATOM   288  C  CD2 . LEU A 1 37  ? 1.591   -1.250  -3.800  1.00 17.19 ? 37  LEU A CD2 1 
ATOM   289  N  N   . VAL A 1 38  ? 0.218   -1.887  0.875   1.00 16.86 ? 38  VAL A N   1 
ATOM   290  C  CA  . VAL A 1 38  ? 0.215   -2.254  2.306   1.00 16.49 ? 38  VAL A CA  1 
ATOM   291  C  C   . VAL A 1 38  ? 1.268   -3.368  2.444   1.00 16.95 ? 38  VAL A C   1 
ATOM   292  O  O   . VAL A 1 38  ? 1.245   -4.365  1.728   1.00 16.03 ? 38  VAL A O   1 
ATOM   293  C  CB  . VAL A 1 38  ? -1.191  -2.659  2.827   1.00 15.72 ? 38  VAL A CB  1 
ATOM   294  C  CG1 . VAL A 1 38  ? -1.161  -2.841  4.337   1.00 13.36 ? 38  VAL A CG1 1 
ATOM   295  C  CG2 . VAL A 1 38  ? -2.233  -1.602  2.418   1.00 16.15 ? 38  VAL A CG2 1 
ATOM   296  N  N   . CYS A 1 39  ? 2.235   -3.126  3.316   1.00 17.63 ? 39  CYS A N   1 
ATOM   297  C  CA  . CYS A 1 39  ? 3.376   -4.016  3.507   1.00 18.65 ? 39  CYS A CA  1 
ATOM   298  C  C   . CYS A 1 39  ? 3.698   -4.334  4.942   1.00 18.81 ? 39  CYS A C   1 
ATOM   299  O  O   . CYS A 1 39  ? 3.365   -3.568  5.862   1.00 19.08 ? 39  CYS A O   1 
ATOM   300  C  CB  . CYS A 1 39  ? 4.649   -3.325  2.985   1.00 19.76 ? 39  CYS A CB  1 
ATOM   301  S  SG  . CYS A 1 39  ? 4.528   -2.280  1.529   1.00 24.13 ? 39  CYS A SG  1 
ATOM   302  N  N   . PRO A 1 40  ? 4.311   -5.507  5.174   1.00 19.15 ? 40  PRO A N   1 
ATOM   303  C  CA  . PRO A 1 40  ? 4.660   -5.804  6.557   1.00 19.65 ? 40  PRO A CA  1 
ATOM   304  C  C   . PRO A 1 40  ? 5.889   -4.901  6.786   1.00 19.76 ? 40  PRO A C   1 
ATOM   305  O  O   . PRO A 1 40  ? 6.542   -4.484  5.809   1.00 18.91 ? 40  PRO A O   1 
ATOM   306  C  CB  . PRO A 1 40  ? 5.052   -7.299  6.516   1.00 19.84 ? 40  PRO A CB  1 
ATOM   307  C  CG  . PRO A 1 40  ? 5.347   -7.594  5.077   1.00 21.42 ? 40  PRO A CG  1 
ATOM   308  C  CD  . PRO A 1 40  ? 4.421   -6.693  4.310   1.00 19.78 ? 40  PRO A CD  1 
ATOM   309  N  N   . LEU A 1 41  ? 6.170   -4.555  8.034   1.00 20.26 ? 41  LEU A N   1 
ATOM   310  C  CA  . LEU A 1 41  ? 7.349   -3.743  8.334   1.00 21.24 ? 41  LEU A CA  1 
ATOM   311  C  C   . LEU A 1 41  ? 8.614   -4.565  8.070   1.00 22.72 ? 41  LEU A C   1 
ATOM   312  O  O   . LEU A 1 41  ? 9.611   -4.016  7.605   1.00 23.21 ? 41  LEU A O   1 
ATOM   313  C  CB  . LEU A 1 41  ? 7.323   -3.259  9.784   1.00 20.12 ? 41  LEU A CB  1 
ATOM   314  C  CG  . LEU A 1 41  ? 6.382   -2.089  10.068  1.00 17.35 ? 41  LEU A CG  1 
ATOM   315  C  CD1 . LEU A 1 41  ? 6.087   -1.985  11.540  1.00 18.96 ? 41  LEU A CD1 1 
ATOM   316  C  CD2 . LEU A 1 41  ? 6.971   -0.831  9.483   1.00 16.85 ? 41  LEU A CD2 1 
ATOM   317  N  N   . ARG A 1 42  ? 8.551   -5.877  8.337   1.00 23.67 ? 42  ARG A N   1 
ATOM   318  C  CA  . ARG A 1 42  ? 9.679   -6.794  8.124   1.00 24.83 ? 42  ARG A CA  1 
ATOM   319  C  C   . ARG A 1 42  ? 9.731   -7.127  6.665   1.00 26.36 ? 42  ARG A C   1 
ATOM   320  O  O   . ARG A 1 42  ? 8.766   -7.607  6.072   1.00 25.86 ? 42  ARG A O   1 
ATOM   321  C  CB  . ARG A 1 42  ? 9.503   -8.050  8.934   1.00 26.37 ? 42  ARG A CB  1 
ATOM   322  C  CG  . ARG A 1 42  ? 10.715  -8.953  8.937   1.00 27.57 ? 42  ARG A CG  1 
ATOM   323  C  CD  . ARG A 1 42  ? 10.584  -9.922  10.107  1.00 29.21 ? 42  ARG A CD  1 
ATOM   324  N  NE  . ARG A 1 42  ? 9.496   -10.880 9.928   1.00 31.53 ? 42  ARG A NE  1 
ATOM   325  C  CZ  . ARG A 1 42  ? 9.620   -12.009 9.243   1.00 31.78 ? 42  ARG A CZ  1 
ATOM   326  N  NH1 . ARG A 1 42  ? 10.780  -12.303 8.686   1.00 31.50 ? 42  ARG A NH1 1 
ATOM   327  N  NH2 . ARG A 1 42  ? 8.604   -12.855 9.129   1.00 32.72 ? 42  ARG A NH2 1 
ATOM   328  N  N   . PRO A 1 43  ? 10.872  -6.867  6.052   1.00 27.63 ? 43  PRO A N   1 
ATOM   329  C  CA  . PRO A 1 43  ? 11.064  -7.114  4.637   1.00 29.18 ? 43  PRO A CA  1 
ATOM   330  C  C   . PRO A 1 43  ? 11.325  -8.573  4.262   1.00 30.59 ? 43  PRO A C   1 
ATOM   331  O  O   . PRO A 1 43  ? 12.461  -9.020  4.272   1.00 31.93 ? 43  PRO A O   1 
ATOM   332  C  CB  . PRO A 1 43  ? 12.222  -6.187  4.309   1.00 28.69 ? 43  PRO A CB  1 
ATOM   333  C  CG  . PRO A 1 43  ? 13.052  -6.275  5.527   1.00 28.86 ? 43  PRO A CG  1 
ATOM   334  C  CD  . PRO A 1 43  ? 12.135  -6.498  6.706   1.00 28.10 ? 43  PRO A CD  1 
ATOM   335  N  N   . VAL A 1 44  ? 10.253  -9.335  4.033   1.00 31.33 ? 44  VAL A N   1 
ATOM   336  C  CA  . VAL A 1 44  ? 10.372  -10.737 3.613   1.00 29.76 ? 44  VAL A CA  1 
ATOM   337  C  C   . VAL A 1 44  ? 9.971   -10.727 2.152   1.00 29.09 ? 44  VAL A C   1 
ATOM   338  O  O   . VAL A 1 44  ? 9.235   -9.856  1.709   1.00 28.69 ? 44  VAL A O   1 
ATOM   339  C  CB  . VAL A 1 44  ? 9.479   -11.701 4.446   1.00 30.61 ? 44  VAL A CB  1 
ATOM   340  C  CG1 . VAL A 1 44  ? 9.609   -11.388 5.912   1.00 31.01 ? 44  VAL A CG1 1 
ATOM   341  C  CG2 . VAL A 1 44  ? 8.037   -11.623 4.025   1.00 30.89 ? 44  VAL A CG2 1 
ATOM   342  N  N   . GLU A 1 45  ? 10.512  -11.659 1.391   1.00 28.77 ? 45  GLU A N   1 
ATOM   343  C  CA  . GLU A 1 45  ? 10.223  -11.744 -0.028  1.00 29.28 ? 45  GLU A CA  1 
ATOM   344  C  C   . GLU A 1 45  ? 8.943   -12.521 -0.437  1.00 28.08 ? 45  GLU A C   1 
ATOM   345  O  O   . GLU A 1 45  ? 8.231   -12.104 -1.360  1.00 29.12 ? 45  GLU A O   1 
ATOM   346  C  CB  . GLU A 1 45  ? 11.435  -12.327 -0.749  1.00 32.18 ? 45  GLU A CB  1 
ATOM   347  C  CG  . GLU A 1 45  ? 11.254  -12.464 -2.248  1.00 38.93 ? 45  GLU A CG  1 
ATOM   348  C  CD  . GLU A 1 45  ? 12.369  -13.257 -2.895  1.00 44.23 ? 45  GLU A CD  1 
ATOM   349  O  OE1 . GLU A 1 45  ? 13.555  -13.045 -2.520  1.00 44.83 ? 45  GLU A OE1 1 
ATOM   350  O  OE2 . GLU A 1 45  ? 12.045  -14.103 -3.773  1.00 48.87 ? 45  GLU A OE2 1 
ATOM   351  N  N   . ARG A 1 46  ? 8.668   -13.639 0.222   1.00 25.68 ? 46  ARG A N   1 
ATOM   352  C  CA  . ARG A 1 46  ? 7.510   -14.432 -0.111  1.00 23.18 ? 46  ARG A CA  1 
ATOM   353  C  C   . ARG A 1 46  ? 6.498   -14.456 1.017   1.00 22.25 ? 46  ARG A C   1 
ATOM   354  O  O   . ARG A 1 46  ? 6.857   -14.479 2.185   1.00 21.70 ? 46  ARG A O   1 
ATOM   355  C  CB  . ARG A 1 46  ? 7.949   -15.835 -0.487  1.00 23.15 ? 46  ARG A CB  1 
ATOM   356  C  CG  . ARG A 1 46  ? 8.852   -15.894 -1.714  1.00 21.49 ? 46  ARG A CG  1 
ATOM   357  C  CD  . ARG A 1 46  ? 8.129   -15.598 -3.001  1.00 21.73 ? 46  ARG A CD  1 
ATOM   358  N  NE  . ARG A 1 46  ? 6.851   -16.311 -3.075  1.00 24.72 ? 46  ARG A NE  1 
ATOM   359  C  CZ  . ARG A 1 46  ? 6.650   -17.525 -3.585  1.00 24.11 ? 46  ARG A CZ  1 
ATOM   360  N  NH1 . ARG A 1 46  ? 7.648   -18.214 -4.096  1.00 24.76 ? 46  ARG A NH1 1 
ATOM   361  N  NH2 . ARG A 1 46  ? 5.431   -18.049 -3.576  1.00 20.90 ? 46  ARG A NH2 1 
ATOM   362  N  N   . PHE A 1 47  ? 5.216   -14.482 0.643   1.00 21.54 ? 47  PHE A N   1 
ATOM   363  C  CA  . PHE A 1 47  ? 4.113   -14.479 1.585   1.00 20.23 ? 47  PHE A CA  1 
ATOM   364  C  C   . PHE A 1 47  ? 4.211   -15.593 2.628   1.00 20.85 ? 47  PHE A C   1 
ATOM   365  O  O   . PHE A 1 47  ? 3.884   -15.365 3.794   1.00 20.02 ? 47  PHE A O   1 
ATOM   366  C  CB  . PHE A 1 47  ? 2.775   -14.504 0.816   1.00 18.79 ? 47  PHE A CB  1 
ATOM   367  C  CG  . PHE A 1 47  ? 1.538   -14.376 1.702   1.00 19.41 ? 47  PHE A CG  1 
ATOM   368  C  CD1 . PHE A 1 47  ? 1.445   -13.358 2.690   1.00 16.75 ? 47  PHE A CD1 1 
ATOM   369  C  CD2 . PHE A 1 47  ? 0.425   -15.235 1.516   1.00 17.89 ? 47  PHE A CD2 1 
ATOM   370  C  CE1 . PHE A 1 47  ? 0.271   -13.184 3.467   1.00 16.19 ? 47  PHE A CE1 1 
ATOM   371  C  CE2 . PHE A 1 47  ? -0.769  -15.068 2.295   1.00 15.68 ? 47  PHE A CE2 1 
ATOM   372  C  CZ  . PHE A 1 47  ? -0.834  -14.029 3.270   1.00 16.61 ? 47  PHE A CZ  1 
ATOM   373  N  N   . HIS A 1 48  ? 4.700   -16.780 2.246   1.00 21.26 ? 48  HIS A N   1 
ATOM   374  C  CA  . HIS A 1 48  ? 4.829   -17.874 3.211   1.00 22.99 ? 48  HIS A CA  1 
ATOM   375  C  C   . HIS A 1 48  ? 5.841   -17.592 4.319   1.00 23.10 ? 48  HIS A C   1 
ATOM   376  O  O   . HIS A 1 48  ? 5.805   -18.261 5.346   1.00 22.51 ? 48  HIS A O   1 
ATOM   377  C  CB  . HIS A 1 48  ? 5.174   -19.186 2.522   1.00 26.01 ? 48  HIS A CB  1 
ATOM   378  C  CG  . HIS A 1 48  ? 6.542   -19.202 1.922   1.00 32.06 ? 48  HIS A CG  1 
ATOM   379  N  ND1 . HIS A 1 48  ? 6.756   -19.167 0.556   1.00 35.73 ? 48  HIS A ND1 1 
ATOM   380  C  CD2 . HIS A 1 48  ? 7.772   -19.258 2.492   1.00 33.83 ? 48  HIS A CD2 1 
ATOM   381  C  CE1 . HIS A 1 48  ? 8.054   -19.201 0.313   1.00 36.11 ? 48  HIS A CE1 1 
ATOM   382  N  NE2 . HIS A 1 48  ? 8.696   -19.249 1.473   1.00 35.74 ? 48  HIS A NE2 1 
ATOM   383  N  N   . ASP A 1 49  ? 6.705   -16.586 4.110   1.00 24.61 ? 49  ASP A N   1 
ATOM   384  C  CA  . ASP A 1 49  ? 7.741   -16.156 5.086   1.00 25.93 ? 49  ASP A CA  1 
ATOM   385  C  C   . ASP A 1 49  ? 7.169   -15.412 6.295   1.00 25.64 ? 49  ASP A C   1 
ATOM   386  O  O   . ASP A 1 49  ? 7.779   -15.377 7.373   1.00 25.91 ? 49  ASP A O   1 
ATOM   387  C  CB  . ASP A 1 49  ? 8.801   -15.258 4.421   1.00 27.99 ? 49  ASP A CB  1 
ATOM   388  C  CG  . ASP A 1 49  ? 9.675   -16.001 3.380   1.00 31.86 ? 49  ASP A CG  1 
ATOM   389  O  OD1 . ASP A 1 49  ? 9.952   -17.220 3.597   1.00 30.56 ? 49  ASP A OD1 1 
ATOM   390  O  OD2 . ASP A 1 49  ? 10.113  -15.352 2.365   1.00 31.03 ? 49  ASP A OD2 1 
ATOM   391  N  N   . LEU A 1 50  ? 5.985   -14.824 6.128   1.00 25.25 ? 50  LEU A N   1 
ATOM   392  C  CA  . LEU A 1 50  ? 5.354   -14.078 7.201   1.00 23.81 ? 50  LEU A CA  1 
ATOM   393  C  C   . LEU A 1 50  ? 4.815   -14.948 8.292   1.00 24.34 ? 50  LEU A C   1 
ATOM   394  O  O   . LEU A 1 50  ? 4.270   -16.025 8.045   1.00 25.11 ? 50  LEU A O   1 
ATOM   395  C  CB  . LEU A 1 50  ? 4.200   -13.219 6.687   1.00 22.98 ? 50  LEU A CB  1 
ATOM   396  C  CG  . LEU A 1 50  ? 4.447   -12.146 5.623   1.00 23.12 ? 50  LEU A CG  1 
ATOM   397  C  CD1 . LEU A 1 50  ? 3.136   -11.376 5.386   1.00 20.17 ? 50  LEU A CD1 1 
ATOM   398  C  CD2 . LEU A 1 50  ? 5.547   -11.196 6.100   1.00 23.49 ? 50  LEU A CD2 1 
ATOM   399  N  N   . ARG A 1 51  ? 4.965   -14.469 9.512   1.00 23.65 ? 51  ARG A N   1 
ATOM   400  C  CA  . ARG A 1 51  ? 4.430   -15.158 10.654  1.00 23.57 ? 51  ARG A CA  1 
ATOM   401  C  C   . ARG A 1 51  ? 2.915   -14.901 10.648  1.00 24.09 ? 51  ARG A C   1 
ATOM   402  O  O   . ARG A 1 51  ? 2.415   -14.031 9.949   1.00 24.22 ? 51  ARG A O   1 
ATOM   403  C  CB  . ARG A 1 51  ? 5.077   -14.621 11.922  1.00 23.57 ? 51  ARG A CB  1 
ATOM   404  C  CG  . ARG A 1 51  ? 6.576   -14.707 11.898  1.00 25.54 ? 51  ARG A CG  1 
ATOM   405  C  CD  . ARG A 1 51  ? 7.154   -14.284 13.230  1.00 30.50 ? 51  ARG A CD  1 
ATOM   406  N  NE  . ARG A 1 51  ? 6.594   -13.007 13.694  1.00 35.68 ? 51  ARG A NE  1 
ATOM   407  C  CZ  . ARG A 1 51  ? 7.227   -11.825 13.626  1.00 38.77 ? 51  ARG A CZ  1 
ATOM   408  N  NH1 . ARG A 1 51  ? 8.468   -11.737 13.120  1.00 37.54 ? 51  ARG A NH1 1 
ATOM   409  N  NH2 . ARG A 1 51  ? 6.626   -10.726 14.072  1.00 38.24 ? 51  ARG A NH2 1 
ATOM   410  N  N   . PRO A 1 52  ? 2.160   -15.728 11.348  1.00 24.49 ? 52  PRO A N   1 
ATOM   411  C  CA  . PRO A 1 52  ? 0.713   -15.631 11.460  1.00 25.05 ? 52  PRO A CA  1 
ATOM   412  C  C   . PRO A 1 52  ? 0.267   -14.260 11.977  1.00 24.74 ? 52  PRO A C   1 
ATOM   413  O  O   . PRO A 1 52  ? -0.749  -13.730 11.526  1.00 24.44 ? 52  PRO A O   1 
ATOM   414  C  CB  . PRO A 1 52  ? 0.399   -16.715 12.488  1.00 26.04 ? 52  PRO A CB  1 
ATOM   415  C  CG  . PRO A 1 52  ? 1.419   -17.733 12.216  1.00 26.46 ? 52  PRO A CG  1 
ATOM   416  C  CD  . PRO A 1 52  ? 2.650   -16.942 12.030  1.00 26.31 ? 52  PRO A CD  1 
ATOM   417  N  N   . ASP A 1 53  ? 0.952   -13.746 12.996  1.00 24.59 ? 53  ASP A N   1 
ATOM   418  C  CA  . ASP A 1 53  ? 0.613   -12.424 13.521  1.00 25.19 ? 53  ASP A CA  1 
ATOM   419  C  C   . ASP A 1 53  ? 0.825   -11.344 12.422  1.00 23.76 ? 53  ASP A C   1 
ATOM   420  O  O   . ASP A 1 53  ? -0.011  -10.447 12.265  1.00 23.95 ? 53  ASP A O   1 
ATOM   421  C  CB  . ASP A 1 53  ? 1.342   -12.094 14.866  1.00 27.86 ? 53  ASP A CB  1 
ATOM   422  C  CG  . ASP A 1 53  ? 2.914   -12.034 14.760  1.00 32.77 ? 53  ASP A CG  1 
ATOM   423  O  OD1 . ASP A 1 53  ? 3.556   -12.680 13.891  1.00 33.80 ? 53  ASP A OD1 1 
ATOM   424  O  OD2 . ASP A 1 53  ? 3.513   -11.341 15.617  1.00 37.59 ? 53  ASP A OD2 1 
ATOM   425  N  N   . GLU A 1 54  ? 1.901   -11.471 11.644  1.00 21.89 ? 54  GLU A N   1 
ATOM   426  C  CA  . GLU A 1 54  ? 2.152   -10.540 10.570  1.00 20.87 ? 54  GLU A CA  1 
ATOM   427  C  C   . GLU A 1 54  ? 1.096   -10.723 9.469   1.00 21.16 ? 54  GLU A C   1 
ATOM   428  O  O   . GLU A 1 54  ? 0.719   -9.744  8.815   1.00 20.63 ? 54  GLU A O   1 
ATOM   429  C  CB  . GLU A 1 54  ? 3.529   -10.742 9.987   1.00 19.65 ? 54  GLU A CB  1 
ATOM   430  C  CG  . GLU A 1 54  ? 4.631   -10.412 10.947  1.00 22.14 ? 54  GLU A CG  1 
ATOM   431  C  CD  . GLU A 1 54  ? 5.979   -10.775 10.369  1.00 22.92 ? 54  GLU A CD  1 
ATOM   432  O  OE1 . GLU A 1 54  ? 6.164   -11.954 10.015  1.00 24.60 ? 54  GLU A OE1 1 
ATOM   433  O  OE2 . GLU A 1 54  ? 6.860   -9.900  10.250  1.00 22.14 ? 54  GLU A OE2 1 
ATOM   434  N  N   . VAL A 1 55  ? 0.610   -11.958 9.258   1.00 20.02 ? 55  VAL A N   1 
ATOM   435  C  CA  . VAL A 1 55  ? -0.418  -12.184 8.234   1.00 18.98 ? 55  VAL A CA  1 
ATOM   436  C  C   . VAL A 1 55  ? -1.723  -11.474 8.646   1.00 19.03 ? 55  VAL A C   1 
ATOM   437  O  O   . VAL A 1 55  ? -2.365  -10.773 7.828   1.00 17.88 ? 55  VAL A O   1 
ATOM   438  C  CB  . VAL A 1 55  ? -0.692  -13.704 7.944   1.00 17.76 ? 55  VAL A CB  1 
ATOM   439  C  CG1 . VAL A 1 55  ? -1.940  -13.843 7.017   1.00 14.83 ? 55  VAL A CG1 1 
ATOM   440  C  CG2 . VAL A 1 55  ? 0.522   -14.349 7.242   1.00 14.69 ? 55  VAL A CG2 1 
ATOM   441  N  N   . ALA A 1 56  ? -2.101  -11.645 9.905   1.00 19.00 ? 56  ALA A N   1 
ATOM   442  C  CA  . ALA A 1 56  ? -3.314  -11.043 10.435  1.00 18.95 ? 56  ALA A CA  1 
ATOM   443  C  C   . ALA A 1 56  ? -3.209  -9.522  10.366  1.00 18.96 ? 56  ALA A C   1 
ATOM   444  O  O   . ALA A 1 56  ? -4.118  -8.856  9.865   1.00 19.76 ? 56  ALA A O   1 
ATOM   445  C  CB  . ALA A 1 56  ? -3.506  -11.472 11.854  1.00 18.36 ? 56  ALA A CB  1 
ATOM   446  N  N   . ASP A 1 57  ? -2.066  -8.989  10.797  1.00 18.95 ? 57  ASP A N   1 
ATOM   447  C  CA  . ASP A 1 57  ? -1.861  -7.549  10.801  1.00 18.82 ? 57  ASP A CA  1 
ATOM   448  C  C   . ASP A 1 57  ? -1.864  -6.959  9.382   1.00 18.39 ? 57  ASP A C   1 
ATOM   449  O  O   . ASP A 1 57  ? -2.549  -5.949  9.112   1.00 18.20 ? 57  ASP A O   1 
ATOM   450  C  CB  . ASP A 1 57  ? -0.598  -7.164  11.589  1.00 20.36 ? 57  ASP A CB  1 
ATOM   451  C  CG  . ASP A 1 57  ? -0.554  -5.659  11.915  1.00 20.92 ? 57  ASP A CG  1 
ATOM   452  O  OD1 . ASP A 1 57  ? -0.281  -4.862  11.009  1.00 21.23 ? 57  ASP A OD1 1 
ATOM   453  O  OD2 . ASP A 1 57  ? -0.898  -5.267  13.035  1.00 23.97 ? 57  ASP A OD2 1 
ATOM   454  N  N   . LEU A 1 58  ? -1.142  -7.596  8.468   1.00 16.58 ? 58  LEU A N   1 
ATOM   455  C  CA  . LEU A 1 58  ? -1.093  -7.139  7.092   1.00 16.38 ? 58  LEU A CA  1 
ATOM   456  C  C   . LEU A 1 58  ? -2.465  -6.964  6.488   1.00 16.25 ? 58  LEU A C   1 
ATOM   457  O  O   . LEU A 1 58  ? -2.774  -5.947  5.857   1.00 16.10 ? 58  LEU A O   1 
ATOM   458  C  CB  . LEU A 1 58  ? -0.342  -8.131  6.219   1.00 14.73 ? 58  LEU A CB  1 
ATOM   459  C  CG  . LEU A 1 58  ? -0.176  -7.714  4.768   1.00 14.26 ? 58  LEU A CG  1 
ATOM   460  C  CD1 . LEU A 1 58  ? 0.512   -6.351  4.672   1.00 13.73 ? 58  LEU A CD1 1 
ATOM   461  C  CD2 . LEU A 1 58  ? 0.661   -8.791  4.074   1.00 13.46 ? 58  LEU A CD2 1 
ATOM   462  N  N   . PHE A 1 59  ? -3.298  -7.975  6.677   1.00 15.89 ? 59  PHE A N   1 
ATOM   463  C  CA  . PHE A 1 59  ? -4.604  -7.934  6.092   1.00 15.30 ? 59  PHE A CA  1 
ATOM   464  C  C   . PHE A 1 59  ? -5.658  -7.152  6.864   1.00 15.86 ? 59  PHE A C   1 
ATOM   465  O  O   . PHE A 1 59  ? -6.552  -6.561  6.254   1.00 15.52 ? 59  PHE A O   1 
ATOM   466  C  CB  . PHE A 1 59  ? -5.001  -9.338  5.591   1.00 14.96 ? 59  PHE A CB  1 
ATOM   467  C  CG  . PHE A 1 59  ? -4.244  -9.752  4.337   1.00 14.61 ? 59  PHE A CG  1 
ATOM   468  C  CD1 . PHE A 1 59  ? -4.660  -9.287  3.077   1.00 11.82 ? 59  PHE A CD1 1 
ATOM   469  C  CD2 . PHE A 1 59  ? -3.065  -10.482 4.420   1.00 13.23 ? 59  PHE A CD2 1 
ATOM   470  C  CE1 . PHE A 1 59  ? -3.898  -9.541  1.928   1.00 15.27 ? 59  PHE A CE1 1 
ATOM   471  C  CE2 . PHE A 1 59  ? -2.296  -10.739 3.261   1.00 14.10 ? 59  PHE A CE2 1 
ATOM   472  C  CZ  . PHE A 1 59  ? -2.704  -10.273 2.027   1.00 13.75 ? 59  PHE A CZ  1 
ATOM   473  N  N   . GLN A 1 60  ? -5.534  -7.056  8.184   1.00 16.25 ? 60  GLN A N   1 
ATOM   474  C  CA  . GLN A 1 60  ? -6.483  -6.207  8.907   1.00 17.43 ? 60  GLN A CA  1 
ATOM   475  C  C   . GLN A 1 60  ? -6.193  -4.728  8.535   1.00 17.51 ? 60  GLN A C   1 
ATOM   476  O  O   . GLN A 1 60  ? -7.104  -3.923  8.383   1.00 16.57 ? 60  GLN A O   1 
ATOM   477  C  CB  . GLN A 1 60  ? -6.379  -6.422  10.413  1.00 19.07 ? 60  GLN A CB  1 
ATOM   478  C  CG  . GLN A 1 60  ? -7.007  -7.746  10.859  1.00 21.98 ? 60  GLN A CG  1 
ATOM   479  C  CD  . GLN A 1 60  ? -6.495  -8.185  12.222  1.00 25.01 ? 60  GLN A CD  1 
ATOM   480  O  OE1 . GLN A 1 60  ? -5.524  -7.627  12.738  1.00 26.75 ? 60  GLN A OE1 1 
ATOM   481  N  NE2 . GLN A 1 60  ? -7.130  -9.194  12.802  1.00 24.32 ? 60  GLN A NE2 1 
ATOM   482  N  N   . THR A 1 61  ? -4.912  -4.428  8.331   1.00 16.99 ? 61  THR A N   1 
ATOM   483  C  CA  . THR A 1 61  ? -4.472  -3.101  7.938   1.00 17.43 ? 61  THR A CA  1 
ATOM   484  C  C   . THR A 1 61  ? -4.949  -2.835  6.534   1.00 16.51 ? 61  THR A C   1 
ATOM   485  O  O   . THR A 1 61  ? -5.430  -1.752  6.239   1.00 16.28 ? 61  THR A O   1 
ATOM   486  C  CB  . THR A 1 61  ? -2.916  -3.020  7.976   1.00 18.42 ? 61  THR A CB  1 
ATOM   487  O  OG1 . THR A 1 61  ? -2.468  -3.190  9.328   1.00 19.36 ? 61  THR A OG1 1 
ATOM   488  C  CG2 . THR A 1 61  ? -2.393  -1.672  7.427   1.00 17.96 ? 61  THR A CG2 1 
ATOM   489  N  N   . THR A 1 62  ? -4.822  -3.841  5.666   1.00 16.83 ? 62  THR A N   1 
ATOM   490  C  CA  . THR A 1 62  ? -5.248  -3.741  4.266   1.00 16.20 ? 62  THR A CA  1 
ATOM   491  C  C   . THR A 1 62  ? -6.745  -3.458  4.196   1.00 16.48 ? 62  THR A C   1 
ATOM   492  O  O   . THR A 1 62  ? -7.201  -2.706  3.336   1.00 16.24 ? 62  THR A O   1 
ATOM   493  C  CB  . THR A 1 62  ? -4.914  -5.051  3.487   1.00 16.02 ? 62  THR A CB  1 
ATOM   494  O  OG1 . THR A 1 62  ? -3.496  -5.197  3.372   1.00 14.67 ? 62  THR A OG1 1 
ATOM   495  C  CG2 . THR A 1 62  ? -5.530  -5.066  2.113   1.00 14.38 ? 62  THR A CG2 1 
ATOM   496  N  N   . GLN A 1 63  ? -7.501  -4.066  5.105   1.00 16.74 ? 63  GLN A N   1 
ATOM   497  C  CA  . GLN A 1 63  ? -8.942  -3.876  5.156   1.00 16.80 ? 63  GLN A CA  1 
ATOM   498  C  C   . GLN A 1 63  ? -9.284  -2.413  5.466   1.00 17.05 ? 63  GLN A C   1 
ATOM   499  O  O   . GLN A 1 63  ? -10.105 -1.839  4.775   1.00 17.20 ? 63  GLN A O   1 
ATOM   500  C  CB  . GLN A 1 63  ? -9.587  -4.803  6.190   1.00 16.63 ? 63  GLN A CB  1 
ATOM   501  C  CG  . GLN A 1 63  ? -11.141 -4.720  6.139   1.00 16.90 ? 63  GLN A CG  1 
ATOM   502  C  CD  . GLN A 1 63  ? -11.769 -5.317  7.356   1.00 18.93 ? 63  GLN A CD  1 
ATOM   503  O  OE1 . GLN A 1 63  ? -11.316 -5.085  8.481   1.00 18.62 ? 63  GLN A OE1 1 
ATOM   504  N  NE2 . GLN A 1 63  ? -12.802 -6.130  7.149   1.00 18.60 ? 63  GLN A NE2 1 
ATOM   505  N  N   . ARG A 1 64  ? -8.663  -1.846  6.503   1.00 17.22 ? 64  ARG A N   1 
ATOM   506  C  CA  . ARG A 1 64  ? -8.835  -0.428  6.908   1.00 18.35 ? 64  ARG A CA  1 
ATOM   507  C  C   . ARG A 1 64  ? -8.424  0.562   5.826   1.00 17.84 ? 64  ARG A C   1 
ATOM   508  O  O   . ARG A 1 64  ? -9.099  1.574   5.609   1.00 18.41 ? 64  ARG A O   1 
ATOM   509  C  CB  . ARG A 1 64  ? -7.972  -0.120  8.112   1.00 19.70 ? 64  ARG A CB  1 
ATOM   510  C  CG  . ARG A 1 64  ? -8.368  -0.880  9.355   1.00 24.96 ? 64  ARG A CG  1 
ATOM   511  C  CD  . ARG A 1 64  ? -7.251  -0.768  10.371  1.00 29.57 ? 64  ARG A CD  1 
ATOM   512  N  NE  . ARG A 1 64  ? -7.065  0.608   10.842  1.00 31.03 ? 64  ARG A NE  1 
ATOM   513  C  CZ  . ARG A 1 64  ? -6.017  1.027   11.556  1.00 31.30 ? 64  ARG A CZ  1 
ATOM   514  N  NH1 . ARG A 1 64  ? -5.021  0.202   11.873  1.00 27.84 ? 64  ARG A NH1 1 
ATOM   515  N  NH2 . ARG A 1 64  ? -6.038  2.252   12.072  1.00 31.08 ? 64  ARG A NH2 1 
ATOM   516  N  N   . VAL A 1 65  ? -7.288  0.284   5.190   1.00 17.13 ? 65  VAL A N   1 
ATOM   517  C  CA  . VAL A 1 65  ? -6.766  1.115   4.109   1.00 16.67 ? 65  VAL A CA  1 
ATOM   518  C  C   . VAL A 1 65  ? -7.718  1.102   2.895   1.00 16.89 ? 65  VAL A C   1 
ATOM   519  O  O   . VAL A 1 65  ? -8.022  2.172   2.339   1.00 16.32 ? 65  VAL A O   1 
ATOM   520  C  CB  . VAL A 1 65  ? -5.342  0.652   3.727   1.00 14.69 ? 65  VAL A CB  1 
ATOM   521  C  CG1 . VAL A 1 65  ? -4.910  1.227   2.382   1.00 14.01 ? 65  VAL A CG1 1 
ATOM   522  C  CG2 . VAL A 1 65  ? -4.371  1.007   4.861   1.00 13.34 ? 65  VAL A CG2 1 
ATOM   523  N  N   . GLY A 1 66  ? -8.208  -0.093  2.506   1.00 16.57 ? 66  GLY A N   1 
ATOM   524  C  CA  . GLY A 1 66  ? -9.122  -0.211  1.390   1.00 15.95 ? 66  GLY A CA  1 
ATOM   525  C  C   . GLY A 1 66  ? -10.365 0.654   1.631   1.00 17.45 ? 66  GLY A C   1 
ATOM   526  O  O   . GLY A 1 66  ? -10.827 1.396   0.753   1.00 17.54 ? 66  GLY A O   1 
ATOM   527  N  N   . THR A 1 67  ? -10.903 0.598   2.836   1.00 17.65 ? 67  THR A N   1 
ATOM   528  C  CA  . THR A 1 67  ? -12.088 1.376   3.162   1.00 19.68 ? 67  THR A CA  1 
ATOM   529  C  C   . THR A 1 67  ? -11.841 2.875   2.993   1.00 19.28 ? 67  THR A C   1 
ATOM   530  O  O   . THR A 1 67  ? -12.670 3.596   2.421   1.00 18.95 ? 67  THR A O   1 
ATOM   531  C  CB  . THR A 1 67  ? -12.522 1.054   4.593   1.00 22.42 ? 67  THR A CB  1 
ATOM   532  O  OG1 . THR A 1 67  ? -13.010 -0.301  4.627   1.00 24.42 ? 67  THR A OG1 1 
ATOM   533  C  CG2 . THR A 1 67  ? -13.595 2.054   5.112   1.00 24.46 ? 67  THR A CG2 1 
ATOM   534  N  N   . VAL A 1 68  ? -10.699 3.316   3.505   1.00 19.63 ? 68  VAL A N   1 
ATOM   535  C  CA  . VAL A 1 68  ? -10.277 4.718   3.414   1.00 19.36 ? 68  VAL A CA  1 
ATOM   536  C  C   . VAL A 1 68  ? -10.051 5.149   1.977   1.00 19.47 ? 68  VAL A C   1 
ATOM   537  O  O   . VAL A 1 68  ? -10.690 6.088   1.522   1.00 20.40 ? 68  VAL A O   1 
ATOM   538  C  CB  . VAL A 1 68  ? -9.031  4.972   4.261   1.00 17.45 ? 68  VAL A CB  1 
ATOM   539  C  CG1 . VAL A 1 68  ? -8.353  6.309   3.875   1.00 16.85 ? 68  VAL A CG1 1 
ATOM   540  C  CG2 . VAL A 1 68  ? -9.441  4.954   5.704   1.00 14.40 ? 68  VAL A CG2 1 
ATOM   541  N  N   . VAL A 1 69  ? -9.200  4.459   1.224   1.00 19.34 ? 69  VAL A N   1 
ATOM   542  C  CA  . VAL A 1 69  ? -8.983  4.876   -0.153  1.00 18.87 ? 69  VAL A CA  1 
ATOM   543  C  C   . VAL A 1 69  ? -10.237 4.813   -1.061  1.00 19.51 ? 69  VAL A C   1 
ATOM   544  O  O   . VAL A 1 69  ? -10.424 5.665   -1.931  1.00 17.82 ? 69  VAL A O   1 
ATOM   545  C  CB  . VAL A 1 69  ? -7.745  4.194   -0.794  1.00 17.65 ? 69  VAL A CB  1 
ATOM   546  C  CG1 . VAL A 1 69  ? -6.501  4.581   -0.018  1.00 16.39 ? 69  VAL A CG1 1 
ATOM   547  C  CG2 . VAL A 1 69  ? -7.918  2.689   -0.863  1.00 16.01 ? 69  VAL A CG2 1 
ATOM   548  N  N   . GLU A 1 70  ? -11.118 3.845   -0.822  1.00 19.84 ? 70  GLU A N   1 
ATOM   549  C  CA  . GLU A 1 70  ? -12.339 3.725   -1.611  1.00 21.46 ? 70  GLU A CA  1 
ATOM   550  C  C   . GLU A 1 70  ? -13.179 4.986   -1.382  1.00 22.02 ? 70  GLU A C   1 
ATOM   551  O  O   . GLU A 1 70  ? -13.729 5.554   -2.306  1.00 22.42 ? 70  GLU A O   1 
ATOM   552  C  CB  . GLU A 1 70  ? -13.121 2.481   -1.195  1.00 21.30 ? 70  GLU A CB  1 
ATOM   553  C  CG  . GLU A 1 70  ? -14.344 2.237   -2.037  1.00 24.54 ? 70  GLU A CG  1 
ATOM   554  C  CD  . GLU A 1 70  ? -15.077 0.944   -1.691  1.00 27.06 ? 70  GLU A CD  1 
ATOM   555  O  OE1 . GLU A 1 70  ? -14.993 0.453   -0.559  1.00 33.11 ? 70  GLU A OE1 1 
ATOM   556  O  OE2 . GLU A 1 70  ? -15.761 0.411   -2.556  1.00 31.58 ? 70  GLU A OE2 1 
ATOM   557  N  N   . LYS A 1 71  ? -13.270 5.392   -0.132  1.00 22.16 ? 71  LYS A N   1 
ATOM   558  C  CA  . LYS A 1 71  ? -13.987 6.581   0.272   1.00 23.45 ? 71  LYS A CA  1 
ATOM   559  C  C   . LYS A 1 71  ? -13.325 7.850   -0.338  1.00 23.64 ? 71  LYS A C   1 
ATOM   560  O  O   . LYS A 1 71  ? -13.913 8.555   -1.167  1.00 23.67 ? 71  LYS A O   1 
ATOM   561  C  CB  . LYS A 1 71  ? -13.910 6.633   1.793   1.00 24.75 ? 71  LYS A CB  1 
ATOM   562  C  CG  . LYS A 1 71  ? -15.052 7.277   2.472   1.00 31.67 ? 71  LYS A CG  1 
ATOM   563  C  CD  . LYS A 1 71  ? -15.111 6.827   3.910   1.00 39.32 ? 71  LYS A CD  1 
ATOM   564  C  CE  . LYS A 1 71  ? -14.037 7.452   4.785   1.00 43.56 ? 71  LYS A CE  1 
ATOM   565  N  NZ  . LYS A 1 71  ? -14.044 6.930   6.200   1.00 47.48 ? 71  LYS A NZ  1 
ATOM   566  N  N   . HIS A 1 72  ? -12.063 8.085   0.010   1.00 23.65 ? 72  HIS A N   1 
ATOM   567  C  CA  . HIS A 1 72  ? -11.360 9.266   -0.438  1.00 23.26 ? 72  HIS A CA  1 
ATOM   568  C  C   . HIS A 1 72  ? -11.320 9.479   -1.952  1.00 23.67 ? 72  HIS A C   1 
ATOM   569  O  O   . HIS A 1 72  ? -11.593 10.583  -2.420  1.00 24.42 ? 72  HIS A O   1 
ATOM   570  C  CB  . HIS A 1 72  ? -9.956  9.327   0.179   1.00 22.59 ? 72  HIS A CB  1 
ATOM   571  C  CG  . HIS A 1 72  ? -9.221  10.598  -0.139  1.00 24.63 ? 72  HIS A CG  1 
ATOM   572  N  ND1 . HIS A 1 72  ? -9.591  11.824  0.369   1.00 24.78 ? 72  HIS A ND1 1 
ATOM   573  C  CD2 . HIS A 1 72  ? -8.163  10.833  -0.949  1.00 25.16 ? 72  HIS A CD2 1 
ATOM   574  C  CE1 . HIS A 1 72  ? -8.794  12.765  -0.112  1.00 23.39 ? 72  HIS A CE1 1 
ATOM   575  N  NE2 . HIS A 1 72  ? -7.919  12.189  -0.913  1.00 24.75 ? 72  HIS A NE2 1 
ATOM   576  N  N   . PHE A 1 73  ? -11.042 8.432   -2.720  1.00 23.05 ? 73  PHE A N   1 
ATOM   577  C  CA  . PHE A 1 73  ? -10.947 8.561   -4.154  1.00 22.60 ? 73  PHE A CA  1 
ATOM   578  C  C   . PHE A 1 73  ? -12.259 8.263   -4.877  1.00 23.32 ? 73  PHE A C   1 
ATOM   579  O  O   . PHE A 1 73  ? -12.292 8.102   -6.086  1.00 23.55 ? 73  PHE A O   1 
ATOM   580  C  CB  . PHE A 1 73  ? -9.796  7.685   -4.684  1.00 22.06 ? 73  PHE A CB  1 
ATOM   581  C  CG  . PHE A 1 73  ? -8.428  8.107   -4.197  1.00 19.15 ? 73  PHE A CG  1 
ATOM   582  C  CD1 . PHE A 1 73  ? -7.704  9.100   -4.861  1.00 19.12 ? 73  PHE A CD1 1 
ATOM   583  C  CD2 . PHE A 1 73  ? -7.884  7.556   -3.044  1.00 17.10 ? 73  PHE A CD2 1 
ATOM   584  C  CE1 . PHE A 1 73  ? -6.448  9.546   -4.360  1.00 18.60 ? 73  PHE A CE1 1 
ATOM   585  C  CE2 . PHE A 1 73  ? -6.627  7.992   -2.533  1.00 16.00 ? 73  PHE A CE2 1 
ATOM   586  C  CZ  . PHE A 1 73  ? -5.925  8.988   -3.198  1.00 15.59 ? 73  PHE A CZ  1 
ATOM   587  N  N   . HIS A 1 74  ? -13.348 8.193   -4.137  1.00 23.85 ? 74  HIS A N   1 
ATOM   588  C  CA  . HIS A 1 74  ? -14.664 7.954   -4.712  1.00 25.13 ? 74  HIS A CA  1 
ATOM   589  C  C   . HIS A 1 74  ? -14.849 6.679   -5.542  1.00 25.76 ? 74  HIS A C   1 
ATOM   590  O  O   . HIS A 1 74  ? -15.479 6.694   -6.620  1.00 25.63 ? 74  HIS A O   1 
ATOM   591  C  CB  . HIS A 1 74  ? -15.130 9.195   -5.484  1.00 27.03 ? 74  HIS A CB  1 
ATOM   592  C  CG  . HIS A 1 74  ? -15.293 10.407  -4.617  1.00 31.87 ? 74  HIS A CG  1 
ATOM   593  N  ND1 . HIS A 1 74  ? -14.224 11.153  -4.164  1.00 35.32 ? 74  HIS A ND1 1 
ATOM   594  C  CD2 . HIS A 1 74  ? -16.395 10.963  -4.056  1.00 36.33 ? 74  HIS A CD2 1 
ATOM   595  C  CE1 . HIS A 1 74  ? -14.650 12.111  -3.362  1.00 34.82 ? 74  HIS A CE1 1 
ATOM   596  N  NE2 . HIS A 1 74  ? -15.965 12.018  -3.278  1.00 37.63 ? 74  HIS A NE2 1 
ATOM   597  N  N   . GLY A 1 75  ? -14.283 5.577   -5.034  1.00 25.18 ? 75  GLY A N   1 
ATOM   598  C  CA  . GLY A 1 75  ? -14.424 4.290   -5.694  1.00 23.54 ? 75  GLY A CA  1 
ATOM   599  C  C   . GLY A 1 75  ? -15.720 3.661   -5.205  1.00 22.85 ? 75  GLY A C   1 
ATOM   600  O  O   . GLY A 1 75  ? -16.334 4.127   -4.253  1.00 22.24 ? 75  GLY A O   1 
ATOM   601  N  N   . THR A 1 76  ? -16.183 2.644   -5.904  1.00 23.29 ? 76  THR A N   1 
ATOM   602  C  CA  . THR A 1 76  ? -17.401 1.921   -5.535  1.00 23.69 ? 76  THR A CA  1 
ATOM   603  C  C   . THR A 1 76  ? -17.096 0.404   -5.317  1.00 22.92 ? 76  THR A C   1 
ATOM   604  O  O   . THR A 1 76  ? -17.998 -0.419  -5.068  1.00 22.15 ? 76  THR A O   1 
ATOM   605  C  CB  . THR A 1 76  ? -18.483 2.074   -6.620  1.00 23.80 ? 76  THR A CB  1 
ATOM   606  O  OG1 . THR A 1 76  ? -17.932 1.702   -7.891  1.00 26.71 ? 76  THR A OG1 1 
ATOM   607  C  CG2 . THR A 1 76  ? -18.995 3.517   -6.662  1.00 27.21 ? 76  THR A CG2 1 
ATOM   608  N  N   . SER A 1 77  ? -15.810 0.068   -5.438  1.00 21.98 ? 77  SER A N   1 
ATOM   609  C  CA  . SER A 1 77  ? -15.318 -1.283  -5.240  1.00 21.12 ? 77  SER A CA  1 
ATOM   610  C  C   . SER A 1 77  ? -13.806 -1.157  -5.027  1.00 20.39 ? 77  SER A C   1 
ATOM   611  O  O   . SER A 1 77  ? -13.232 -0.045  -5.098  1.00 19.84 ? 77  SER A O   1 
ATOM   612  C  CB  . SER A 1 77  ? -15.632 -2.166  -6.475  1.00 21.28 ? 77  SER A CB  1 
ATOM   613  O  OG  . SER A 1 77  ? -17.020 -2.403  -6.643  1.00 21.58 ? 77  SER A OG  1 
ATOM   614  N  N   . LEU A 1 78  ? -13.157 -2.310  -4.869  1.00 19.41 ? 78  LEU A N   1 
ATOM   615  C  CA  . LEU A 1 78  ? -11.725 -2.384  -4.642  1.00 18.68 ? 78  LEU A CA  1 
ATOM   616  C  C   . LEU A 1 78  ? -11.111 -3.661  -5.198  1.00 19.22 ? 78  LEU A C   1 
ATOM   617  O  O   . LEU A 1 78  ? -11.690 -4.736  -5.103  1.00 19.83 ? 78  LEU A O   1 
ATOM   618  C  CB  . LEU A 1 78  ? -11.452 -2.362  -3.127  1.00 16.87 ? 78  LEU A CB  1 
ATOM   619  C  CG  . LEU A 1 78  ? -11.643 -1.067  -2.349  1.00 15.17 ? 78  LEU A CG  1 
ATOM   620  C  CD1 . LEU A 1 78  ? -11.973 -1.413  -0.868  1.00 14.90 ? 78  LEU A CD1 1 
ATOM   621  C  CD2 . LEU A 1 78  ? -10.379 -0.186  -2.483  1.00 13.07 ? 78  LEU A CD2 1 
ATOM   622  N  N   . THR A 1 79  ? -9.914  -3.552  -5.738  1.00 19.03 ? 79  THR A N   1 
ATOM   623  C  CA  . THR A 1 79  ? -9.210  -4.704  -6.218  1.00 18.51 ? 79  THR A CA  1 
ATOM   624  C  C   . THR A 1 79  ? -8.062  -4.855  -5.243  1.00 18.72 ? 79  THR A C   1 
ATOM   625  O  O   . THR A 1 79  ? -7.353  -3.877  -4.949  1.00 18.02 ? 79  THR A O   1 
ATOM   626  C  CB  . THR A 1 79  ? -8.595  -4.421  -7.553  1.00 19.18 ? 79  THR A CB  1 
ATOM   627  O  OG1 . THR A 1 79  ? -9.607  -4.353  -8.561  1.00 19.22 ? 79  THR A OG1 1 
ATOM   628  C  CG2 . THR A 1 79  ? -7.616  -5.494  -7.895  1.00 21.18 ? 79  THR A CG2 1 
ATOM   629  N  N   . PHE A 1 80  ? -7.889  -6.054  -4.708  1.00 18.91 ? 80  PHE A N   1 
ATOM   630  C  CA  . PHE A 1 80  ? -6.772  -6.337  -3.810  1.00 18.66 ? 80  PHE A CA  1 
ATOM   631  C  C   . PHE A 1 80  ? -5.915  -7.397  -4.510  1.00 19.87 ? 80  PHE A C   1 
ATOM   632  O  O   . PHE A 1 80  ? -6.456  -8.415  -4.944  1.00 21.45 ? 80  PHE A O   1 
ATOM   633  C  CB  . PHE A 1 80  ? -7.266  -6.855  -2.471  1.00 16.35 ? 80  PHE A CB  1 
ATOM   634  C  CG  . PHE A 1 80  ? -8.034  -5.830  -1.668  1.00 16.54 ? 80  PHE A CG  1 
ATOM   635  C  CD1 . PHE A 1 80  ? -7.376  -5.002  -0.760  1.00 16.20 ? 80  PHE A CD1 1 
ATOM   636  C  CD2 . PHE A 1 80  ? -9.419  -5.781  -1.735  1.00 17.28 ? 80  PHE A CD2 1 
ATOM   637  C  CE1 . PHE A 1 80  ? -8.087  -4.147  0.098   1.00 15.82 ? 80  PHE A CE1 1 
ATOM   638  C  CE2 . PHE A 1 80  ? -10.143 -4.934  -0.890  1.00 15.70 ? 80  PHE A CE2 1 
ATOM   639  C  CZ  . PHE A 1 80  ? -9.477  -4.119  0.036   1.00 15.00 ? 80  PHE A CZ  1 
ATOM   640  N  N   . SER A 1 81  ? -4.623  -7.148  -4.704  1.00 19.77 ? 81  SER A N   1 
ATOM   641  C  CA  . SER A 1 81  ? -3.751  -8.149  -5.362  1.00 21.00 ? 81  SER A CA  1 
ATOM   642  C  C   . SER A 1 81  ? -2.370  -8.255  -4.755  1.00 20.71 ? 81  SER A C   1 
ATOM   643  O  O   . SER A 1 81  ? -1.692  -7.243  -4.520  1.00 19.99 ? 81  SER A O   1 
ATOM   644  C  CB  . SER A 1 81  ? -3.540  -7.863  -6.854  1.00 22.15 ? 81  SER A CB  1 
ATOM   645  O  OG  . SER A 1 81  ? -4.742  -7.989  -7.583  1.00 31.90 ? 81  SER A OG  1 
HETATM 646  N  N   . MSE A 1 82  ? -1.928  -9.483  -4.550  1.00 20.37 ? 82  MSE A N   1 
HETATM 647  C  CA  . MSE A 1 82  ? -0.604  -9.701  -4.027  1.00 20.29 ? 82  MSE A CA  1 
HETATM 648  C  C   . MSE A 1 82  ? 0.136   -10.568 -5.068  1.00 21.25 ? 82  MSE A C   1 
HETATM 649  O  O   . MSE A 1 82  ? -0.346  -11.657 -5.450  1.00 21.62 ? 82  MSE A O   1 
HETATM 650  C  CB  . MSE A 1 82  ? -0.698  -10.314 -2.626  1.00 18.54 ? 82  MSE A CB  1 
HETATM 651  C  CG  . MSE A 1 82  ? 0.645   -10.635 -1.962  1.00 20.75 ? 82  MSE A CG  1 
HETATM 652  SE SE  . MSE A 1 82  ? 0.582   -11.070 -0.194  1.00 25.44 ? 82  MSE A SE  1 
HETATM 653  C  CE  . MSE A 1 82  ? -0.750  -12.436 -0.201  1.00 22.80 ? 82  MSE A CE  1 
ATOM   654  N  N   . GLN A 1 83  ? 1.182   -10.000 -5.683  1.00 21.14 ? 83  GLN A N   1 
ATOM   655  C  CA  . GLN A 1 83  ? 1.994   -10.751 -6.668  1.00 22.47 ? 83  GLN A CA  1 
ATOM   656  C  C   . GLN A 1 83  ? 3.152   -11.388 -5.912  1.00 22.49 ? 83  GLN A C   1 
ATOM   657  O  O   . GLN A 1 83  ? 4.225   -10.780 -5.725  1.00 22.04 ? 83  GLN A O   1 
ATOM   658  C  CB  . GLN A 1 83  ? 2.461   -9.823  -7.762  1.00 24.57 ? 83  GLN A CB  1 
ATOM   659  C  CG  . GLN A 1 83  ? 1.294   -8.993  -8.235  1.00 29.48 ? 83  GLN A CG  1 
ATOM   660  C  CD  . GLN A 1 83  ? 1.590   -8.165  -9.461  1.00 34.23 ? 83  GLN A CD  1 
ATOM   661  O  OE1 . GLN A 1 83  ? 2.326   -7.170  -9.388  1.00 38.04 ? 83  GLN A OE1 1 
ATOM   662  N  NE2 . GLN A 1 83  ? 0.969   -8.525  -10.586 1.00 34.18 ? 83  GLN A NE2 1 
ATOM   663  N  N   . ASP A 1 84  ? 2.885   -12.600 -5.423  1.00 22.00 ? 84  ASP A N   1 
ATOM   664  C  CA  . ASP A 1 84  ? 3.793   -13.366 -4.588  1.00 22.14 ? 84  ASP A CA  1 
ATOM   665  C  C   . ASP A 1 84  ? 4.836   -14.222 -5.318  1.00 22.53 ? 84  ASP A C   1 
ATOM   666  O  O   . ASP A 1 84  ? 4.674   -15.431 -5.479  1.00 21.36 ? 84  ASP A O   1 
ATOM   667  C  CB  . ASP A 1 84  ? 2.949   -14.223 -3.643  1.00 20.77 ? 84  ASP A CB  1 
ATOM   668  C  CG  . ASP A 1 84  ? 3.774   -14.955 -2.627  1.00 24.17 ? 84  ASP A CG  1 
ATOM   669  O  OD1 . ASP A 1 84  ? 4.772   -14.373 -2.163  1.00 25.39 ? 84  ASP A OD1 1 
ATOM   670  O  OD2 . ASP A 1 84  ? 3.415   -16.096 -2.243  1.00 21.50 ? 84  ASP A OD2 1 
ATOM   671  N  N   . GLY A 1 85  ? 5.941   -13.601 -5.710  1.00 23.42 ? 85  GLY A N   1 
ATOM   672  C  CA  . GLY A 1 85  ? 6.987   -14.343 -6.389  1.00 23.43 ? 85  GLY A CA  1 
ATOM   673  C  C   . GLY A 1 85  ? 7.273   -13.807 -7.764  1.00 24.78 ? 85  GLY A C   1 
ATOM   674  O  O   . GLY A 1 85  ? 6.423   -13.154 -8.392  1.00 24.43 ? 85  GLY A O   1 
ATOM   675  N  N   . PRO A 1 86  ? 8.449   -14.152 -8.305  1.00 25.96 ? 86  PRO A N   1 
ATOM   676  C  CA  . PRO A 1 86  ? 8.932   -13.741 -9.619  1.00 27.12 ? 86  PRO A CA  1 
ATOM   677  C  C   . PRO A 1 86  ? 7.999   -14.132 -10.746 1.00 28.68 ? 86  PRO A C   1 
ATOM   678  O  O   . PRO A 1 86  ? 7.748   -13.324 -11.650 1.00 30.22 ? 86  PRO A O   1 
ATOM   679  C  CB  . PRO A 1 86  ? 10.265  -14.474 -9.749  1.00 26.93 ? 86  PRO A CB  1 
ATOM   680  C  CG  . PRO A 1 86  ? 10.651  -14.769 -8.392  1.00 26.80 ? 86  PRO A CG  1 
ATOM   681  C  CD  . PRO A 1 86  ? 9.386   -15.095 -7.679  1.00 26.09 ? 86  PRO A CD  1 
ATOM   682  N  N   . GLU A 1 87  ? 7.446   -15.345 -10.707 1.00 29.09 ? 87  GLU A N   1 
ATOM   683  C  CA  . GLU A 1 87  ? 6.543   -15.758 -11.786 1.00 29.25 ? 87  GLU A CA  1 
ATOM   684  C  C   . GLU A 1 87  ? 5.127   -15.196 -11.688 1.00 29.25 ? 87  GLU A C   1 
ATOM   685  O  O   . GLU A 1 87  ? 4.321   -15.427 -12.570 1.00 29.32 ? 87  GLU A O   1 
ATOM   686  C  CB  . GLU A 1 87  ? 6.542   -17.287 -11.967 1.00 29.80 ? 87  GLU A CB  1 
ATOM   687  C  CG  . GLU A 1 87  ? 7.845   -17.878 -12.588 1.00 30.15 ? 87  GLU A CG  1 
ATOM   688  C  CD  . GLU A 1 87  ? 9.071   -17.792 -11.677 1.00 30.74 ? 87  GLU A CD  1 
ATOM   689  O  OE1 . GLU A 1 87  ? 9.090   -18.365 -10.572 1.00 29.38 ? 87  GLU A OE1 1 
ATOM   690  O  OE2 . GLU A 1 87  ? 10.049  -17.138 -12.067 1.00 33.84 ? 87  GLU A OE2 1 
ATOM   691  N  N   . ALA A 1 88  ? 4.845   -14.449 -10.616 1.00 29.78 ? 88  ALA A N   1 
ATOM   692  C  CA  . ALA A 1 88  ? 3.544   -13.806 -10.391 1.00 29.55 ? 88  ALA A CA  1 
ATOM   693  C  C   . ALA A 1 88  ? 3.704   -12.320 -10.714 1.00 30.52 ? 88  ALA A C   1 
ATOM   694  O  O   . ALA A 1 88  ? 2.750   -11.534 -10.592 1.00 30.28 ? 88  ALA A O   1 
ATOM   695  C  CB  . ALA A 1 88  ? 3.106   -13.981 -8.968  1.00 25.94 ? 88  ALA A CB  1 
ATOM   696  N  N   . GLY A 1 89  ? 4.933   -11.933 -11.059 1.00 30.95 ? 89  GLY A N   1 
ATOM   697  C  CA  . GLY A 1 89  ? 5.215   -10.555 -11.421 1.00 31.78 ? 89  GLY A CA  1 
ATOM   698  C  C   . GLY A 1 89  ? 5.842   -9.670  -10.360 1.00 32.38 ? 89  GLY A C   1 
ATOM   699  O  O   . GLY A 1 89  ? 6.006   -8.493  -10.601 1.00 33.20 ? 89  GLY A O   1 
ATOM   700  N  N   . GLN A 1 90  ? 6.200   -10.218 -9.210  1.00 33.31 ? 90  GLN A N   1 
ATOM   701  C  CA  . GLN A 1 90  ? 6.790   -9.424  -8.160  1.00 34.72 ? 90  GLN A CA  1 
ATOM   702  C  C   . GLN A 1 90  ? 8.053   -8.730  -8.657  1.00 37.13 ? 90  GLN A C   1 
ATOM   703  O  O   . GLN A 1 90  ? 8.934   -9.408  -9.199  1.00 38.59 ? 90  GLN A O   1 
ATOM   704  C  CB  . GLN A 1 90  ? 7.155   -10.322 -6.978  1.00 34.52 ? 90  GLN A CB  1 
ATOM   705  C  CG  . GLN A 1 90  ? 7.632   -9.582  -5.734  1.00 33.66 ? 90  GLN A CG  1 
ATOM   706  C  CD  . GLN A 1 90  ? 7.869   -10.520 -4.587  1.00 34.98 ? 90  GLN A CD  1 
ATOM   707  O  OE1 . GLN A 1 90  ? 8.261   -11.653 -4.781  1.00 40.34 ? 90  GLN A OE1 1 
ATOM   708  N  NE2 . GLN A 1 90  ? 7.629   -10.063 -3.380  1.00 35.47 ? 90  GLN A NE2 1 
ATOM   709  N  N   . THR A 1 91  ? 8.112   -7.395  -8.584  1.00 37.73 ? 91  THR A N   1 
ATOM   710  C  CA  . THR A 1 91  ? 9.329   -6.673  -8.964  1.00 38.28 ? 91  THR A CA  1 
ATOM   711  C  C   . THR A 1 91  ? 10.114  -6.391  -7.671  1.00 38.93 ? 91  THR A C   1 
ATOM   712  O  O   . THR A 1 91  ? 11.261  -6.824  -7.546  1.00 40.84 ? 91  THR A O   1 
ATOM   713  C  CB  . THR A 1 91  ? 9.083   -5.403  -9.829  1.00 37.39 ? 91  THR A CB  1 
ATOM   714  O  OG1 . THR A 1 91  ? 8.315   -4.417  -9.115  1.00 40.93 ? 91  THR A OG1 1 
ATOM   715  C  CG2 . THR A 1 91  ? 8.326   -5.777  -11.059 1.00 38.50 ? 91  THR A CG2 1 
ATOM   716  N  N   . VAL A 1 92  ? 9.495   -5.795  -6.654  1.00 38.36 ? 92  VAL A N   1 
ATOM   717  C  CA  . VAL A 1 92  ? 10.233  -5.548  -5.417  1.00 37.36 ? 92  VAL A CA  1 
ATOM   718  C  C   . VAL A 1 92  ? 10.076  -6.762  -4.475  1.00 37.55 ? 92  VAL A C   1 
ATOM   719  O  O   . VAL A 1 92  ? 8.956   -7.205  -4.153  1.00 37.55 ? 92  VAL A O   1 
ATOM   720  C  CB  . VAL A 1 92  ? 9.887   -4.142  -4.787  1.00 36.34 ? 92  VAL A CB  1 
ATOM   721  C  CG1 . VAL A 1 92  ? 8.447   -3.823  -4.991  1.00 37.85 ? 92  VAL A CG1 1 
ATOM   722  C  CG2 . VAL A 1 92  ? 10.261  -4.063  -3.334  1.00 32.78 ? 92  VAL A CG2 1 
ATOM   723  N  N   . LYS A 1 93  ? 11.212  -7.333  -4.088  1.00 36.40 ? 93  LYS A N   1 
ATOM   724  C  CA  . LYS A 1 93  ? 11.233  -8.501  -3.235  1.00 35.09 ? 93  LYS A CA  1 
ATOM   725  C  C   . LYS A 1 93  ? 10.885  -8.245  -1.785  1.00 34.22 ? 93  LYS A C   1 
ATOM   726  O  O   . LYS A 1 93  ? 11.659  -8.506  -0.851  1.00 33.35 ? 93  LYS A O   1 
ATOM   727  C  CB  . LYS A 1 93  ? 12.556  -9.216  -3.393  1.00 36.40 ? 93  LYS A CB  1 
ATOM   728  C  CG  . LYS A 1 93  ? 12.735  -9.713  -4.806  1.00 41.56 ? 93  LYS A CG  1 
ATOM   729  C  CD  . LYS A 1 93  ? 14.141  -10.254 -4.973  1.00 48.46 ? 93  LYS A CD  1 
ATOM   730  C  CE  . LYS A 1 93  ? 14.179  -11.489 -5.843  1.00 51.53 ? 93  LYS A CE  1 
ATOM   731  N  NZ  . LYS A 1 93  ? 15.472  -12.212 -5.566  1.00 57.75 ? 93  LYS A NZ  1 
ATOM   732  N  N   . HIS A 1 94  ? 9.655   -7.782  -1.609  1.00 32.99 ? 94  HIS A N   1 
ATOM   733  C  CA  . HIS A 1 94  ? 9.101   -7.475  -0.286  1.00 31.86 ? 94  HIS A CA  1 
ATOM   734  C  C   . HIS A 1 94  ? 7.601   -7.802  -0.516  1.00 29.72 ? 94  HIS A C   1 
ATOM   735  O  O   . HIS A 1 94  ? 7.043   -7.485  -1.591  1.00 29.12 ? 94  HIS A O   1 
ATOM   736  C  CB  . HIS A 1 94  ? 9.316   -5.958  0.024   1.00 33.06 ? 94  HIS A CB  1 
ATOM   737  C  CG  . HIS A 1 94  ? 9.076   -5.573  1.454   1.00 35.34 ? 94  HIS A CG  1 
ATOM   738  N  ND1 . HIS A 1 94  ? 7.972   -5.982  2.171   1.00 38.81 ? 94  HIS A ND1 1 
ATOM   739  C  CD2 . HIS A 1 94  ? 9.812   -4.810  2.301   1.00 38.02 ? 94  HIS A CD2 1 
ATOM   740  C  CE1 . HIS A 1 94  ? 8.039   -5.492  3.401   1.00 39.95 ? 94  HIS A CE1 1 
ATOM   741  N  NE2 . HIS A 1 94  ? 9.147   -4.780  3.506   1.00 38.42 ? 94  HIS A NE2 1 
ATOM   742  N  N   . VAL A 1 95  ? 7.011   -8.544  0.416   1.00 27.83 ? 95  VAL A N   1 
ATOM   743  C  CA  . VAL A 1 95  ? 5.587   -8.897  0.349   1.00 25.46 ? 95  VAL A CA  1 
ATOM   744  C  C   . VAL A 1 95  ? 4.811   -7.589  0.427   1.00 24.63 ? 95  VAL A C   1 
ATOM   745  O  O   . VAL A 1 95  ? 5.150   -6.717  1.266   1.00 24.69 ? 95  VAL A O   1 
ATOM   746  C  CB  . VAL A 1 95  ? 5.111   -9.727  1.608   1.00 24.22 ? 95  VAL A CB  1 
ATOM   747  C  CG1 . VAL A 1 95  ? 3.599   -9.844  1.605   1.00 20.62 ? 95  VAL A CG1 1 
ATOM   748  C  CG2 . VAL A 1 95  ? 5.746   -11.108 1.639   1.00 23.01 ? 95  VAL A CG2 1 
ATOM   749  N  N   . HIS A 1 96  ? 3.862   -7.400  -0.479  1.00 22.34 ? 96  HIS A N   1 
ATOM   750  C  CA  . HIS A 1 96  ? 3.001   -6.232  -0.411  1.00 21.31 ? 96  HIS A CA  1 
ATOM   751  C  C   . HIS A 1 96  ? 1.711   -6.417  -1.167  1.00 20.37 ? 96  HIS A C   1 
ATOM   752  O  O   . HIS A 1 96  ? 1.660   -7.091  -2.202  1.00 20.94 ? 96  HIS A O   1 
ATOM   753  C  CB  . HIS A 1 96  ? 3.708   -4.937  -0.847  1.00 20.06 ? 96  HIS A CB  1 
ATOM   754  C  CG  . HIS A 1 96  ? 4.168   -4.952  -2.264  1.00 20.25 ? 96  HIS A CG  1 
ATOM   755  N  ND1 . HIS A 1 96  ? 5.340   -5.555  -2.654  1.00 21.15 ? 96  HIS A ND1 1 
ATOM   756  C  CD2 . HIS A 1 96  ? 3.605   -4.460  -3.387  1.00 17.80 ? 96  HIS A CD2 1 
ATOM   757  C  CE1 . HIS A 1 96  ? 5.480   -5.437  -3.961  1.00 19.28 ? 96  HIS A CE1 1 
ATOM   758  N  NE2 . HIS A 1 96  ? 4.442   -4.774  -4.427  1.00 19.20 ? 96  HIS A NE2 1 
ATOM   759  N  N   . VAL A 1 97  ? 0.669   -5.773  -0.658  1.00 19.51 ? 97  VAL A N   1 
ATOM   760  C  CA  . VAL A 1 97  ? -0.649  -5.840  -1.275  1.00 17.95 ? 97  VAL A CA  1 
ATOM   761  C  C   . VAL A 1 97  ? -0.946  -4.557  -2.048  1.00 17.86 ? 97  VAL A C   1 
ATOM   762  O  O   . VAL A 1 97  ? -0.755  -3.460  -1.517  1.00 17.67 ? 97  VAL A O   1 
ATOM   763  C  CB  . VAL A 1 97  ? -1.766  -5.998  -0.211  1.00 17.11 ? 97  VAL A CB  1 
ATOM   764  C  CG1 . VAL A 1 97  ? -3.100  -6.274  -0.916  1.00 15.62 ? 97  VAL A CG1 1 
ATOM   765  C  CG2 . VAL A 1 97  ? -1.397  -7.084  0.840   1.00 16.99 ? 97  VAL A CG2 1 
ATOM   766  N  N   . HIS A 1 98  ? -1.351  -4.682  -3.304  1.00 17.10 ? 98  HIS A N   1 
ATOM   767  C  CA  . HIS A 1 98  ? -1.767  -3.519  -4.086  1.00 17.71 ? 98  HIS A CA  1 
ATOM   768  C  C   . HIS A 1 98  ? -3.262  -3.357  -3.750  1.00 17.66 ? 98  HIS A C   1 
ATOM   769  O  O   . HIS A 1 98  ? -4.002  -4.338  -3.738  1.00 17.19 ? 98  HIS A O   1 
ATOM   770  C  CB  . HIS A 1 98  ? -1.631  -3.767  -5.597  1.00 17.75 ? 98  HIS A CB  1 
ATOM   771  C  CG  . HIS A 1 98  ? -0.224  -4.008  -6.049  1.00 19.54 ? 98  HIS A CG  1 
ATOM   772  N  ND1 . HIS A 1 98  ? 0.601   -2.997  -6.495  1.00 21.15 ? 98  HIS A ND1 1 
ATOM   773  C  CD2 . HIS A 1 98  ? 0.504   -5.151  -6.123  1.00 19.19 ? 98  HIS A CD2 1 
ATOM   774  C  CE1 . HIS A 1 98  ? 1.775   -3.511  -6.834  1.00 22.05 ? 98  HIS A CE1 1 
ATOM   775  N  NE2 . HIS A 1 98  ? 1.739   -4.811  -6.618  1.00 19.33 ? 98  HIS A NE2 1 
ATOM   776  N  N   . VAL A 1 99  ? -3.672  -2.152  -3.389  1.00 17.75 ? 99  VAL A N   1 
ATOM   777  C  CA  . VAL A 1 99  ? -5.058  -1.851  -3.067  1.00 16.74 ? 99  VAL A CA  1 
ATOM   778  C  C   . VAL A 1 99  ? -5.482  -0.791  -4.083  1.00 18.72 ? 99  VAL A C   1 
ATOM   779  O  O   . VAL A 1 99  ? -4.895  0.297   -4.138  1.00 18.26 ? 99  VAL A O   1 
ATOM   780  C  CB  . VAL A 1 99  ? -5.149  -1.289  -1.644  1.00 16.85 ? 99  VAL A CB  1 
ATOM   781  C  CG1 . VAL A 1 99  ? -6.620  -0.904  -1.301  1.00 15.12 ? 99  VAL A CG1 1 
ATOM   782  C  CG2 . VAL A 1 99  ? -4.519  -2.295  -0.643  1.00 14.22 ? 99  VAL A CG2 1 
ATOM   783  N  N   . LEU A 1 100 ? -6.501  -1.081  -4.886  1.00 19.26 ? 100 LEU A N   1 
ATOM   784  C  CA  . LEU A 1 100 ? -6.926  -0.146  -5.936  1.00 21.29 ? 100 LEU A CA  1 
ATOM   785  C  C   . LEU A 1 100 ? -8.417  0.186   -5.933  1.00 21.93 ? 100 LEU A C   1 
ATOM   786  O  O   . LEU A 1 100 ? -9.245  -0.714  -6.095  1.00 22.10 ? 100 LEU A O   1 
ATOM   787  C  CB  . LEU A 1 100 ? -6.554  -0.693  -7.321  1.00 21.40 ? 100 LEU A CB  1 
ATOM   788  C  CG  . LEU A 1 100 ? -5.057  -0.930  -7.547  1.00 23.07 ? 100 LEU A CG  1 
ATOM   789  C  CD1 . LEU A 1 100 ? -4.716  -2.333  -7.228  1.00 22.03 ? 100 LEU A CD1 1 
ATOM   790  C  CD2 . LEU A 1 100 ? -4.655  -0.616  -8.953  1.00 25.24 ? 100 LEU A CD2 1 
ATOM   791  N  N   . PRO A 1 101 ? -8.777  1.471   -5.691  1.00 22.49 ? 101 PRO A N   1 
ATOM   792  C  CA  . PRO A 1 101 ? -10.195 1.845   -5.687  1.00 22.85 ? 101 PRO A CA  1 
ATOM   793  C  C   . PRO A 1 101 ? -10.661 1.692   -7.123  1.00 23.20 ? 101 PRO A C   1 
ATOM   794  O  O   . PRO A 1 101 ? -9.947  2.061   -8.063  1.00 23.22 ? 101 PRO A O   1 
ATOM   795  C  CB  . PRO A 1 101 ? -10.175 3.318   -5.278  1.00 20.67 ? 101 PRO A CB  1 
ATOM   796  C  CG  . PRO A 1 101 ? -8.895  3.481   -4.526  1.00 21.59 ? 101 PRO A CG  1 
ATOM   797  C  CD  . PRO A 1 101 ? -7.934  2.625   -5.324  1.00 22.29 ? 101 PRO A CD  1 
ATOM   798  N  N   . ARG A 1 102 ? -11.832 1.094   -7.285  1.00 24.30 ? 102 ARG A N   1 
ATOM   799  C  CA  . ARG A 1 102 ? -12.410 0.862   -8.590  1.00 25.37 ? 102 ARG A CA  1 
ATOM   800  C  C   . ARG A 1 102 ? -13.706 1.652   -8.791  1.00 26.84 ? 102 ARG A C   1 
ATOM   801  O  O   . ARG A 1 102 ? -14.506 1.800   -7.882  1.00 25.98 ? 102 ARG A O   1 
ATOM   802  C  CB  . ARG A 1 102 ? -12.698 -0.615  -8.741  1.00 24.60 ? 102 ARG A CB  1 
ATOM   803  C  CG  . ARG A 1 102 ? -11.496 -1.516  -8.515  1.00 24.93 ? 102 ARG A CG  1 
ATOM   804  C  CD  . ARG A 1 102 ? -10.341 -1.249  -9.500  1.00 26.95 ? 102 ARG A CD  1 
ATOM   805  N  NE  . ARG A 1 102 ? -10.752 -1.356  -10.898 1.00 27.95 ? 102 ARG A NE  1 
ATOM   806  C  CZ  . ARG A 1 102 ? -10.940 -2.493  -11.567 1.00 29.64 ? 102 ARG A CZ  1 
ATOM   807  N  NH1 . ARG A 1 102 ? -10.735 -3.670  -10.982 1.00 27.99 ? 102 ARG A NH1 1 
ATOM   808  N  NH2 . ARG A 1 102 ? -11.427 -2.445  -12.806 1.00 26.81 ? 102 ARG A NH2 1 
ATOM   809  N  N   . LYS A 1 103 ? -13.888 2.161   -10.002 1.00 29.66 ? 103 LYS A N   1 
ATOM   810  C  CA  . LYS A 1 103 ? -15.074 2.925   -10.385 1.00 31.91 ? 103 LYS A CA  1 
ATOM   811  C  C   . LYS A 1 103 ? -15.613 2.268   -11.649 1.00 32.81 ? 103 LYS A C   1 
ATOM   812  O  O   . LYS A 1 103 ? -14.881 1.631   -12.409 1.00 32.19 ? 103 LYS A O   1 
ATOM   813  C  CB  . LYS A 1 103 ? -14.714 4.366   -10.785 1.00 33.87 ? 103 LYS A CB  1 
ATOM   814  C  CG  . LYS A 1 103 ? -14.133 5.246   -9.719  1.00 39.64 ? 103 LYS A CG  1 
ATOM   815  C  CD  . LYS A 1 103 ? -13.847 6.643   -10.256 1.00 41.88 ? 103 LYS A CD  1 
ATOM   816  C  CE  . LYS A 1 103 ? -13.150 7.538   -9.201  1.00 45.77 ? 103 LYS A CE  1 
ATOM   817  N  NZ  . LYS A 1 103 ? -11.665 7.236   -8.989  1.00 48.36 ? 103 LYS A NZ  1 
ATOM   818  N  N   . ALA A 1 104 ? -16.867 2.543   -11.934 1.00 34.54 ? 104 ALA A N   1 
ATOM   819  C  CA  . ALA A 1 104 ? -17.514 2.025   -13.129 1.00 36.39 ? 104 ALA A CA  1 
ATOM   820  C  C   . ALA A 1 104 ? -16.769 2.579   -14.363 1.00 37.25 ? 104 ALA A C   1 
ATOM   821  O  O   . ALA A 1 104 ? -16.432 3.768   -14.427 1.00 36.88 ? 104 ALA A O   1 
ATOM   822  C  CB  . ALA A 1 104 ? -19.003 2.460   -13.149 1.00 36.52 ? 104 ALA A CB  1 
ATOM   823  N  N   . GLY A 1 105 ? -16.428 1.673   -15.276 1.00 38.44 ? 105 GLY A N   1 
ATOM   824  C  CA  . GLY A 1 105 ? -15.747 2.063   -16.503 1.00 39.92 ? 105 GLY A CA  1 
ATOM   825  C  C   . GLY A 1 105 ? -14.328 2.590   -16.408 1.00 41.01 ? 105 GLY A C   1 
ATOM   826  O  O   . GLY A 1 105 ? -13.875 3.374   -17.265 1.00 40.67 ? 105 GLY A O   1 
ATOM   827  N  N   . ASP A 1 106 ? -13.620 2.178   -15.369 1.00 41.42 ? 106 ASP A N   1 
ATOM   828  C  CA  . ASP A 1 106 ? -12.259 2.622   -15.239 1.00 42.04 ? 106 ASP A CA  1 
ATOM   829  C  C   . ASP A 1 106 ? -11.327 1.724   -16.079 1.00 42.77 ? 106 ASP A C   1 
ATOM   830  O  O   . ASP A 1 106 ? -10.230 2.233   -16.403 1.00 43.49 ? 106 ASP A O   1 
ATOM   831  C  CB  . ASP A 1 106 ? -11.847 2.730   -13.756 1.00 41.20 ? 106 ASP A CB  1 
ATOM   832  C  CG  . ASP A 1 106 ? -11.969 1.413   -12.990 1.00 39.82 ? 106 ASP A CG  1 
ATOM   833  O  OD1 . ASP A 1 106 ? -12.523 0.425   -13.528 1.00 39.09 ? 106 ASP A OD1 1 
ATOM   834  O  OD2 . ASP A 1 106 ? -11.519 1.373   -11.828 1.00 36.42 ? 106 ASP A OD2 1 
ATOM   835  N  N   . ALA A 1 127 ? 3.737   8.733   -16.540 1.00 52.17 ? 127 ALA A N   1 
ATOM   836  C  CA  . ALA A 1 127 ? 2.337   9.143   -16.929 1.00 52.17 ? 127 ALA A CA  1 
ATOM   837  C  C   . ALA A 1 127 ? 1.437   9.615   -15.757 1.00 51.88 ? 127 ALA A C   1 
ATOM   838  O  O   . ALA A 1 127 ? 0.837   10.691  -15.802 1.00 51.97 ? 127 ALA A O   1 
ATOM   839  C  CB  . ALA A 1 127 ? 1.662   8.003   -17.682 1.00 52.81 ? 127 ALA A CB  1 
ATOM   840  N  N   . SER A 1 128 ? 1.278   8.738   -14.765 1.00 51.57 ? 128 SER A N   1 
ATOM   841  C  CA  . SER A 1 128 ? 0.503   9.004   -13.537 1.00 50.15 ? 128 SER A CA  1 
ATOM   842  C  C   . SER A 1 128 ? 1.550   9.515   -12.546 1.00 48.48 ? 128 SER A C   1 
ATOM   843  O  O   . SER A 1 128 ? 1.264   9.731   -11.360 1.00 48.85 ? 128 SER A O   1 
ATOM   844  C  CB  . SER A 1 128 ? -0.080  7.692   -12.981 1.00 51.70 ? 128 SER A CB  1 
ATOM   845  O  OG  . SER A 1 128 ? 0.969   6.750   -12.711 1.00 52.42 ? 128 SER A OG  1 
ATOM   846  N  N   . TRP A 1 129 ? 2.787   9.566   -13.046 1.00 46.10 ? 129 TRP A N   1 
ATOM   847  C  CA  . TRP A 1 129 ? 3.945   10.026  -12.317 1.00 43.54 ? 129 TRP A CA  1 
ATOM   848  C  C   . TRP A 1 129 ? 3.655   11.362  -11.634 1.00 40.98 ? 129 TRP A C   1 
ATOM   849  O  O   . TRP A 1 129 ? 3.013   12.243  -12.211 1.00 40.70 ? 129 TRP A O   1 
ATOM   850  C  CB  . TRP A 1 129 ? 5.137   10.195  -13.285 1.00 44.98 ? 129 TRP A CB  1 
ATOM   851  C  CG  . TRP A 1 129 ? 6.364   10.652  -12.585 1.00 45.85 ? 129 TRP A CG  1 
ATOM   852  C  CD1 . TRP A 1 129 ? 7.330   9.855   -12.044 1.00 46.50 ? 129 TRP A CD1 1 
ATOM   853  C  CD2 . TRP A 1 129 ? 6.689   12.004  -12.179 1.00 46.72 ? 129 TRP A CD2 1 
ATOM   854  N  NE1 . TRP A 1 129 ? 8.216   10.615  -11.307 1.00 48.16 ? 129 TRP A NE1 1 
ATOM   855  C  CE2 . TRP A 1 129 ? 7.848   11.937  -11.381 1.00 47.04 ? 129 TRP A CE2 1 
ATOM   856  C  CE3 . TRP A 1 129 ? 6.090   13.258  -12.418 1.00 47.32 ? 129 TRP A CE3 1 
ATOM   857  C  CZ2 . TRP A 1 129 ? 8.438   13.082  -10.796 1.00 47.48 ? 129 TRP A CZ2 1 
ATOM   858  C  CZ3 . TRP A 1 129 ? 6.681   14.401  -11.830 1.00 48.46 ? 129 TRP A CZ3 1 
ATOM   859  C  CH2 . TRP A 1 129 ? 7.847   14.296  -11.036 1.00 47.12 ? 129 TRP A CH2 1 
ATOM   860  N  N   . ARG A 1 130 ? 4.147   11.508  -10.411 1.00 38.36 ? 130 ARG A N   1 
ATOM   861  C  CA  . ARG A 1 130 ? 3.971   12.752  -9.714  1.00 35.09 ? 130 ARG A CA  1 
ATOM   862  C  C   . ARG A 1 130 ? 5.200   12.955  -8.832  1.00 33.12 ? 130 ARG A C   1 
ATOM   863  O  O   . ARG A 1 130 ? 5.986   12.030  -8.648  1.00 31.84 ? 130 ARG A O   1 
ATOM   864  C  CB  . ARG A 1 130 ? 2.660   12.743  -8.918  1.00 35.21 ? 130 ARG A CB  1 
ATOM   865  C  CG  . ARG A 1 130 ? 2.607   11.700  -7.835  1.00 32.34 ? 130 ARG A CG  1 
ATOM   866  C  CD  . ARG A 1 130 ? 1.585   10.665  -8.136  1.00 29.31 ? 130 ARG A CD  1 
ATOM   867  N  NE  . ARG A 1 130 ? 1.393   9.815   -6.969  1.00 27.09 ? 130 ARG A NE  1 
ATOM   868  C  CZ  . ARG A 1 130 ? 0.412   9.945   -6.075  1.00 26.00 ? 130 ARG A CZ  1 
ATOM   869  N  NH1 . ARG A 1 130 ? -0.523  10.894  -6.184  1.00 25.22 ? 130 ARG A NH1 1 
ATOM   870  N  NH2 . ARG A 1 130 ? 0.387   9.124   -5.034  1.00 21.89 ? 130 ARG A NH2 1 
ATOM   871  N  N   . SER A 1 131 ? 5.377   14.200  -8.389  1.00 30.79 ? 131 SER A N   1 
ATOM   872  C  CA  . SER A 1 131 ? 6.471   14.621  -7.541  1.00 28.72 ? 131 SER A CA  1 
ATOM   873  C  C   . SER A 1 131 ? 6.363   14.096  -6.124  1.00 27.30 ? 131 SER A C   1 
ATOM   874  O  O   . SER A 1 131 ? 5.274   13.792  -5.642  1.00 27.08 ? 131 SER A O   1 
ATOM   875  C  CB  . SER A 1 131 ? 6.477   16.146  -7.482  1.00 28.88 ? 131 SER A CB  1 
ATOM   876  O  OG  . SER A 1 131 ? 5.321   16.634  -6.829  1.00 27.85 ? 131 SER A OG  1 
ATOM   877  N  N   . GLU A 1 132 ? 7.466   14.047  -5.410  1.00 25.61 ? 132 GLU A N   1 
ATOM   878  C  CA  . GLU A 1 132 ? 7.402   13.561  -4.055  1.00 26.61 ? 132 GLU A CA  1 
ATOM   879  C  C   . GLU A 1 132 ? 6.452   14.386  -3.200  1.00 25.36 ? 132 GLU A C   1 
ATOM   880  O  O   . GLU A 1 132 ? 5.911   13.885  -2.205  1.00 24.76 ? 132 GLU A O   1 
ATOM   881  C  CB  . GLU A 1 132 ? 8.747   13.643  -3.371  1.00 28.98 ? 132 GLU A CB  1 
ATOM   882  C  CG  . GLU A 1 132 ? 9.724   12.635  -3.776  1.00 37.14 ? 132 GLU A CG  1 
ATOM   883  C  CD  . GLU A 1 132 ? 11.002  12.859  -3.038  1.00 42.59 ? 132 GLU A CD  1 
ATOM   884  O  OE1 . GLU A 1 132 ? 10.930  12.928  -1.784  1.00 42.60 ? 132 GLU A OE1 1 
ATOM   885  O  OE2 . GLU A 1 132 ? 12.048  13.036  -3.716  1.00 45.64 ? 132 GLU A OE2 1 
ATOM   886  N  N   . GLU A 1 133 ? 6.397   15.688  -3.509  1.00 24.20 ? 133 GLU A N   1 
ATOM   887  C  CA  . GLU A 1 133 ? 5.563   16.649  -2.785  1.00 22.85 ? 133 GLU A CA  1 
ATOM   888  C  C   . GLU A 1 133 ? 4.066   16.343  -2.989  1.00 20.74 ? 133 GLU A C   1 
ATOM   889  O  O   . GLU A 1 133 ? 3.304   16.406  -2.049  1.00 20.08 ? 133 GLU A O   1 
ATOM   890  C  CB  . GLU A 1 133 ? 5.928   18.082  -3.212  1.00 22.83 ? 133 GLU A CB  1 
ATOM   891  C  CG  . GLU A 1 133 ? 5.129   19.135  -2.521  1.00 25.50 ? 133 GLU A CG  1 
ATOM   892  C  CD  . GLU A 1 133 ? 5.501   20.527  -2.993  1.00 25.98 ? 133 GLU A CD  1 
ATOM   893  O  OE1 . GLU A 1 133 ? 5.428   20.829  -4.217  1.00 27.06 ? 133 GLU A OE1 1 
ATOM   894  O  OE2 . GLU A 1 133 ? 5.868   21.305  -2.117  1.00 24.41 ? 133 GLU A OE2 1 
ATOM   895  N  N   . GLU A 1 134 ? 3.682   15.967  -4.202  1.00 20.56 ? 134 GLU A N   1 
ATOM   896  C  CA  . GLU A 1 134 ? 2.304   15.603  -4.488  1.00 21.49 ? 134 GLU A CA  1 
ATOM   897  C  C   . GLU A 1 134 ? 1.961   14.248  -3.793  1.00 20.99 ? 134 GLU A C   1 
ATOM   898  O  O   . GLU A 1 134 ? 0.810   14.012  -3.385  1.00 21.15 ? 134 GLU A O   1 
ATOM   899  C  CB  . GLU A 1 134 ? 2.099   15.524  -5.997  1.00 22.87 ? 134 GLU A CB  1 
ATOM   900  C  CG  . GLU A 1 134 ? 0.649   15.658  -6.434  1.00 27.75 ? 134 GLU A CG  1 
ATOM   901  C  CD  . GLU A 1 134 ? 0.490   15.926  -7.937  1.00 31.62 ? 134 GLU A CD  1 
ATOM   902  O  OE1 . GLU A 1 134 ? 0.857   17.026  -8.421  1.00 34.17 ? 134 GLU A OE1 1 
ATOM   903  O  OE2 . GLU A 1 134 ? -0.010  15.029  -8.638  1.00 31.99 ? 134 GLU A OE2 1 
HETATM 904  N  N   . MSE A 1 135 ? 2.958   13.362  -3.679  1.00 20.35 ? 135 MSE A N   1 
HETATM 905  C  CA  . MSE A 1 135 ? 2.805   12.063  -3.000  1.00 19.41 ? 135 MSE A CA  1 
HETATM 906  C  C   . MSE A 1 135 ? 2.643   12.335  -1.515  1.00 18.65 ? 135 MSE A C   1 
HETATM 907  O  O   . MSE A 1 135 ? 1.821   11.717  -0.828  1.00 19.10 ? 135 MSE A O   1 
HETATM 908  C  CB  . MSE A 1 135 ? 4.056   11.205  -3.203  1.00 19.00 ? 135 MSE A CB  1 
HETATM 909  C  CG  . MSE A 1 135 ? 4.293   10.715  -4.621  1.00 23.32 ? 135 MSE A CG  1 
HETATM 910  SE SE  . MSE A 1 135 ? 5.967   9.793   -4.811  1.00 29.70 ? 135 MSE A SE  1 
HETATM 911  C  CE  . MSE A 1 135 ? 5.699   8.365   -3.665  1.00 19.69 ? 135 MSE A CE  1 
ATOM   912  N  N   . ALA A 1 136 ? 3.479   13.225  -0.990  1.00 17.90 ? 136 ALA A N   1 
ATOM   913  C  CA  . ALA A 1 136 ? 3.401   13.597  0.408   1.00 17.74 ? 136 ALA A CA  1 
ATOM   914  C  C   . ALA A 1 136 ? 2.048   14.280  0.703   1.00 18.25 ? 136 ALA A C   1 
ATOM   915  O  O   . ALA A 1 136 ? 1.505   14.097  1.798   1.00 19.31 ? 136 ALA A O   1 
ATOM   916  C  CB  . ALA A 1 136 ? 4.600   14.522  0.811   1.00 17.09 ? 136 ALA A CB  1 
ATOM   917  N  N   . ALA A 1 137 ? 1.526   15.085  -0.235  1.00 17.67 ? 137 ALA A N   1 
ATOM   918  C  CA  . ALA A 1 137 ? 0.226   15.756  -0.033  1.00 17.64 ? 137 ALA A CA  1 
ATOM   919  C  C   . ALA A 1 137 ? -0.881  14.674  0.034   1.00 17.90 ? 137 ALA A C   1 
ATOM   920  O  O   . ALA A 1 137 ? -1.766  14.729  0.911   1.00 17.19 ? 137 ALA A O   1 
ATOM   921  C  CB  . ALA A 1 137 ? -0.061  16.774  -1.157  1.00 15.68 ? 137 ALA A CB  1 
ATOM   922  N  N   . GLU A 1 138 ? -0.807  13.698  -0.883  1.00 18.06 ? 138 GLU A N   1 
ATOM   923  C  CA  . GLU A 1 138 ? -1.740  12.580  -0.900  1.00 18.03 ? 138 GLU A CA  1 
ATOM   924  C  C   . GLU A 1 138 ? -1.657  11.781  0.394   1.00 18.44 ? 138 GLU A C   1 
ATOM   925  O  O   . GLU A 1 138 ? -2.706  11.414  0.940   1.00 19.23 ? 138 GLU A O   1 
ATOM   926  C  CB  . GLU A 1 138 ? -1.490  11.650  -2.063  1.00 17.99 ? 138 GLU A CB  1 
ATOM   927  C  CG  . GLU A 1 138 ? -2.634  10.668  -2.256  1.00 19.66 ? 138 GLU A CG  1 
ATOM   928  C  CD  . GLU A 1 138 ? -2.462  9.833   -3.507  1.00 21.49 ? 138 GLU A CD  1 
ATOM   929  O  OE1 . GLU A 1 138 ? -2.822  10.317  -4.608  1.00 23.16 ? 138 GLU A OE1 1 
ATOM   930  O  OE2 . GLU A 1 138 ? -1.964  8.697   -3.380  1.00 21.44 ? 138 GLU A OE2 1 
ATOM   931  N  N   . ALA A 1 139 ? -0.450  11.523  0.910   1.00 17.51 ? 139 ALA A N   1 
ATOM   932  C  CA  . ALA A 1 139 ? -0.320  10.773  2.164   1.00 16.84 ? 139 ALA A CA  1 
ATOM   933  C  C   . ALA A 1 139 ? -0.899  11.569  3.325   1.00 16.98 ? 139 ALA A C   1 
ATOM   934  O  O   . ALA A 1 139 ? -1.458  10.991  4.272   1.00 16.40 ? 139 ALA A O   1 
ATOM   935  C  CB  . ALA A 1 139 ? 1.154   10.409  2.454   1.00 16.45 ? 139 ALA A CB  1 
ATOM   936  N  N   . ALA A 1 140 ? -0.733  12.894  3.291   1.00 16.12 ? 140 ALA A N   1 
ATOM   937  C  CA  . ALA A 1 140 ? -1.272  13.725  4.374   1.00 16.65 ? 140 ALA A CA  1 
ATOM   938  C  C   . ALA A 1 140 ? -2.779  13.710  4.367   1.00 15.88 ? 140 ALA A C   1 
ATOM   939  O  O   . ALA A 1 140 ? -3.358  13.711  5.429   1.00 17.49 ? 140 ALA A O   1 
ATOM   940  C  CB  . ALA A 1 140 ? -0.732  15.173  4.311   1.00 19.07 ? 140 ALA A CB  1 
ATOM   941  N  N   . ALA A 1 141 ? -3.413  13.714  3.193   1.00 15.56 ? 141 ALA A N   1 
ATOM   942  C  CA  . ALA A 1 141 ? -4.872  13.621  3.101   1.00 15.66 ? 141 ALA A CA  1 
ATOM   943  C  C   . ALA A 1 141 ? -5.339  12.295  3.725   1.00 16.52 ? 141 ALA A C   1 
ATOM   944  O  O   . ALA A 1 141 ? -6.284  12.272  4.517   1.00 15.93 ? 141 ALA A O   1 
ATOM   945  C  CB  . ALA A 1 141 ? -5.341  13.675  1.647   1.00 13.80 ? 141 ALA A CB  1 
ATOM   946  N  N   . LEU A 1 142 ? -4.686  11.194  3.322   1.00 16.73 ? 142 LEU A N   1 
ATOM   947  C  CA  . LEU A 1 142 ? -5.017  9.857   3.828   1.00 17.00 ? 142 LEU A CA  1 
ATOM   948  C  C   . LEU A 1 142 ? -4.820  9.692   5.337   1.00 17.04 ? 142 LEU A C   1 
ATOM   949  O  O   . LEU A 1 142 ? -5.642  9.048   5.988   1.00 18.38 ? 142 LEU A O   1 
ATOM   950  C  CB  . LEU A 1 142 ? -4.281  8.752   3.032   1.00 15.64 ? 142 LEU A CB  1 
ATOM   951  C  CG  . LEU A 1 142 ? -4.629  8.674   1.541   1.00 16.80 ? 142 LEU A CG  1 
ATOM   952  C  CD1 . LEU A 1 142 ? -3.742  7.627   0.797   1.00 14.12 ? 142 LEU A CD1 1 
ATOM   953  C  CD2 . LEU A 1 142 ? -6.163  8.373   1.381   1.00 17.62 ? 142 LEU A CD2 1 
ATOM   954  N  N   . ARG A 1 143 ? -3.802  10.291  5.934   1.00 18.08 ? 143 ARG A N   1 
ATOM   955  C  CA  . ARG A 1 143 ? -3.648  10.153  7.386   1.00 18.47 ? 143 ARG A CA  1 
ATOM   956  C  C   . ARG A 1 143 ? -4.852  10.673  8.177   1.00 19.61 ? 143 ARG A C   1 
ATOM   957  O  O   . ARG A 1 143 ? -5.151  10.187  9.265   1.00 19.31 ? 143 ARG A O   1 
ATOM   958  C  CB  . ARG A 1 143 ? -2.425  10.895  7.888   1.00 20.33 ? 143 ARG A CB  1 
ATOM   959  C  CG  . ARG A 1 143 ? -1.110  10.473  7.330   1.00 21.91 ? 143 ARG A CG  1 
ATOM   960  C  CD  . ARG A 1 143 ? 0.012   11.206  8.047   1.00 23.08 ? 143 ARG A CD  1 
ATOM   961  N  NE  . ARG A 1 143 ? 1.277   10.841  7.451   1.00 25.60 ? 143 ARG A NE  1 
ATOM   962  C  CZ  . ARG A 1 143 ? 1.968   11.595  6.610   1.00 27.66 ? 143 ARG A CZ  1 
ATOM   963  N  NH1 . ARG A 1 143 ? 1.592   12.844  6.351   1.00 28.37 ? 143 ARG A NH1 1 
ATOM   964  N  NH2 . ARG A 1 143 ? 3.097   11.131  6.107   1.00 28.99 ? 143 ARG A NH2 1 
ATOM   965  N  N   . VAL A 1 144 ? -5.506  11.712  7.662   1.00 19.45 ? 144 VAL A N   1 
ATOM   966  C  CA  . VAL A 1 144 ? -6.654  12.299  8.330   1.00 20.12 ? 144 VAL A CA  1 
ATOM   967  C  C   . VAL A 1 144 ? -7.725  11.242  8.667   1.00 20.80 ? 144 VAL A C   1 
ATOM   968  O  O   . VAL A 1 144 ? -8.382  11.316  9.715   1.00 19.98 ? 144 VAL A O   1 
ATOM   969  C  CB  . VAL A 1 144 ? -7.264  13.441  7.459   1.00 19.86 ? 144 VAL A CB  1 
ATOM   970  C  CG1 . VAL A 1 144 ? -8.640  13.861  7.980   1.00 19.29 ? 144 VAL A CG1 1 
ATOM   971  C  CG2 . VAL A 1 144 ? -6.320  14.621  7.450   1.00 17.42 ? 144 VAL A CG2 1 
ATOM   972  N  N   . TYR A 1 145 ? -7.896  10.278  7.774   1.00 21.25 ? 145 TYR A N   1 
ATOM   973  C  CA  . TYR A 1 145 ? -8.889  9.235   7.966   1.00 23.08 ? 145 TYR A CA  1 
ATOM   974  C  C   . TYR A 1 145 ? -8.533  8.239   9.068   1.00 24.53 ? 145 TYR A C   1 
ATOM   975  O  O   . TYR A 1 145 ? -9.395  7.518   9.528   1.00 25.06 ? 145 TYR A O   1 
ATOM   976  C  CB  . TYR A 1 145 ? -9.143  8.486   6.661   1.00 22.21 ? 145 TYR A CB  1 
ATOM   977  C  CG  . TYR A 1 145 ? -9.718  9.333   5.557   1.00 22.31 ? 145 TYR A CG  1 
ATOM   978  C  CD1 . TYR A 1 145 ? -8.886  10.078  4.709   1.00 20.42 ? 145 TYR A CD1 1 
ATOM   979  C  CD2 . TYR A 1 145 ? -11.095 9.396   5.343   1.00 22.09 ? 145 TYR A CD2 1 
ATOM   980  C  CE1 . TYR A 1 145 ? -9.427  10.864  3.681   1.00 20.72 ? 145 TYR A CE1 1 
ATOM   981  C  CE2 . TYR A 1 145 ? -11.642 10.177  4.325   1.00 22.66 ? 145 TYR A CE2 1 
ATOM   982  C  CZ  . TYR A 1 145 ? -10.802 10.908  3.490   1.00 21.29 ? 145 TYR A CZ  1 
ATOM   983  O  OH  . TYR A 1 145 ? -11.341 11.651  2.464   1.00 18.92 ? 145 TYR A OH  1 
ATOM   984  N  N   . PHE A 1 146 ? -7.272  8.188   9.474   1.00 26.54 ? 146 PHE A N   1 
ATOM   985  C  CA  . PHE A 1 146 ? -6.867  7.255   10.525  1.00 29.86 ? 146 PHE A CA  1 
ATOM   986  C  C   . PHE A 1 146 ? -6.666  7.933   11.884  1.00 32.88 ? 146 PHE A C   1 
ATOM   987  O  O   . PHE A 1 146 ? -6.283  7.283   12.863  1.00 34.67 ? 146 PHE A O   1 
ATOM   988  C  CB  . PHE A 1 146 ? -5.602  6.450   10.098  1.00 25.41 ? 146 PHE A CB  1 
ATOM   989  C  CG  . PHE A 1 146 ? -5.779  5.699   8.822   1.00 21.34 ? 146 PHE A CG  1 
ATOM   990  C  CD1 . PHE A 1 146 ? -6.454  4.485   8.797   1.00 19.34 ? 146 PHE A CD1 1 
ATOM   991  C  CD2 . PHE A 1 146 ? -5.311  6.218   7.634   1.00 21.08 ? 146 PHE A CD2 1 
ATOM   992  C  CE1 . PHE A 1 146 ? -6.663  3.795   7.615   1.00 16.64 ? 146 PHE A CE1 1 
ATOM   993  C  CE2 . PHE A 1 146 ? -5.514  5.533   6.433   1.00 20.64 ? 146 PHE A CE2 1 
ATOM   994  C  CZ  . PHE A 1 146 ? -6.196  4.314   6.436   1.00 19.36 ? 146 PHE A CZ  1 
ATOM   995  N  N   . GLN A 1 147 ? -6.905  9.232   11.971  1.00 35.81 ? 147 GLN A N   1 
ATOM   996  C  CA  . GLN A 1 147 ? -6.742  9.908   13.256  1.00 39.48 ? 147 GLN A CA  1 
ATOM   997  C  C   . GLN A 1 147 ? -7.697  9.314   14.296  1.00 40.65 ? 147 GLN A C   1 
ATOM   998  O  O   . GLN A 1 147 ? -8.777  8.783   13.896  1.00 41.49 ? 147 GLN A O   1 
ATOM   999  C  CB  . GLN A 1 147 ? -6.996  11.413  13.145  1.00 41.71 ? 147 GLN A CB  1 
ATOM   1000 C  CG  . GLN A 1 147 ? -5.962  12.196  12.365  1.00 44.73 ? 147 GLN A CG  1 
ATOM   1001 C  CD  . GLN A 1 147 ? -6.555  13.499  11.825  1.00 47.36 ? 147 GLN A CD  1 
ATOM   1002 O  OE1 . GLN A 1 147 ? -7.779  13.646  11.688  1.00 47.82 ? 147 GLN A OE1 1 
ATOM   1003 N  NE2 . GLN A 1 147 ? -5.689  14.447  11.512  1.00 48.72 ? 147 GLN A NE2 1 
ATOM   1004 O  OXT . GLN A 1 147 ? -7.317  9.393   15.495  1.00 43.77 ? 147 GLN A OXT 1 
HETATM 1005 C  C1  . FRU B 2 .   ? -10.834 16.861  -5.468  0.80 39.46 ? 500 FRU A C1  1 
HETATM 1006 C  C2  . FRU B 2 .   ? -11.057 15.303  -5.254  0.80 39.83 ? 500 FRU A C2  1 
HETATM 1007 C  C3  . FRU B 2 .   ? -11.835 14.949  -3.954  0.80 38.88 ? 500 FRU A C3  1 
HETATM 1008 C  C4  . FRU B 2 .   ? -11.230 13.613  -3.467  0.80 37.27 ? 500 FRU A C4  1 
HETATM 1009 C  C5  . FRU B 2 .   ? -9.829  13.703  -3.999  0.80 37.09 ? 500 FRU A C5  1 
HETATM 1010 C  C6  . FRU B 2 .   ? -9.481  12.375  -4.686  0.80 36.10 ? 500 FRU A C6  1 
HETATM 1011 O  O1  . FRU B 2 .   ? -10.465 17.528  -4.233  0.80 39.79 ? 500 FRU A O1  1 
HETATM 1012 O  O2  . FRU B 2 .   ? -11.538 14.805  -6.484  0.80 41.08 ? 500 FRU A O2  1 
HETATM 1013 O  O3  . FRU B 2 .   ? -13.192 15.053  -3.595  0.80 42.76 ? 500 FRU A O3  1 
HETATM 1014 O  O4  . FRU B 2 .   ? -11.342 13.437  -2.067  0.80 35.29 ? 500 FRU A O4  1 
HETATM 1015 O  O5  . FRU B 2 .   ? -9.760  14.862  -4.903  0.80 38.24 ? 500 FRU A O5  1 
HETATM 1016 O  O6  . FRU B 2 .   ? -8.115  12.288  -4.689  0.80 39.34 ? 500 FRU A O6  1 
HETATM 1017 S  S   . SO4 C 3 .   ? 5.086   -5.635  -7.556  0.98 35.88 ? 300 SO4 A S   1 
HETATM 1018 O  O1  . SO4 C 3 .   ? 5.378   -5.625  -8.959  0.98 34.25 ? 300 SO4 A O1  1 
HETATM 1019 O  O2  . SO4 C 3 .   ? 6.187   -6.139  -6.771  0.98 35.22 ? 300 SO4 A O2  1 
HETATM 1020 O  O3  . SO4 C 3 .   ? 3.915   -6.471  -7.298  0.98 32.33 ? 300 SO4 A O3  1 
HETATM 1021 O  O4  . SO4 C 3 .   ? 4.863   -4.297  -7.063  0.98 34.17 ? 300 SO4 A O4  1 
HETATM 1022 S  S   . SO4 D 3 .   ? 10.650  14.910  -7.231  0.83 51.59 ? 301 SO4 A S   1 
HETATM 1023 O  O1  . SO4 D 3 .   ? 11.382  14.792  -8.426  0.83 54.22 ? 301 SO4 A O1  1 
HETATM 1024 O  O2  . SO4 D 3 .   ? 11.456  14.899  -6.023  0.83 52.67 ? 301 SO4 A O2  1 
HETATM 1025 O  O3  . SO4 D 3 .   ? 9.759   13.847  -7.160  0.83 53.73 ? 301 SO4 A O3  1 
HETATM 1026 O  O4  . SO4 D 3 .   ? 9.955   16.110  -7.378  0.83 53.84 ? 301 SO4 A O4  1 
HETATM 1027 O  O   . HOH E 4 .   ? -0.967  6.308   -4.536  1.00 19.05 ? 501 HOH A O   1 
HETATM 1028 O  O   . HOH E 4 .   ? 2.401   -7.583  -4.567  1.00 15.64 ? 502 HOH A O   1 
HETATM 1029 O  O   . HOH E 4 .   ? 4.303   -17.610 -0.355  1.00 21.93 ? 503 HOH A O   1 
HETATM 1030 O  O   . HOH E 4 .   ? 6.271   -7.281  9.979   1.00 18.76 ? 504 HOH A O   1 
HETATM 1031 O  O   . HOH E 4 .   ? -1.735  14.701  -4.188  1.00 21.35 ? 505 HOH A O   1 
HETATM 1032 O  O   . HOH E 4 .   ? 7.812   -6.230  11.891  1.00 23.70 ? 506 HOH A O   1 
HETATM 1033 O  O   . HOH E 4 .   ? 2.554   -7.585  8.913   0.91 18.18 ? 507 HOH A O   1 
HETATM 1034 O  O   . HOH E 4 .   ? 3.901   -9.525  -2.514  1.00 20.64 ? 508 HOH A O   1 
HETATM 1035 O  O   . HOH E 4 .   ? -2.727  14.565  7.926   1.00 18.44 ? 509 HOH A O   1 
HETATM 1036 O  O   . HOH E 4 .   ? -4.300  -2.707  11.407  0.82 26.50 ? 510 HOH A O   1 
HETATM 1037 O  O   . HOH E 4 .   ? -11.607 -2.989  2.728   1.00 22.06 ? 511 HOH A O   1 
HETATM 1038 O  O   . HOH E 4 .   ? 5.303   -11.669 -2.216  0.89 20.06 ? 512 HOH A O   1 
HETATM 1039 O  O   . HOH E 4 .   ? -15.208 2.899   1.978   1.00 27.14 ? 513 HOH A O   1 
HETATM 1040 O  O   . HOH E 4 .   ? 0.229   -11.893 -9.753  1.00 29.25 ? 514 HOH A O   1 
HETATM 1041 O  O   . HOH E 4 .   ? 1.487   18.960  -6.756  1.00 28.76 ? 515 HOH A O   1 
HETATM 1042 O  O   . HOH E 4 .   ? 4.341   19.131  -6.856  1.00 36.45 ? 516 HOH A O   1 
HETATM 1043 O  O   . HOH E 4 .   ? 2.832   13.763  4.101   1.00 23.76 ? 517 HOH A O   1 
HETATM 1044 O  O   . HOH E 4 .   ? -16.656 8.877   -1.298  1.00 35.66 ? 518 HOH A O   1 
HETATM 1045 O  O   . HOH E 4 .   ? -2.031  -9.704  -9.724  1.00 28.54 ? 519 HOH A O   1 
HETATM 1046 O  O   . HOH E 4 .   ? -18.561 3.162   -9.851  0.86 28.20 ? 520 HOH A O   1 
HETATM 1047 O  O   . HOH E 4 .   ? -1.491  -9.626  14.719  0.69 22.23 ? 521 HOH A O   1 
HETATM 1048 O  O   . HOH E 4 .   ? 12.316  -6.725  1.234   1.00 63.92 ? 522 HOH A O   1 
HETATM 1049 O  O   . HOH E 4 .   ? 3.157   -18.691 8.774   0.61 28.80 ? 523 HOH A O   1 
HETATM 1050 O  O   . HOH E 4 .   ? 10.996  -15.463 7.756   0.92 37.99 ? 524 HOH A O   1 
HETATM 1051 O  O   . HOH E 4 .   ? -3.906  12.870  -4.132  0.98 29.55 ? 525 HOH A O   1 
HETATM 1052 O  O   . HOH E 4 .   ? 8.883   -10.740 -11.860 0.47 21.88 ? 526 HOH A O   1 
HETATM 1053 O  O   . HOH E 4 .   ? -0.165  5.675   11.865  0.56 12.63 ? 527 HOH A O   1 
HETATM 1054 O  O   . HOH E 4 .   ? 12.734  -13.353 2.886   1.00 34.24 ? 528 HOH A O   1 
HETATM 1055 O  O   . HOH E 4 .   ? -1.958  7.772   10.015  1.00 30.96 ? 529 HOH A O   1 
HETATM 1056 O  O   . HOH E 4 .   ? 4.464   3.688   -8.472  1.00 35.72 ? 530 HOH A O   1 
HETATM 1057 O  O   . HOH E 4 .   ? -18.584 5.830   -9.972  1.00 34.77 ? 531 HOH A O   1 
HETATM 1058 O  O   . HOH E 4 .   ? -9.505  5.157   -8.378  0.86 28.06 ? 532 HOH A O   1 
HETATM 1059 O  O   . HOH E 4 .   ? 4.947   8.657   8.488   1.00 35.28 ? 533 HOH A O   1 
HETATM 1060 O  O   . HOH E 4 .   ? -6.026  13.464  -2.327  1.00 25.73 ? 534 HOH A O   1 
HETATM 1061 O  O   . HOH E 4 .   ? -9.314  2.396   10.636  0.84 39.71 ? 535 HOH A O   1 
HETATM 1062 O  O   . HOH E 4 .   ? -3.389  8.393   -6.394  1.00 31.46 ? 536 HOH A O   1 
HETATM 1063 O  O   . HOH E 4 .   ? 10.472  -12.591 -5.336  1.00 36.35 ? 537 HOH A O   1 
HETATM 1064 O  O   . HOH E 4 .   ? -9.449  -5.234  10.193  0.89 38.90 ? 538 HOH A O   1 
HETATM 1065 O  O   . HOH E 4 .   ? -3.452  13.663  10.306  0.79 27.10 ? 539 HOH A O   1 
HETATM 1066 O  O   . HOH E 4 .   ? 5.015   -8.209  -5.097  0.98 28.74 ? 540 HOH A O   1 
HETATM 1067 O  O   . HOH E 4 .   ? 3.494   16.142  -10.217 1.00 35.63 ? 541 HOH A O   1 
HETATM 1068 O  O   . HOH E 4 .   ? 4.616   -23.740 6.384   0.22 34.83 ? 542 HOH A O   1 
HETATM 1069 O  O   . HOH E 4 .   ? 6.425   20.618  0.519   1.00 43.30 ? 543 HOH A O   1 
HETATM 1070 O  O   . HOH E 4 .   ? -10.412 3.507   -10.758 1.00 37.09 ? 544 HOH A O   1 
HETATM 1071 O  O   . HOH E 4 .   ? -9.910  5.074   -16.151 0.21 31.28 ? 545 HOH A O   1 
HETATM 1072 O  O   . HOH E 4 .   ? -10.124 5.799   -12.222 0.99 47.78 ? 546 HOH A O   1 
HETATM 1073 O  O   . HOH E 4 .   ? 9.733   -1.526  6.750   1.00 29.25 ? 547 HOH A O   1 
HETATM 1074 O  O   . HOH E 4 .   ? -3.269  7.244   -11.460 1.00 42.54 ? 548 HOH A O   1 
HETATM 1075 O  O   . HOH E 4 .   ? -3.417  9.456   11.178  1.00 24.06 ? 549 HOH A O   1 
HETATM 1076 O  O   . HOH E 4 .   ? 14.740  -8.139  1.320   0.66 65.10 ? 550 HOH A O   1 
HETATM 1077 O  O   . HOH E 4 .   ? -3.503  9.583   -8.916  1.00 34.51 ? 551 HOH A O   1 
HETATM 1078 O  O   . HOH E 4 .   ? 4.018   -19.964 6.429   0.58 17.01 ? 552 HOH A O   1 
HETATM 1079 O  O   . HOH E 4 .   ? -8.004  5.342   -13.985 0.45 34.45 ? 553 HOH A O   1 
HETATM 1080 O  O   . HOH E 4 .   ? -2.903  5.919   13.015  0.73 49.66 ? 554 HOH A O   1 
HETATM 1081 O  O   . HOH E 4 .   ? 14.561  1.649   7.988   1.00 28.02 ? 555 HOH A O   1 
HETATM 1082 O  O   . HOH E 4 .   ? 14.058  -5.819  -4.356  0.87 40.80 ? 556 HOH A O   1 
HETATM 1083 O  O   . HOH E 4 .   ? 2.280   8.027   9.583   1.00 44.13 ? 557 HOH A O   1 
HETATM 1084 O  O   . HOH E 4 .   ? -16.976 4.402   0.274   0.66 29.73 ? 558 HOH A O   1 
HETATM 1085 O  O   . HOH E 4 .   ? -3.563  16.783  10.137  0.88 51.54 ? 559 HOH A O   1 
HETATM 1086 O  O   . HOH E 4 .   ? 6.239   4.908   -2.816  0.78 29.55 ? 560 HOH A O   1 
HETATM 1087 O  O   . HOH E 4 .   ? -2.029  11.972  11.969  0.54 30.93 ? 561 HOH A O   1 
HETATM 1088 O  O   . HOH E 4 .   ? 12.082  -16.087 -0.327  1.00 45.23 ? 562 HOH A O   1 
HETATM 1089 O  O   . HOH E 4 .   ? 5.669   -1.817  -6.439  0.77 39.75 ? 563 HOH A O   1 
HETATM 1090 O  O   . HOH E 4 .   ? 8.443   -23.537 -5.601  0.81 47.98 ? 564 HOH A O   1 
HETATM 1091 O  O   . HOH E 4 .   ? -12.608 -1.480  7.108   0.80 30.33 ? 565 HOH A O   1 
HETATM 1092 O  O   . HOH E 4 .   ? 5.980   -18.408 10.679  0.59 41.04 ? 566 HOH A O   1 
HETATM 1093 O  O   . HOH E 4 .   ? 13.915  -18.819 -13.376 0.18 17.34 ? 567 HOH A O   1 
HETATM 1094 O  O   . HOH E 4 .   ? 13.445  -10.996 8.442   0.70 44.96 ? 568 HOH A O   1 
HETATM 1095 O  O   . HOH E 4 .   ? 8.910   4.585   -6.442  0.37 15.22 ? 569 HOH A O   1 
HETATM 1096 O  O   . HOH E 4 .   ? -10.500 2.219   7.771   0.95 31.50 ? 570 HOH A O   1 
HETATM 1097 O  O   . HOH E 4 .   ? 12.416  -20.869 -10.620 0.61 37.68 ? 571 HOH A O   1 
HETATM 1098 O  O   . HOH E 4 .   ? 12.721  -16.322 -11.227 0.70 39.64 ? 572 HOH A O   1 
HETATM 1099 O  O   . HOH E 4 .   ? 16.706  -2.144  -4.745  0.87 66.49 ? 573 HOH A O   1 
HETATM 1100 O  O   . HOH E 4 .   ? 14.165  -2.832  -4.285  1.00 52.25 ? 574 HOH A O   1 
HETATM 1101 O  O   . HOH E 4 .   ? 12.719  7.830   -1.108  0.63 31.41 ? 575 HOH A O   1 
HETATM 1102 O  O   . HOH E 4 .   ? 11.177  -21.099 -13.300 0.56 27.57 ? 576 HOH A O   1 
HETATM 1103 O  O   . HOH E 4 .   ? 8.265   22.304  1.796   1.00 60.24 ? 577 HOH A O   1 
HETATM 1104 O  O   . HOH E 4 .   ? 10.997  7.421   -6.971  0.67 37.34 ? 578 HOH A O   1 
HETATM 1105 O  O   . HOH E 4 .   ? 4.231   6.681   11.337  0.63 47.53 ? 579 HOH A O   1 
HETATM 1106 O  O   . HOH E 4 .   ? 8.602   17.202  -5.015  0.85 21.39 ? 580 HOH A O   1 
HETATM 1107 O  O   . HOH E 4 .   ? 6.487   4.343   -5.358  0.78 28.12 ? 581 HOH A O   1 
HETATM 1108 O  O   . HOH E 4 .   ? 8.987   14.435  1.140   0.66 38.55 ? 582 HOH A O   1 
HETATM 1109 O  O   . HOH E 4 .   ? 7.077   3.581   -9.294  0.67 40.52 ? 583 HOH A O   1 
HETATM 1110 O  O   . HOH E 4 .   ? 10.143  12.535  5.351   0.89 32.76 ? 584 HOH A O   1 
HETATM 1111 O  O   . HOH E 4 .   ? 8.673   6.343   -2.092  0.66 25.77 ? 585 HOH A O   1 
HETATM 1112 O  O   . HOH E 4 .   ? 10.138  -13.796 12.382  0.74 31.51 ? 586 HOH A O   1 
HETATM 1113 O  O   . HOH E 4 .   ? 10.243  7.974   -0.083  1.00 24.28 ? 587 HOH A O   1 
HETATM 1114 O  O   . HOH E 4 .   ? 4.539   15.805  5.190   1.00 37.02 ? 588 HOH A O   1 
HETATM 1115 O  O   . HOH E 4 .   ? 4.609   -16.381 -15.043 0.86 32.04 ? 589 HOH A O   1 
HETATM 1116 O  O   . HOH E 4 .   ? 7.289   2.400   -3.400  0.92 47.51 ? 590 HOH A O   1 
HETATM 1117 O  O   . HOH E 4 .   ? 19.752  -4.570  3.347   1.00 45.83 ? 591 HOH A O   1 
HETATM 1118 O  O   . HOH E 4 .   ? 10.135  -19.818 -6.633  0.57 24.79 ? 592 HOH A O   1 
HETATM 1119 O  O   . HOH E 4 .   ? -12.169 0.485   8.940   0.52 23.64 ? 593 HOH A O   1 
HETATM 1120 O  O   . HOH E 4 .   ? -12.635 4.119   8.264   0.47 22.59 ? 594 HOH A O   1 
HETATM 1121 O  O   . HOH E 4 .   ? 10.659  -17.500 -4.431  0.72 35.98 ? 595 HOH A O   1 
HETATM 1122 O  O   . HOH E 4 .   ? 0.661   3.676   -14.463 0.75 45.59 ? 596 HOH A O   1 
HETATM 1123 O  O   . HOH E 4 .   ? 4.966   0.933   14.572  1.00 60.97 ? 597 HOH A O   1 
HETATM 1124 O  O   . HOH E 4 .   ? 4.929   -12.559 -14.649 0.82 52.02 ? 598 HOH A O   1 
HETATM 1125 O  O   . HOH E 4 .   ? 10.796  9.720   -10.594 0.33 28.24 ? 599 HOH A O   1 
HETATM 1126 O  O   . HOH E 4 .   ? 9.979   2.328   -4.372  1.00 33.19 ? 600 HOH A O   1 
HETATM 1127 O  O   . HOH E 4 .   ? 8.275   -21.148 -4.738  0.93 49.34 ? 601 HOH A O   1 
HETATM 1128 O  O   . HOH E 4 .   ? 12.555  -3.650  8.846   0.80 33.52 ? 602 HOH A O   1 
HETATM 1129 O  O   . HOH E 4 .   ? 0.126   14.867  8.061   0.93 32.68 ? 603 HOH A O   1 
HETATM 1130 O  O   . HOH E 4 .   ? -3.417  -7.819  14.488  0.75 42.89 ? 604 HOH A O   1 
HETATM 1131 O  O   . HOH E 4 .   ? -18.019 0.890   4.480   0.63 48.04 ? 605 HOH A O   1 
HETATM 1132 O  O   . HOH E 4 .   ? 5.872   23.852  -1.633  0.68 32.26 ? 606 HOH A O   1 
HETATM 1133 O  O   . HOH E 4 .   ? 0.780   13.945  -12.441 0.97 57.17 ? 607 HOH A O   1 
HETATM 1134 O  O   . HOH E 4 .   ? -17.040 6.257   -2.687  0.40 28.78 ? 608 HOH A O   1 
HETATM 1135 O  O   . HOH E 4 .   ? -7.353  -11.015 15.201  1.00 47.24 ? 609 HOH A O   1 
HETATM 1136 O  O   . HOH E 4 .   ? -7.974  -5.730  15.413  0.64 41.86 ? 610 HOH A O   1 
HETATM 1137 O  O   . HOH E 4 .   ? -0.862  -6.979  15.224  0.66 41.70 ? 611 HOH A O   1 
HETATM 1138 O  O   . HOH E 4 .   ? 9.062   0.091   -7.094  1.00 63.32 ? 612 HOH A O   1 
HETATM 1139 O  O   . HOH E 4 .   ? 14.059  -6.907  10.786  0.66 40.98 ? 613 HOH A O   1 
HETATM 1140 O  O   . HOH E 4 .   ? 5.575   -9.879  16.389  0.56 34.71 ? 614 HOH A O   1 
HETATM 1141 O  O   . HOH E 4 .   ? -1.193  -3.115  15.115  0.69 41.77 ? 615 HOH A O   1 
HETATM 1142 O  O   . HOH E 4 .   ? 18.196  1.057   -4.265  1.00 53.42 ? 616 HOH A O   1 
HETATM 1143 O  O   . HOH E 4 .   ? 8.473   -9.051  13.179  0.91 49.93 ? 617 HOH A O   1 
HETATM 1144 O  O   . HOH E 4 .   ? -13.049 -3.283  12.819  0.27 27.92 ? 618 HOH A O   1 
HETATM 1145 O  O   . HOH E 4 .   ? 10.734  -19.275 -1.496  0.79 40.33 ? 619 HOH A O   1 
HETATM 1146 O  O   . HOH E 4 .   ? 13.288  -14.649 -6.217  0.56 28.48 ? 620 HOH A O   1 
HETATM 1147 O  O   . HOH E 4 .   ? -14.077 6.155   -14.580 1.00 67.41 ? 621 HOH A O   1 
HETATM 1148 O  O   . HOH E 4 .   ? -1.390  10.768  -10.829 1.00 55.16 ? 622 HOH A O   1 
HETATM 1149 O  O   . HOH E 4 .   ? 14.504  -7.215  -6.846  0.41 32.86 ? 623 HOH A O   1 
HETATM 1150 O  O   . HOH E 4 .   ? 10.465  -5.510  11.310  0.55 31.23 ? 624 HOH A O   1 
HETATM 1151 O  O   . HOH E 4 .   ? 16.207  -9.614  -1.396  0.86 56.33 ? 625 HOH A O   1 
HETATM 1152 O  O   . HOH E 4 .   ? -8.445  -4.204  12.754  0.45 31.86 ? 626 HOH A O   1 
HETATM 1153 O  O   . HOH E 4 .   ? 7.318   -4.289  13.994  0.49 16.64 ? 627 HOH A O   1 
HETATM 1154 O  O   . HOH E 4 .   ? 2.640   -15.380 14.862  0.31 10.20 ? 628 HOH A O   1 
HETATM 1155 O  O   . HOH E 4 .   ? -1.234  -0.476  16.176  0.68 57.74 ? 629 HOH A O   1 
HETATM 1156 O  O   . HOH E 4 .   ? -6.549  4.668   13.140  0.14 20.40 ? 630 HOH A O   1 
HETATM 1157 O  O   . HOH E 4 .   ? 9.390   -16.177 11.062  1.00 50.63 ? 631 HOH A O   1 
HETATM 1158 O  O   . HOH E 4 .   ? 10.322  -14.730 -13.623 0.80 47.33 ? 632 HOH A O   1 
HETATM 1159 O  O   . HOH E 4 .   ? 11.098  4.470   -3.127  0.47 41.39 ? 633 HOH A O   1 
HETATM 1160 O  O   . HOH E 4 .   ? 1.150   0.819   16.434  0.88 45.86 ? 634 HOH A O   1 
HETATM 1161 O  O   . HOH E 4 .   ? 3.931   0.238   17.023  0.53 46.80 ? 635 HOH A O   1 
HETATM 1162 O  O   . HOH E 4 .   ? 11.263  -10.785 -8.044  1.00 43.39 ? 636 HOH A O   1 
HETATM 1163 O  O   . HOH E 4 .   ? 5.627   13.739  7.078   0.97 58.66 ? 637 HOH A O   1 
HETATM 1164 O  O   . HOH E 4 .   ? -2.435  3.825   -15.302 0.43 26.29 ? 638 HOH A O   1 
HETATM 1165 O  O   . HOH E 4 .   ? 10.716  0.485   9.016   1.00 48.28 ? 639 HOH A O   1 
HETATM 1166 O  O   . HOH E 4 .   ? 14.847  -12.134 -0.765  0.96 47.48 ? 640 HOH A O   1 
HETATM 1167 O  O   . HOH E 4 .   ? 3.304   -0.233  -7.358  0.58 13.40 ? 641 HOH A O   1 
HETATM 1168 O  O   . HOH E 4 .   ? 6.409   -26.235 0.617   0.65 45.91 ? 642 HOH A O   1 
HETATM 1169 O  O   . HOH E 4 .   ? 15.115  -4.394  8.543   0.63 35.90 ? 643 HOH A O   1 
HETATM 1170 O  O   . HOH E 4 .   ? 1.636   10.237  11.368  0.65 48.13 ? 644 HOH A O   1 
HETATM 1171 O  O   . HOH E 4 .   ? 6.912   16.576  3.679   1.00 40.70 ? 645 HOH A O   1 
HETATM 1172 O  O   . HOH E 4 .   ? 9.271   8.477   -3.975  0.42 24.54 ? 646 HOH A O   1 
HETATM 1173 O  O   . HOH E 4 .   ? 7.845   19.633  -6.892  0.33 24.13 ? 647 HOH A O   1 
HETATM 1174 O  O   . HOH E 4 .   ? -17.333 3.063   6.643   0.33 16.06 ? 648 HOH A O   1 
HETATM 1175 O  O   . HOH E 4 .   ? -16.836 -0.955  7.014   1.00 45.90 ? 649 HOH A O   1 
HETATM 1176 O  O   . HOH E 4 .   ? 6.948   7.308   11.517  0.53 34.50 ? 650 HOH A O   1 
HETATM 1177 O  O   . HOH E 4 .   ? 11.930  -7.736  12.676  0.77 40.40 ? 651 HOH A O   1 
HETATM 1178 O  O   . HOH E 4 .   ? -16.588 -1.250  10.543  0.45 35.55 ? 652 HOH A O   1 
HETATM 1179 O  O   . HOH E 4 .   ? -17.873 7.113   -7.929  0.65 30.52 ? 653 HOH A O   1 
HETATM 1180 O  O   . HOH E 4 .   ? 9.218   -9.574  15.965  0.47 38.84 ? 654 HOH A O   1 
HETATM 1181 O  O   . HOH E 4 .   ? 2.084   -1.317  -9.426  0.51 46.49 ? 655 HOH A O   1 
HETATM 1182 O  O   . HOH E 4 .   ? 7.001   17.518  0.580   1.00 44.30 ? 656 HOH A O   1 
HETATM 1183 O  O   . HOH E 4 .   ? 3.792   -2.839  -10.144 0.28 13.22 ? 657 HOH A O   1 
HETATM 1184 O  O   . HOH E 4 .   ? -15.715 8.180   -13.116 0.11 24.89 ? 658 HOH A O   1 
HETATM 1185 O  O   . HOH E 4 .   ? 13.334  -12.406 -9.866  0.53 38.96 ? 659 HOH A O   1 
HETATM 1186 O  O   . HOH E 4 .   ? 12.077  -19.138 2.553   0.55 44.10 ? 660 HOH A O   1 
HETATM 1187 O  O   . HOH E 4 .   ? 14.906  -7.082  -1.716  0.40 31.40 ? 661 HOH A O   1 
HETATM 1188 O  O   . HOH E 4 .   ? 10.824  -18.657 -8.926  0.74 32.16 ? 662 HOH A O   1 
HETATM 1189 O  O   . HOH E 4 .   ? -17.704 6.131   -12.715 0.61 41.89 ? 663 HOH A O   1 
HETATM 1190 O  O   . HOH E 4 .   ? 7.862   -6.740  15.900  0.60 32.56 ? 664 HOH A O   1 
HETATM 1191 O  O   . HOH E 4 .   ? 13.476  -17.176 -8.670  0.21 32.48 ? 665 HOH A O   1 
HETATM 1192 O  O   . HOH E 4 .   ? 17.450  -2.320  7.044   0.66 53.18 ? 666 HOH A O   1 
HETATM 1193 O  O   . HOH E 4 .   ? 9.285   17.039  -1.639  0.24 29.48 ? 667 HOH A O   1 
HETATM 1194 O  O   . HOH E 4 .   ? -2.867  0.889   14.309  0.34 15.30 ? 668 HOH A O   1 
HETATM 1195 O  O   . HOH E 4 .   ? -9.917  4.906   11.126  0.65 36.73 ? 669 HOH A O   1 
HETATM 1196 O  O   . HOH E 4 .   ? 14.001  14.594  2.978   0.51 30.28 ? 670 HOH A O   1 
HETATM 1197 O  O   . HOH E 4 .   ? 10.266  14.769  3.863   0.88 51.53 ? 671 HOH A O   1 
HETATM 1198 O  O   . HOH E 4 .   ? 8.757   -19.330 7.299   0.34 24.63 ? 672 HOH A O   1 
HETATM 1199 O  O   . HOH E 4 .   ? 6.392   1.171   -5.609  0.44 22.82 ? 673 HOH A O   1 
HETATM 1200 O  O   . HOH E 4 .   ? 11.262  8.994   11.231  0.60 43.06 ? 674 HOH A O   1 
HETATM 1201 O  O   . HOH E 4 .   ? 12.815  -8.525  -8.947  0.39 27.78 ? 675 HOH A O   1 
HETATM 1202 O  O   . HOH E 4 .   ? 9.426   10.515  -1.810  0.91 48.41 ? 676 HOH A O   1 
HETATM 1203 O  O   . HOH E 4 .   ? -15.368 2.863   8.727   0.46 41.88 ? 677 HOH A O   1 
HETATM 1204 O  O   . HOH E 4 .   ? 3.873   -20.316 -0.382  0.67 43.46 ? 678 HOH A O   1 
HETATM 1205 O  O   . HOH E 4 .   ? -0.855  12.414  -8.303  0.51 33.01 ? 679 HOH A O   1 
HETATM 1206 O  O   . HOH E 4 .   ? 6.071   18.314  -10.797 0.58 35.00 ? 680 HOH A O   1 
# 
